data_9DVR
#
_entry.id   9DVR
#
_cell.length_a   1.00
_cell.length_b   1.00
_cell.length_c   1.00
_cell.angle_alpha   90.00
_cell.angle_beta   90.00
_cell.angle_gamma   90.00
#
_symmetry.space_group_name_H-M   'P 1'
#
loop_
_entity.id
_entity.type
_entity.pdbx_description
1 polymer 'Antiplasmin-cleaving enzyme FAP, soluble form'
2 polymer SUMO-I3
3 non-polymer 2-acetamido-2-deoxy-beta-D-glucopyranose
#
loop_
_entity_poly.entity_id
_entity_poly.type
_entity_poly.pdbx_seq_one_letter_code
_entity_poly.pdbx_strand_id
1 'polypeptide(L)'
;RPSRVHNSEENTMRALTLKDILNGTFSYKTFFPNWISGQEYLHQSADNNIVLYNIETGQSYTILSNRTMKSVNASNYGLS
PDRQFVYLESDYSKLWRYSYTATYYIYDLSNGEFVRGNELPRPIQYLCWSPVGSKLAYVYQNNIYLKQRPGDPPFQITFN
GRENKIFNGIPDWVYEEEMLATKYALWWSPNGKFLAYAEFNDTDIPVIAYSYYGDEQYPRTINIPYPKAGAKNPVVRIFI
IDTTYPAYVGPQEVPVPAMIASSDYYFSWLTWVTDERVCLQWLKRVQNVSVLSICDFREDWQTWDCPKTQEHIEESRTGW
AGGFFVSTPVFSYDAISYYKIFSDKDGYKHIHYIKDTVENAIQITSGKWEAINIFRVTQDSLFYSSNEFEEYPGRRNIYR
ISIGSYPPSKKCVTCHLRKERCQYYTASFSDYAKYYALVCYGPGIPISTLHDGRTDQEIKILEENKELENALKNIQLPKE
EIKKLEVDEITLWYKMILPPQFDRSKKYPLLIQVYGGPCSQSVRSVFAVNWISYLASKEGMVIALVDGRGTAFQGDKLLY
AVYRKLGVYEVEDQITAVRKFIEMGFIDEKRIAIWGWSYGGYVSSLALASGTGLFKCGIAVAPVSSWEYYASVYTERFMG
LPTKDDNLEHYKNSTVMARAEYFRNVDYLLIHGTADDNVHFQNSAQIAKALVNAQVDFQAMWYSDQNHGLSGLSTNHLYT
HMTHFLKQCFSLSDTGHHHHHHHHGGQ
;
A,B
2 'polypeptide(L)'
;MHHHHHHGSLQDSEVNQEAKPEVKPEVKPETHINLKVSDGSSEIFFKIKKTTPLRRLMEAFAKRQGKEMDSLTFLYDGIE
IQADQTPEDLDMEDNDIIEAHREQIGGSDYKDDDDKLEVQLVESGGGLVQPGGSLRLSCAASGFTFSSYAMSWVRQAPGK
GLEWVSAINSGGGSTSYADSVKGRFTISRDNAKNTLYLQMNSLKPEDTAVYYCAKARTGWSLAVPSFGSWGQGTQVTVSS
;
G,H
#
loop_
_chem_comp.id
_chem_comp.type
_chem_comp.name
_chem_comp.formula
NAG D-saccharide, beta linking 2-acetamido-2-deoxy-beta-D-glucopyranose 'C8 H15 N O6'
#
# COMPACT_ATOMS: atom_id res chain seq x y z
N MET A 13 -41.71 -30.59 13.78
CA MET A 13 -41.12 -29.29 13.45
C MET A 13 -39.63 -29.45 13.12
N ARG A 14 -39.02 -28.36 12.65
CA ARG A 14 -37.61 -28.36 12.30
C ARG A 14 -36.93 -27.15 12.93
N ALA A 15 -35.62 -27.25 13.09
CA ALA A 15 -34.82 -26.18 13.65
C ALA A 15 -34.23 -25.31 12.54
N LEU A 16 -33.64 -24.19 12.94
CA LEU A 16 -33.02 -23.27 12.00
C LEU A 16 -31.78 -23.89 11.37
N THR A 17 -31.53 -23.53 10.12
CA THR A 17 -30.34 -23.93 9.38
C THR A 17 -29.50 -22.70 9.07
N LEU A 18 -28.23 -22.95 8.72
CA LEU A 18 -27.33 -21.84 8.42
C LEU A 18 -27.73 -21.13 7.14
N LYS A 19 -28.30 -21.86 6.18
CA LYS A 19 -28.70 -21.24 4.92
C LYS A 19 -29.90 -20.32 5.09
N ASP A 20 -30.72 -20.56 6.11
CA ASP A 20 -31.81 -19.64 6.42
C ASP A 20 -31.28 -18.30 6.90
N ILE A 21 -30.10 -18.29 7.52
CA ILE A 21 -29.53 -17.06 8.02
C ILE A 21 -28.68 -16.38 6.96
N LEU A 22 -27.89 -17.15 6.20
CA LEU A 22 -27.00 -16.56 5.21
C LEU A 22 -27.78 -15.83 4.13
N ASN A 23 -28.86 -16.42 3.64
CA ASN A 23 -29.73 -15.78 2.66
C ASN A 23 -31.01 -15.34 3.34
N GLY A 24 -31.54 -14.22 2.87
CA GLY A 24 -32.69 -13.62 3.54
C GLY A 24 -33.93 -14.48 3.44
N THR A 25 -34.30 -15.11 4.53
CA THR A 25 -35.49 -15.95 4.60
C THR A 25 -36.49 -15.47 5.64
N PHE A 26 -36.02 -15.05 6.81
CA PHE A 26 -36.86 -14.49 7.86
C PHE A 26 -36.38 -13.06 8.10
N SER A 27 -36.85 -12.14 7.27
CA SER A 27 -36.48 -10.73 7.35
C SER A 27 -37.73 -9.89 7.24
N TYR A 28 -37.98 -9.06 8.25
CA TYR A 28 -39.21 -8.29 8.32
C TYR A 28 -39.15 -7.10 7.37
N LYS A 29 -40.24 -6.34 7.34
CA LYS A 29 -40.36 -5.16 6.49
C LYS A 29 -40.79 -3.98 7.33
N THR A 30 -40.30 -2.80 6.97
CA THR A 30 -40.63 -1.56 7.65
C THR A 30 -41.20 -0.57 6.64
N PHE A 31 -42.12 0.27 7.11
CA PHE A 31 -42.81 1.23 6.27
C PHE A 31 -42.53 2.63 6.81
N PHE A 32 -41.65 3.37 6.14
CA PHE A 32 -41.36 4.76 6.48
C PHE A 32 -41.96 5.65 5.41
N PRO A 33 -43.06 6.34 5.68
CA PRO A 33 -43.66 7.22 4.67
C PRO A 33 -42.70 8.32 4.25
N ASN A 34 -42.71 8.64 2.96
CA ASN A 34 -41.90 9.72 2.40
C ASN A 34 -42.75 10.98 2.38
N TRP A 35 -42.87 11.61 3.54
CA TRP A 35 -43.80 12.73 3.70
C TRP A 35 -43.42 13.89 2.79
N ILE A 36 -44.41 14.41 2.07
CA ILE A 36 -44.24 15.58 1.23
C ILE A 36 -45.09 16.74 1.71
N SER A 37 -46.28 16.45 2.24
CA SER A 37 -47.14 17.45 2.85
C SER A 37 -47.55 16.97 4.24
N GLY A 38 -48.37 17.77 4.90
CA GLY A 38 -48.89 17.40 6.21
C GLY A 38 -50.00 16.39 6.18
N GLN A 39 -50.47 16.01 4.99
CA GLN A 39 -51.54 15.04 4.86
C GLN A 39 -51.33 14.05 3.72
N GLU A 40 -50.19 14.09 3.04
CA GLU A 40 -49.95 13.24 1.88
C GLU A 40 -48.55 12.66 1.97
N TYR A 41 -48.34 11.53 1.32
CA TYR A 41 -47.01 10.93 1.29
C TYR A 41 -46.87 10.03 0.08
N LEU A 42 -45.64 9.88 -0.39
CA LEU A 42 -45.33 9.06 -1.55
C LEU A 42 -44.84 7.69 -1.12
N HIS A 43 -44.93 6.74 -2.05
CA HIS A 43 -44.45 5.38 -1.79
C HIS A 43 -44.11 4.71 -3.10
N GLN A 44 -43.32 3.64 -3.01
CA GLN A 44 -42.96 2.81 -4.16
C GLN A 44 -43.45 1.39 -3.89
N SER A 45 -44.48 0.98 -4.63
CA SER A 45 -45.02 -0.37 -4.49
C SER A 45 -44.10 -1.38 -5.17
N ALA A 46 -44.49 -2.66 -5.11
CA ALA A 46 -43.70 -3.71 -5.75
C ALA A 46 -44.05 -3.80 -7.23
N ASP A 47 -44.06 -2.65 -7.91
CA ASP A 47 -44.26 -2.60 -9.35
C ASP A 47 -43.37 -1.53 -10.00
N ASN A 48 -42.45 -0.93 -9.24
CA ASN A 48 -41.62 0.18 -9.69
C ASN A 48 -42.46 1.38 -10.11
N ASN A 49 -43.64 1.54 -9.52
CA ASN A 49 -44.50 2.68 -9.76
C ASN A 49 -44.54 3.54 -8.51
N ILE A 50 -44.25 4.83 -8.67
CA ILE A 50 -44.26 5.76 -7.55
C ILE A 50 -45.67 6.32 -7.43
N VAL A 51 -46.29 6.05 -6.28
CA VAL A 51 -47.70 6.33 -6.04
C VAL A 51 -47.84 7.32 -4.90
N LEU A 52 -48.71 8.31 -5.10
CA LEU A 52 -49.05 9.27 -4.07
C LEU A 52 -50.23 8.76 -3.27
N TYR A 53 -50.23 9.05 -1.97
CA TYR A 53 -51.30 8.65 -1.08
C TYR A 53 -51.77 9.86 -0.28
N ASN A 54 -53.07 10.10 -0.30
CA ASN A 54 -53.72 11.13 0.50
C ASN A 54 -54.61 10.46 1.53
N ILE A 55 -54.72 11.08 2.70
CA ILE A 55 -55.38 10.47 3.86
C ILE A 55 -56.84 10.88 3.96
N GLU A 56 -57.13 12.19 3.84
CA GLU A 56 -58.50 12.64 4.00
C GLU A 56 -59.41 12.05 2.93
N THR A 57 -59.04 12.20 1.66
CA THR A 57 -59.84 11.63 0.59
C THR A 57 -59.64 10.12 0.47
N GLY A 58 -58.40 9.66 0.69
CA GLY A 58 -58.07 8.25 0.58
C GLY A 58 -57.71 7.80 -0.82
N GLN A 59 -57.85 8.66 -1.82
CA GLN A 59 -57.58 8.26 -3.19
C GLN A 59 -56.07 8.22 -3.44
N SER A 60 -55.63 7.16 -4.12
CA SER A 60 -54.24 6.99 -4.48
C SER A 60 -54.13 6.80 -5.99
N TYR A 61 -53.25 7.58 -6.61
CA TYR A 61 -53.02 7.49 -8.04
C TYR A 61 -51.52 7.50 -8.31
N THR A 62 -51.13 6.80 -9.38
CA THR A 62 -49.72 6.71 -9.73
C THR A 62 -49.24 8.07 -10.25
N ILE A 63 -48.26 8.65 -9.56
CA ILE A 63 -47.68 9.91 -10.00
C ILE A 63 -46.42 9.72 -10.84
N LEU A 64 -45.83 8.53 -10.85
CA LEU A 64 -44.73 8.24 -11.76
C LEU A 64 -44.82 6.78 -12.19
N SER A 65 -44.90 6.56 -13.49
CA SER A 65 -45.07 5.22 -14.03
C SER A 65 -43.74 4.49 -14.11
N ASN A 66 -43.81 3.16 -14.17
CA ASN A 66 -42.61 2.34 -14.21
C ASN A 66 -41.93 2.37 -15.57
N ARG A 67 -42.66 2.67 -16.64
CA ARG A 67 -42.05 2.75 -17.96
C ARG A 67 -41.03 3.89 -18.01
N THR A 68 -41.36 5.03 -17.42
CA THR A 68 -40.45 6.17 -17.42
C THR A 68 -39.16 5.84 -16.68
N MET A 69 -39.26 5.18 -15.53
CA MET A 69 -38.07 4.81 -14.78
C MET A 69 -37.26 3.76 -15.52
N LYS A 70 -37.93 2.76 -16.11
CA LYS A 70 -37.23 1.75 -16.87
C LYS A 70 -36.57 2.31 -18.12
N SER A 71 -37.04 3.46 -18.61
CA SER A 71 -36.43 4.10 -19.77
C SER A 71 -34.99 4.49 -19.48
N VAL A 72 -34.72 5.00 -18.27
CA VAL A 72 -33.40 5.49 -17.89
C VAL A 72 -32.77 4.65 -16.79
N ASN A 73 -33.34 3.46 -16.51
CA ASN A 73 -32.83 2.57 -15.46
C ASN A 73 -32.76 3.29 -14.10
N ALA A 74 -33.76 4.11 -13.82
CA ALA A 74 -33.75 4.90 -12.61
C ALA A 74 -33.96 4.03 -11.37
N SER A 75 -33.15 4.28 -10.34
CA SER A 75 -33.25 3.53 -9.09
C SER A 75 -33.76 4.36 -7.92
N ASN A 76 -33.73 5.69 -8.02
CA ASN A 76 -34.25 6.54 -6.96
C ASN A 76 -34.97 7.73 -7.57
N TYR A 77 -35.80 8.39 -6.76
CA TYR A 77 -36.61 9.49 -7.24
C TYR A 77 -36.58 10.64 -6.23
N GLY A 78 -36.82 11.85 -6.74
CA GLY A 78 -36.96 13.01 -5.89
C GLY A 78 -37.91 14.03 -6.48
N LEU A 79 -38.92 14.45 -5.70
CA LEU A 79 -39.99 15.30 -6.19
C LEU A 79 -39.84 16.71 -5.61
N SER A 80 -39.97 17.71 -6.48
CA SER A 80 -39.92 19.09 -6.04
C SER A 80 -41.20 19.43 -5.27
N PRO A 81 -41.12 20.38 -4.33
CA PRO A 81 -42.33 20.76 -3.57
C PRO A 81 -43.45 21.32 -4.43
N ASP A 82 -43.12 22.01 -5.53
CA ASP A 82 -44.14 22.55 -6.41
C ASP A 82 -44.81 21.48 -7.27
N ARG A 83 -44.29 20.26 -7.26
CA ARG A 83 -44.88 19.13 -7.99
C ARG A 83 -44.97 19.41 -9.48
N GLN A 84 -43.95 20.07 -10.02
CA GLN A 84 -43.85 20.31 -11.46
C GLN A 84 -42.64 19.66 -12.10
N PHE A 85 -41.63 19.28 -11.32
CA PHE A 85 -40.45 18.61 -11.83
C PHE A 85 -40.09 17.46 -10.90
N VAL A 86 -39.52 16.40 -11.48
CA VAL A 86 -39.00 15.27 -10.72
C VAL A 86 -37.59 15.01 -11.22
N TYR A 87 -36.77 14.42 -10.35
CA TYR A 87 -35.44 13.98 -10.75
C TYR A 87 -35.27 12.50 -10.46
N LEU A 88 -34.69 11.80 -11.43
CA LEU A 88 -34.47 10.37 -11.36
C LEU A 88 -32.99 10.10 -11.21
N GLU A 89 -32.66 9.19 -10.29
CA GLU A 89 -31.29 8.89 -9.90
C GLU A 89 -30.95 7.47 -10.34
N SER A 90 -29.89 7.34 -11.14
CA SER A 90 -29.39 6.05 -11.59
C SER A 90 -27.88 6.05 -11.41
N ASP A 91 -27.24 4.97 -11.87
CA ASP A 91 -25.79 4.81 -11.82
C ASP A 91 -25.26 5.02 -10.39
N TYR A 92 -25.90 4.34 -9.45
CA TYR A 92 -25.48 4.40 -8.05
C TYR A 92 -24.08 3.83 -7.90
N SER A 93 -23.26 4.50 -7.08
CA SER A 93 -21.89 4.07 -6.84
C SER A 93 -21.50 4.48 -5.42
N LYS A 94 -21.39 3.50 -4.53
CA LYS A 94 -21.08 3.77 -3.14
C LYS A 94 -19.62 4.19 -2.98
N LEU A 95 -19.39 5.14 -2.08
CA LEU A 95 -18.04 5.62 -1.79
C LEU A 95 -17.62 5.29 -0.35
N TRP A 96 -18.33 5.79 0.64
CA TRP A 96 -18.05 5.48 2.04
C TRP A 96 -19.35 4.97 2.66
N ARG A 97 -19.41 4.97 3.99
CA ARG A 97 -20.60 4.49 4.69
C ARG A 97 -21.84 5.29 4.29
N TYR A 98 -21.70 6.61 4.12
CA TYR A 98 -22.86 7.45 3.83
C TYR A 98 -22.82 8.12 2.47
N SER A 99 -21.66 8.20 1.83
CA SER A 99 -21.51 9.00 0.61
C SER A 99 -21.56 8.13 -0.64
N TYR A 100 -22.09 8.71 -1.72
CA TYR A 100 -22.16 8.04 -3.02
C TYR A 100 -22.35 9.09 -4.11
N THR A 101 -22.16 8.66 -5.36
CA THR A 101 -22.37 9.50 -6.53
C THR A 101 -23.36 8.82 -7.48
N ALA A 102 -24.13 9.64 -8.19
CA ALA A 102 -25.16 9.10 -9.07
C ALA A 102 -25.46 10.09 -10.18
N THR A 103 -26.05 9.57 -11.26
CA THR A 103 -26.44 10.37 -12.41
C THR A 103 -27.91 10.74 -12.30
N TYR A 104 -28.22 12.02 -12.55
CA TYR A 104 -29.55 12.56 -12.33
C TYR A 104 -30.14 13.07 -13.63
N TYR A 105 -31.38 12.68 -13.91
CA TYR A 105 -32.17 13.21 -15.02
C TYR A 105 -33.35 14.00 -14.45
N ILE A 106 -33.88 14.92 -15.24
CA ILE A 106 -35.00 15.75 -14.84
C ILE A 106 -36.17 15.50 -15.78
N TYR A 107 -37.35 15.25 -15.21
CA TYR A 107 -38.56 14.91 -15.94
C TYR A 107 -39.65 15.91 -15.57
N ASP A 108 -40.35 16.41 -16.58
CA ASP A 108 -41.38 17.42 -16.41
C ASP A 108 -42.75 16.74 -16.39
N LEU A 109 -43.50 16.93 -15.31
CA LEU A 109 -44.80 16.29 -15.18
C LEU A 109 -45.87 16.97 -16.01
N SER A 110 -45.84 18.31 -16.07
CA SER A 110 -46.89 19.04 -16.78
C SER A 110 -46.90 18.73 -18.26
N ASN A 111 -45.72 18.69 -18.88
CA ASN A 111 -45.63 18.46 -20.32
C ASN A 111 -45.41 16.99 -20.68
N GLY A 112 -44.79 16.21 -19.80
CA GLY A 112 -44.66 14.78 -20.03
C GLY A 112 -43.38 14.32 -20.69
N GLU A 113 -42.37 15.18 -20.79
CA GLU A 113 -41.09 14.80 -21.37
C GLU A 113 -39.97 15.32 -20.50
N PHE A 114 -38.76 14.84 -20.77
CA PHE A 114 -37.59 15.25 -20.00
C PHE A 114 -37.20 16.68 -20.36
N VAL A 115 -36.78 17.43 -19.35
CA VAL A 115 -36.36 18.81 -19.55
C VAL A 115 -35.07 18.85 -20.36
N ARG A 116 -35.04 19.68 -21.39
CA ARG A 116 -33.89 19.80 -22.26
C ARG A 116 -33.44 21.25 -22.36
N GLY A 117 -32.16 21.44 -22.67
CA GLY A 117 -31.58 22.75 -22.82
C GLY A 117 -30.28 22.93 -22.06
N ASN A 118 -30.21 22.37 -20.84
CA ASN A 118 -29.00 22.44 -20.03
C ASN A 118 -28.98 21.20 -19.14
N GLU A 119 -28.20 20.20 -19.55
CA GLU A 119 -28.13 18.96 -18.80
C GLU A 119 -27.22 19.12 -17.58
N LEU A 120 -27.36 18.18 -16.64
CA LEU A 120 -26.53 18.21 -15.45
C LEU A 120 -25.24 17.42 -15.68
N PRO A 121 -24.12 17.91 -15.17
CA PRO A 121 -22.86 17.16 -15.30
C PRO A 121 -22.93 15.87 -14.49
N ARG A 122 -22.13 14.89 -14.93
CA ARG A 122 -22.11 13.60 -14.25
C ARG A 122 -20.67 13.17 -14.00
N PRO A 123 -20.39 12.55 -12.84
CA PRO A 123 -21.31 12.23 -11.73
C PRO A 123 -21.50 13.37 -10.74
N ILE A 124 -22.60 13.36 -10.01
CA ILE A 124 -22.90 14.40 -9.02
C ILE A 124 -22.83 13.79 -7.63
N GLN A 125 -22.08 14.44 -6.74
CA GLN A 125 -21.85 13.94 -5.40
C GLN A 125 -23.01 14.21 -4.44
N TYR A 126 -23.81 15.23 -4.70
CA TYR A 126 -24.96 15.54 -3.86
C TYR A 126 -25.85 16.53 -4.59
N LEU A 127 -27.17 16.39 -4.39
CA LEU A 127 -28.15 17.22 -5.08
C LEU A 127 -29.32 17.48 -4.14
N CYS A 128 -29.90 18.67 -4.24
CA CYS A 128 -31.03 18.97 -3.37
C CYS A 128 -31.89 20.07 -3.99
N TRP A 129 -33.17 20.06 -3.63
CA TRP A 129 -34.10 21.11 -3.99
C TRP A 129 -34.01 22.25 -2.98
N SER A 130 -34.97 23.15 -3.03
CA SER A 130 -35.21 24.15 -2.01
C SER A 130 -36.57 23.90 -1.37
N PRO A 131 -36.74 24.27 -0.09
CA PRO A 131 -38.03 24.01 0.58
C PRO A 131 -39.22 24.67 -0.12
N VAL A 132 -39.02 25.84 -0.71
CA VAL A 132 -40.07 26.54 -1.44
C VAL A 132 -39.61 26.72 -2.88
N GLY A 133 -40.46 26.34 -3.82
CA GLY A 133 -40.13 26.45 -5.22
C GLY A 133 -39.27 25.31 -5.72
N SER A 134 -38.81 25.45 -6.96
CA SER A 134 -38.02 24.42 -7.64
C SER A 134 -36.75 25.06 -8.21
N LYS A 135 -35.75 25.21 -7.35
CA LYS A 135 -34.41 25.61 -7.76
C LYS A 135 -33.41 24.65 -7.14
N LEU A 136 -32.39 24.30 -7.91
CA LEU A 136 -31.54 23.16 -7.59
C LEU A 136 -30.19 23.63 -7.06
N ALA A 137 -29.69 22.91 -6.05
CA ALA A 137 -28.33 23.13 -5.55
C ALA A 137 -27.62 21.80 -5.56
N TYR A 138 -26.49 21.72 -6.26
CA TYR A 138 -25.79 20.44 -6.36
C TYR A 138 -24.29 20.67 -6.23
N VAL A 139 -23.58 19.56 -6.04
CA VAL A 139 -22.13 19.55 -5.86
C VAL A 139 -21.52 18.71 -6.96
N TYR A 140 -20.58 19.30 -7.70
CA TYR A 140 -19.91 18.62 -8.80
C TYR A 140 -18.42 18.95 -8.73
N GLN A 141 -17.60 17.95 -8.43
CA GLN A 141 -16.16 18.10 -8.31
C GLN A 141 -15.79 19.13 -7.25
N ASN A 142 -16.29 18.91 -6.03
CA ASN A 142 -15.92 19.71 -4.86
C ASN A 142 -16.24 21.18 -5.04
N ASN A 143 -17.33 21.47 -5.76
CA ASN A 143 -17.79 22.83 -5.94
C ASN A 143 -19.31 22.83 -5.97
N ILE A 144 -19.90 23.96 -5.57
CA ILE A 144 -21.35 24.08 -5.40
C ILE A 144 -21.90 24.91 -6.55
N TYR A 145 -22.93 24.37 -7.20
CA TYR A 145 -23.59 25.02 -8.32
C TYR A 145 -25.06 25.24 -7.99
N LEU A 146 -25.58 26.40 -8.38
CA LEU A 146 -26.96 26.79 -8.13
C LEU A 146 -27.66 27.06 -9.45
N LYS A 147 -28.84 26.48 -9.62
CA LYS A 147 -29.66 26.67 -10.82
C LYS A 147 -31.02 27.22 -10.41
N GLN A 148 -31.38 28.38 -10.97
CA GLN A 148 -32.66 29.00 -10.66
C GLN A 148 -33.83 28.16 -11.17
N ARG A 149 -33.72 27.66 -12.40
CA ARG A 149 -34.71 26.75 -12.98
C ARG A 149 -33.95 25.70 -13.79
N PRO A 150 -34.52 24.51 -13.97
CA PRO A 150 -33.81 23.45 -14.70
C PRO A 150 -33.54 23.76 -16.16
N GLY A 151 -34.03 24.87 -16.69
CA GLY A 151 -33.75 25.27 -18.05
C GLY A 151 -32.75 26.39 -18.22
N ASP A 152 -31.96 26.71 -17.20
CA ASP A 152 -31.02 27.82 -17.25
C ASP A 152 -29.62 27.33 -16.87
N PRO A 153 -28.58 28.01 -17.37
CA PRO A 153 -27.22 27.59 -17.03
C PRO A 153 -26.93 27.82 -15.56
N PRO A 154 -26.06 27.01 -14.96
CA PRO A 154 -25.79 27.14 -13.53
C PRO A 154 -24.93 28.35 -13.21
N PHE A 155 -25.01 28.78 -11.95
CA PHE A 155 -24.21 29.87 -11.42
C PHE A 155 -23.25 29.30 -10.39
N GLN A 156 -21.96 29.25 -10.74
CA GLN A 156 -20.97 28.67 -9.85
C GLN A 156 -20.74 29.56 -8.64
N ILE A 157 -20.61 28.94 -7.47
CA ILE A 157 -20.45 29.64 -6.21
C ILE A 157 -19.01 29.57 -5.71
N THR A 158 -18.41 28.39 -5.73
CA THR A 158 -17.08 28.18 -5.19
C THR A 158 -16.11 27.75 -6.29
N PHE A 159 -14.84 28.11 -6.12
CA PHE A 159 -13.82 27.86 -7.13
C PHE A 159 -12.59 27.13 -6.62
N ASN A 160 -12.36 27.08 -5.31
CA ASN A 160 -11.12 26.53 -4.77
C ASN A 160 -11.19 25.03 -4.51
N GLY A 161 -12.29 24.38 -4.90
CA GLY A 161 -12.43 22.95 -4.69
C GLY A 161 -11.42 22.12 -5.44
N ARG A 162 -10.73 21.23 -4.72
CA ARG A 162 -9.75 20.32 -5.31
C ARG A 162 -9.89 18.96 -4.67
N GLU A 163 -9.61 17.91 -5.44
CA GLU A 163 -9.76 16.54 -4.94
C GLU A 163 -8.83 16.30 -3.76
N ASN A 164 -9.40 15.75 -2.68
CA ASN A 164 -8.71 15.34 -1.47
C ASN A 164 -8.03 16.48 -0.73
N LYS A 165 -8.21 17.73 -1.15
CA LYS A 165 -7.57 18.86 -0.49
C LYS A 165 -8.59 19.84 0.08
N ILE A 166 -9.52 20.34 -0.74
CA ILE A 166 -10.53 21.29 -0.30
C ILE A 166 -11.90 20.71 -0.64
N PHE A 167 -12.80 20.71 0.34
CA PHE A 167 -14.14 20.17 0.18
C PHE A 167 -15.16 21.28 0.39
N ASN A 168 -16.12 21.38 -0.53
CA ASN A 168 -17.19 22.38 -0.44
C ASN A 168 -18.53 21.66 -0.50
N GLY A 169 -19.35 21.86 0.52
CA GLY A 169 -20.68 21.31 0.56
C GLY A 169 -20.79 19.86 0.99
N ILE A 170 -19.67 19.15 1.09
CA ILE A 170 -19.66 17.77 1.55
C ILE A 170 -18.57 17.62 2.61
N PRO A 171 -18.74 16.74 3.59
CA PRO A 171 -17.70 16.53 4.60
C PRO A 171 -16.56 15.67 4.08
N ASP A 172 -15.45 15.72 4.80
CA ASP A 172 -14.34 14.81 4.56
C ASP A 172 -14.62 13.49 5.29
N TRP A 173 -13.61 12.63 5.38
CA TRP A 173 -13.82 11.33 6.04
C TRP A 173 -14.14 11.50 7.51
N VAL A 174 -13.39 12.36 8.21
CA VAL A 174 -13.50 12.44 9.66
C VAL A 174 -14.88 12.94 10.07
N TYR A 175 -15.33 14.02 9.44
CA TYR A 175 -16.63 14.58 9.79
C TYR A 175 -17.78 13.67 9.35
N GLU A 176 -17.63 12.99 8.21
CA GLU A 176 -18.67 12.07 7.76
C GLU A 176 -18.82 10.91 8.72
N GLU A 177 -17.71 10.37 9.22
CA GLU A 177 -17.77 9.17 10.06
C GLU A 177 -17.87 9.49 11.54
N GLU A 178 -17.16 10.50 12.02
CA GLU A 178 -17.04 10.72 13.45
C GLU A 178 -17.89 11.86 13.98
N MET A 179 -18.26 12.83 13.15
CA MET A 179 -18.92 14.04 13.64
C MET A 179 -20.35 14.19 13.16
N LEU A 180 -20.59 14.12 11.85
CA LEU A 180 -21.90 14.45 11.31
C LEU A 180 -22.76 13.23 11.02
N ALA A 181 -22.15 12.10 10.64
CA ALA A 181 -22.88 10.90 10.22
C ALA A 181 -23.81 11.18 9.05
N THR A 182 -23.39 12.06 8.14
CA THR A 182 -24.16 12.43 6.96
C THR A 182 -23.22 12.51 5.77
N LYS A 183 -23.81 12.65 4.58
CA LYS A 183 -23.06 12.79 3.34
C LYS A 183 -23.11 14.22 2.79
N TYR A 184 -23.70 15.15 3.52
CA TYR A 184 -23.93 16.50 3.04
C TYR A 184 -23.51 17.51 4.08
N ALA A 185 -23.08 18.69 3.61
CA ALA A 185 -22.70 19.79 4.47
C ALA A 185 -23.23 21.11 3.94
N LEU A 186 -24.39 21.07 3.29
CA LEU A 186 -25.05 22.26 2.80
C LEU A 186 -26.49 22.28 3.28
N TRP A 187 -26.96 23.46 3.66
CA TRP A 187 -28.27 23.63 4.27
C TRP A 187 -29.01 24.77 3.58
N TRP A 188 -30.27 24.52 3.24
CA TRP A 188 -31.15 25.55 2.71
C TRP A 188 -31.88 26.25 3.85
N SER A 189 -32.21 27.51 3.63
CA SER A 189 -33.02 28.24 4.59
C SER A 189 -34.43 27.66 4.63
N PRO A 190 -35.15 27.87 5.73
CA PRO A 190 -36.53 27.35 5.79
C PRO A 190 -37.42 27.82 4.65
N ASN A 191 -37.27 29.06 4.20
CA ASN A 191 -38.05 29.59 3.09
C ASN A 191 -37.26 29.67 1.79
N GLY A 192 -36.11 29.02 1.72
CA GLY A 192 -35.33 29.02 0.49
C GLY A 192 -34.79 30.38 0.08
N LYS A 193 -34.24 31.13 1.04
CA LYS A 193 -33.66 32.44 0.77
C LYS A 193 -32.15 32.43 0.73
N PHE A 194 -31.48 31.77 1.68
CA PHE A 194 -30.03 31.66 1.69
C PHE A 194 -29.60 30.21 1.50
N LEU A 195 -28.29 30.04 1.41
CA LEU A 195 -27.66 28.72 1.41
C LEU A 195 -26.44 28.78 2.30
N ALA A 196 -26.35 27.88 3.26
CA ALA A 196 -25.24 27.81 4.20
C ALA A 196 -24.42 26.57 3.91
N TYR A 197 -23.16 26.76 3.57
CA TYR A 197 -22.28 25.65 3.24
C TYR A 197 -21.01 25.73 4.08
N ALA A 198 -20.25 24.65 4.06
CA ALA A 198 -19.07 24.51 4.91
C ALA A 198 -17.87 24.13 4.05
N GLU A 199 -16.78 24.86 4.22
CA GLU A 199 -15.52 24.63 3.53
C GLU A 199 -14.58 23.89 4.46
N PHE A 200 -14.11 22.73 4.00
CA PHE A 200 -13.18 21.88 4.74
C PHE A 200 -11.82 21.93 4.07
N ASN A 201 -10.78 22.16 4.88
CA ASN A 201 -9.41 22.30 4.43
C ASN A 201 -8.59 21.21 5.07
N ASP A 202 -8.07 20.29 4.25
CA ASP A 202 -7.21 19.18 4.67
C ASP A 202 -5.95 19.23 3.82
N THR A 203 -4.99 20.06 4.23
CA THR A 203 -3.75 20.21 3.50
C THR A 203 -2.53 19.79 4.30
N ASP A 204 -2.53 20.00 5.62
CA ASP A 204 -1.44 19.57 6.47
C ASP A 204 -1.69 18.19 7.11
N ILE A 205 -2.87 17.62 6.91
CA ILE A 205 -3.20 16.34 7.53
C ILE A 205 -2.43 15.22 6.83
N PRO A 206 -1.80 14.32 7.57
CA PRO A 206 -1.17 13.16 6.92
C PRO A 206 -2.21 12.23 6.33
N VAL A 207 -1.77 11.42 5.37
CA VAL A 207 -2.65 10.52 4.64
C VAL A 207 -2.32 9.09 5.00
N ILE A 208 -3.33 8.23 4.93
CA ILE A 208 -3.18 6.79 5.05
C ILE A 208 -3.31 6.19 3.67
N ALA A 209 -2.37 5.32 3.31
CA ALA A 209 -2.31 4.72 1.98
C ALA A 209 -2.38 3.21 2.12
N TYR A 210 -3.32 2.59 1.39
CA TYR A 210 -3.40 1.14 1.36
C TYR A 210 -3.55 0.67 -0.09
N SER A 211 -3.48 -0.65 -0.28
CA SER A 211 -3.44 -1.25 -1.61
C SER A 211 -4.80 -1.83 -1.98
N TYR A 212 -5.24 -1.53 -3.20
CA TYR A 212 -6.43 -2.12 -3.80
C TYR A 212 -6.00 -2.88 -5.04
N TYR A 213 -6.40 -4.15 -5.13
CA TYR A 213 -5.90 -5.01 -6.20
C TYR A 213 -6.78 -4.97 -7.44
N GLY A 214 -8.05 -5.33 -7.31
CA GLY A 214 -8.96 -5.26 -8.43
C GLY A 214 -8.61 -6.24 -9.54
N ASP A 215 -9.23 -6.01 -10.69
CA ASP A 215 -9.02 -6.84 -11.88
C ASP A 215 -8.07 -6.13 -12.84
N GLU A 216 -6.83 -5.95 -12.39
CA GLU A 216 -5.81 -5.26 -13.18
C GLU A 216 -4.46 -5.90 -12.93
N GLN A 217 -3.53 -5.67 -13.87
CA GLN A 217 -2.20 -6.24 -13.76
C GLN A 217 -1.44 -5.64 -12.58
N TYR A 218 -1.59 -4.34 -12.34
CA TYR A 218 -0.90 -3.65 -11.27
C TYR A 218 -1.90 -3.15 -10.23
N PRO A 219 -1.71 -3.48 -8.95
CA PRO A 219 -2.57 -2.91 -7.91
C PRO A 219 -2.30 -1.42 -7.74
N ARG A 220 -3.34 -0.71 -7.30
CA ARG A 220 -3.24 0.72 -7.10
C ARG A 220 -3.26 1.05 -5.62
N THR A 221 -2.95 2.31 -5.31
CA THR A 221 -2.85 2.79 -3.94
C THR A 221 -3.93 3.82 -3.68
N ILE A 222 -4.72 3.61 -2.63
CA ILE A 222 -5.75 4.54 -2.20
C ILE A 222 -5.22 5.34 -1.02
N ASN A 223 -5.29 6.67 -1.15
CA ASN A 223 -4.81 7.61 -0.14
C ASN A 223 -5.99 8.37 0.42
N ILE A 224 -6.09 8.43 1.75
CA ILE A 224 -7.18 9.12 2.42
C ILE A 224 -6.63 10.03 3.50
N PRO A 225 -7.02 11.30 3.56
CA PRO A 225 -6.63 12.15 4.69
C PRO A 225 -7.28 11.65 5.98
N TYR A 226 -6.43 11.21 6.92
CA TYR A 226 -6.89 10.53 8.12
C TYR A 226 -6.07 10.99 9.32
N PRO A 227 -6.64 11.80 10.21
CA PRO A 227 -5.92 12.26 11.39
C PRO A 227 -5.98 11.22 12.50
N LYS A 228 -4.82 10.69 12.89
CA LYS A 228 -4.74 9.76 14.00
C LYS A 228 -4.71 10.56 15.31
N ALA A 229 -4.50 9.88 16.43
CA ALA A 229 -4.58 10.52 17.73
C ALA A 229 -3.42 11.51 17.90
N GLY A 230 -3.74 12.75 18.21
CA GLY A 230 -2.72 13.76 18.46
C GLY A 230 -2.12 14.39 17.22
N ALA A 231 -2.74 14.23 16.06
CA ALA A 231 -2.22 14.77 14.82
C ALA A 231 -2.97 16.04 14.45
N LYS A 232 -2.67 16.59 13.28
CA LYS A 232 -3.32 17.81 12.82
C LYS A 232 -4.75 17.54 12.36
N ASN A 233 -5.64 18.48 12.65
CA ASN A 233 -7.06 18.37 12.35
C ASN A 233 -7.45 19.26 11.18
N PRO A 234 -8.59 18.98 10.54
CA PRO A 234 -9.05 19.84 9.44
C PRO A 234 -9.34 21.25 9.91
N VAL A 235 -9.37 22.18 8.95
CA VAL A 235 -9.74 23.56 9.22
C VAL A 235 -11.08 23.82 8.52
N VAL A 236 -12.07 24.28 9.28
CA VAL A 236 -13.43 24.40 8.80
C VAL A 236 -13.86 25.86 8.83
N ARG A 237 -14.55 26.30 7.78
CA ARG A 237 -15.17 27.62 7.75
C ARG A 237 -16.60 27.47 7.25
N ILE A 238 -17.47 28.39 7.66
CA ILE A 238 -18.89 28.33 7.34
C ILE A 238 -19.28 29.61 6.62
N PHE A 239 -19.93 29.46 5.46
CA PHE A 239 -20.36 30.57 4.65
C PHE A 239 -21.87 30.54 4.43
N ILE A 240 -22.45 31.72 4.30
CA ILE A 240 -23.87 31.88 4.00
C ILE A 240 -24.01 32.85 2.83
N ILE A 241 -24.70 32.42 1.78
CA ILE A 241 -24.85 33.20 0.56
C ILE A 241 -26.34 33.40 0.28
N ASP A 242 -26.66 34.47 -0.41
CA ASP A 242 -28.03 34.71 -0.84
C ASP A 242 -28.24 34.17 -2.26
N THR A 243 -29.45 33.69 -2.52
CA THR A 243 -29.74 32.98 -3.76
C THR A 243 -30.38 33.85 -4.83
N THR A 244 -31.09 34.91 -4.47
CA THR A 244 -31.78 35.71 -5.48
C THR A 244 -30.81 36.53 -6.31
N TYR A 245 -29.84 37.17 -5.66
CA TYR A 245 -28.81 37.97 -6.34
C TYR A 245 -27.46 37.55 -5.78
N PRO A 246 -26.93 36.40 -6.22
CA PRO A 246 -25.76 35.81 -5.56
C PRO A 246 -24.43 36.45 -5.90
N ALA A 247 -24.41 37.61 -6.56
CA ALA A 247 -23.15 38.27 -6.91
C ALA A 247 -23.04 39.69 -6.38
N TYR A 248 -23.97 40.11 -5.52
CA TYR A 248 -23.96 41.49 -5.04
C TYR A 248 -22.78 41.74 -4.12
N VAL A 249 -22.56 40.87 -3.13
CA VAL A 249 -21.46 41.04 -2.18
C VAL A 249 -20.69 39.73 -2.03
N GLY A 250 -21.26 38.64 -2.54
CA GLY A 250 -20.62 37.35 -2.48
C GLY A 250 -20.86 36.64 -1.16
N PRO A 251 -20.21 35.49 -0.98
CA PRO A 251 -20.36 34.75 0.28
C PRO A 251 -19.83 35.53 1.47
N GLN A 252 -20.48 35.35 2.61
CA GLN A 252 -20.14 36.03 3.85
C GLN A 252 -19.85 34.99 4.92
N GLU A 253 -18.80 35.21 5.71
CA GLU A 253 -18.37 34.25 6.70
C GLU A 253 -18.84 34.66 8.09
N VAL A 254 -19.39 33.70 8.82
CA VAL A 254 -19.90 33.94 10.17
C VAL A 254 -18.73 34.03 11.15
N PRO A 255 -18.73 35.00 12.06
CA PRO A 255 -17.64 35.11 13.04
C PRO A 255 -17.59 33.91 13.97
N VAL A 256 -16.37 33.61 14.43
CA VAL A 256 -16.15 32.53 15.39
C VAL A 256 -15.99 33.16 16.77
N PRO A 257 -16.60 32.58 17.82
CA PRO A 257 -16.47 33.16 19.16
C PRO A 257 -15.02 33.19 19.64
N ALA A 258 -14.70 34.21 20.43
CA ALA A 258 -13.33 34.41 20.89
C ALA A 258 -12.88 33.27 21.81
N MET A 259 -13.76 32.82 22.70
CA MET A 259 -13.40 31.75 23.62
C MET A 259 -13.03 30.46 22.87
N ILE A 260 -13.81 30.12 21.85
CA ILE A 260 -13.47 28.95 21.03
C ILE A 260 -12.23 29.22 20.19
N ALA A 261 -12.12 30.43 19.63
CA ALA A 261 -11.05 30.76 18.69
C ALA A 261 -9.79 31.18 19.46
N SER A 262 -9.22 30.20 20.17
CA SER A 262 -7.91 30.36 20.78
C SER A 262 -6.99 29.17 20.54
N SER A 263 -7.52 28.03 20.10
CA SER A 263 -6.74 26.84 19.78
C SER A 263 -7.53 26.04 18.77
N ASP A 264 -7.11 24.79 18.55
CA ASP A 264 -7.84 23.91 17.65
C ASP A 264 -9.25 23.66 18.18
N TYR A 265 -10.22 23.64 17.27
CA TYR A 265 -11.61 23.41 17.66
C TYR A 265 -12.33 22.69 16.53
N TYR A 266 -13.44 22.05 16.89
CA TYR A 266 -14.26 21.30 15.95
C TYR A 266 -15.56 22.03 15.67
N PHE A 267 -16.22 21.62 14.60
CA PHE A 267 -17.54 22.14 14.21
C PHE A 267 -18.54 21.01 14.40
N SER A 268 -19.55 21.25 15.24
CA SER A 268 -20.47 20.19 15.64
C SER A 268 -21.71 20.12 14.74
N TRP A 269 -22.49 21.19 14.71
CA TRP A 269 -23.76 21.14 14.01
C TRP A 269 -24.24 22.54 13.69
N LEU A 270 -25.03 22.65 12.63
CA LEU A 270 -25.67 23.88 12.19
C LEU A 270 -27.16 23.63 12.02
N THR A 271 -27.96 24.59 12.46
CA THR A 271 -29.42 24.46 12.35
C THR A 271 -30.04 25.82 12.10
N TRP A 272 -30.95 25.88 11.14
CA TRP A 272 -31.66 27.12 10.81
C TRP A 272 -32.85 27.30 11.72
N VAL A 273 -33.03 28.52 12.21
CA VAL A 273 -34.16 28.84 13.08
C VAL A 273 -35.20 29.60 12.28
N THR A 274 -34.83 30.77 11.76
CA THR A 274 -35.69 31.54 10.88
C THR A 274 -34.92 31.90 9.60
N ASP A 275 -35.48 32.81 8.80
CA ASP A 275 -34.79 33.26 7.60
C ASP A 275 -33.58 34.14 7.91
N GLU A 276 -33.54 34.76 9.08
CA GLU A 276 -32.44 35.64 9.50
C GLU A 276 -31.90 35.22 10.85
N ARG A 277 -31.66 33.93 11.02
CA ARG A 277 -31.16 33.41 12.29
C ARG A 277 -30.61 32.01 12.07
N VAL A 278 -29.36 31.78 12.48
CA VAL A 278 -28.72 30.49 12.37
C VAL A 278 -28.16 30.12 13.74
N CYS A 279 -28.00 28.83 13.99
CA CYS A 279 -27.43 28.33 15.24
C CYS A 279 -26.28 27.40 14.91
N LEU A 280 -25.11 27.68 15.48
CA LEU A 280 -23.91 26.88 15.27
C LEU A 280 -23.36 26.40 16.61
N GLN A 281 -22.92 25.14 16.63
CA GLN A 281 -22.33 24.55 17.82
C GLN A 281 -20.86 24.24 17.58
N TRP A 282 -20.03 24.60 18.54
CA TRP A 282 -18.58 24.45 18.46
C TRP A 282 -18.07 23.62 19.62
N LEU A 283 -17.04 22.82 19.33
CA LEU A 283 -16.36 22.00 20.32
C LEU A 283 -14.87 22.29 20.27
N LYS A 284 -14.24 22.41 21.43
CA LYS A 284 -12.80 22.50 21.50
C LYS A 284 -12.19 21.11 21.33
N ARG A 285 -10.92 21.07 20.95
CA ARG A 285 -10.25 19.78 20.80
C ARG A 285 -10.14 19.05 22.13
N VAL A 286 -10.02 19.79 23.23
CA VAL A 286 -10.27 19.25 24.56
C VAL A 286 -11.78 19.21 24.73
N GLN A 287 -12.34 18.01 24.79
CA GLN A 287 -13.76 17.79 24.51
C GLN A 287 -14.61 17.75 25.77
N ASN A 288 -14.33 18.59 26.76
CA ASN A 288 -15.22 18.73 27.90
C ASN A 288 -15.91 20.09 27.93
N VAL A 289 -15.82 20.88 26.87
CA VAL A 289 -16.49 22.17 26.76
C VAL A 289 -17.14 22.26 25.39
N SER A 290 -18.41 22.71 25.37
CA SER A 290 -19.13 22.95 24.12
C SER A 290 -19.77 24.32 24.19
N VAL A 291 -19.94 24.95 23.02
CA VAL A 291 -20.45 26.31 22.92
C VAL A 291 -21.54 26.37 21.86
N LEU A 292 -22.65 27.01 22.20
CA LEU A 292 -23.76 27.24 21.28
C LEU A 292 -23.85 28.74 21.01
N SER A 293 -23.91 29.10 19.72
CA SER A 293 -23.94 30.49 19.30
C SER A 293 -25.06 30.69 18.30
N ILE A 294 -25.74 31.82 18.39
CA ILE A 294 -26.83 32.19 17.50
C ILE A 294 -26.42 33.43 16.74
N CYS A 295 -26.42 33.35 15.41
CA CYS A 295 -25.99 34.43 14.54
C CYS A 295 -27.19 35.02 13.82
N ASP A 296 -27.29 36.34 13.84
CA ASP A 296 -28.39 37.08 13.23
C ASP A 296 -27.89 37.83 11.99
N PHE A 297 -28.84 38.34 11.22
CA PHE A 297 -28.58 38.96 9.93
C PHE A 297 -28.89 40.45 10.01
N ARG A 298 -27.96 41.28 9.54
CA ARG A 298 -28.12 42.72 9.50
C ARG A 298 -28.28 43.16 8.04
N GLU A 299 -29.39 43.82 7.76
CA GLU A 299 -29.68 44.28 6.39
C GLU A 299 -28.90 45.52 6.02
N ASP A 300 -28.54 46.36 7.00
CA ASP A 300 -27.84 47.60 6.70
C ASP A 300 -26.47 47.36 6.08
N TRP A 301 -25.83 46.24 6.37
CA TRP A 301 -24.57 45.88 5.76
C TRP A 301 -24.60 44.52 5.06
N GLN A 302 -25.75 43.85 5.02
CA GLN A 302 -25.89 42.53 4.42
C GLN A 302 -24.92 41.54 5.07
N THR A 303 -24.90 41.53 6.40
CA THR A 303 -23.86 40.80 7.12
C THR A 303 -24.47 39.87 8.16
N TRP A 304 -23.63 39.01 8.73
CA TRP A 304 -24.01 38.09 9.78
C TRP A 304 -23.20 38.42 11.03
N ASP A 305 -23.90 38.62 12.15
CA ASP A 305 -23.28 38.99 13.42
C ASP A 305 -23.65 37.97 14.47
N CYS A 306 -22.66 37.49 15.23
CA CYS A 306 -22.86 36.51 16.29
C CYS A 306 -22.49 37.14 17.62
N PRO A 307 -23.46 37.68 18.37
CA PRO A 307 -23.14 38.42 19.59
C PRO A 307 -22.63 37.54 20.73
N LYS A 308 -22.27 38.18 21.85
CA LYS A 308 -21.77 37.48 23.03
C LYS A 308 -22.85 37.24 24.07
N THR A 309 -23.90 38.06 24.09
CA THR A 309 -25.02 37.80 24.99
C THR A 309 -25.85 36.60 24.54
N GLN A 310 -25.60 36.09 23.33
CA GLN A 310 -26.26 34.90 22.81
C GLN A 310 -25.28 33.74 22.74
N GLU A 311 -24.46 33.62 23.78
CA GLU A 311 -23.45 32.58 23.90
C GLU A 311 -23.83 31.65 25.04
N HIS A 312 -23.79 30.35 24.78
CA HIS A 312 -24.17 29.37 25.80
C HIS A 312 -23.08 28.33 25.95
N ILE A 313 -22.62 28.14 27.18
CA ILE A 313 -21.51 27.23 27.49
C ILE A 313 -22.07 26.00 28.18
N GLU A 314 -21.48 24.84 27.84
CA GLU A 314 -21.88 23.57 28.43
C GLU A 314 -20.62 22.78 28.73
N GLU A 315 -20.31 22.58 30.01
CA GLU A 315 -19.09 21.95 30.44
C GLU A 315 -19.39 20.76 31.35
N SER A 316 -18.68 19.66 31.13
CA SER A 316 -18.82 18.45 31.93
C SER A 316 -17.56 18.27 32.76
N ARG A 317 -17.72 18.29 34.08
CA ARG A 317 -16.57 18.26 34.98
C ARG A 317 -15.92 16.88 35.05
N THR A 318 -16.73 15.82 35.09
CA THR A 318 -16.23 14.48 35.26
C THR A 318 -15.90 13.76 33.96
N GLY A 319 -16.24 14.34 32.82
CA GLY A 319 -15.99 13.66 31.57
C GLY A 319 -16.27 14.55 30.37
N TRP A 320 -16.47 13.90 29.23
CA TRP A 320 -16.75 14.60 27.99
C TRP A 320 -18.19 15.13 27.97
N ALA A 321 -18.46 16.02 27.03
CA ALA A 321 -19.77 16.61 26.90
C ALA A 321 -20.69 15.69 26.10
N GLY A 322 -21.90 15.47 26.62
CA GLY A 322 -22.84 14.60 25.95
C GLY A 322 -22.38 13.14 25.97
N GLY A 323 -22.81 12.40 24.95
CA GLY A 323 -22.43 11.00 24.82
C GLY A 323 -21.53 10.75 23.64
N PHE A 324 -22.00 9.93 22.69
CA PHE A 324 -21.24 9.70 21.46
C PHE A 324 -21.15 10.98 20.65
N PHE A 325 -22.27 11.65 20.44
CA PHE A 325 -22.32 12.95 19.79
C PHE A 325 -22.78 14.00 20.80
N VAL A 326 -23.03 15.20 20.31
CA VAL A 326 -23.55 16.29 21.13
C VAL A 326 -25.01 16.52 20.75
N SER A 327 -25.85 16.67 21.76
CA SER A 327 -27.28 16.85 21.53
C SER A 327 -27.54 18.07 20.65
N THR A 328 -28.40 17.90 19.65
CA THR A 328 -28.76 19.00 18.76
C THR A 328 -30.03 19.68 19.28
N PRO A 329 -30.00 20.98 19.52
CA PRO A 329 -31.16 21.65 20.11
C PRO A 329 -32.35 21.68 19.15
N VAL A 330 -33.54 21.71 19.74
CA VAL A 330 -34.79 21.87 19.00
C VAL A 330 -35.43 23.17 19.44
N PHE A 331 -35.75 24.03 18.47
CA PHE A 331 -36.22 25.37 18.75
C PHE A 331 -37.74 25.41 18.75
N SER A 332 -38.30 26.29 19.58
CA SER A 332 -39.74 26.37 19.77
C SER A 332 -40.38 27.19 18.64
N TYR A 333 -41.66 27.50 18.81
CA TYR A 333 -42.38 28.27 17.79
C TYR A 333 -41.94 29.73 17.78
N ASP A 334 -41.71 30.31 18.95
CA ASP A 334 -41.33 31.71 19.05
C ASP A 334 -39.90 31.98 18.60
N ALA A 335 -39.11 30.93 18.37
CA ALA A 335 -37.74 31.03 17.84
C ALA A 335 -36.81 31.80 18.77
N ILE A 336 -37.16 31.90 20.05
CA ILE A 336 -36.32 32.60 21.02
C ILE A 336 -35.85 31.69 22.16
N SER A 337 -36.46 30.52 22.33
CA SER A 337 -36.07 29.57 23.37
C SER A 337 -36.01 28.18 22.75
N TYR A 338 -35.27 27.28 23.41
CA TYR A 338 -35.08 25.95 22.82
C TYR A 338 -35.01 24.90 23.91
N TYR A 339 -34.95 23.64 23.47
CA TYR A 339 -34.90 22.46 24.32
C TYR A 339 -33.63 21.68 24.05
N LYS A 340 -33.01 21.16 25.10
CA LYS A 340 -31.82 20.34 24.92
C LYS A 340 -31.68 19.39 26.11
N ILE A 341 -31.22 18.18 25.84
CA ILE A 341 -31.08 17.15 26.86
C ILE A 341 -29.62 17.08 27.29
N PHE A 342 -29.37 17.22 28.59
CA PHE A 342 -28.04 17.00 29.13
C PHE A 342 -28.16 16.56 30.59
N SER A 343 -27.01 16.30 31.20
CA SER A 343 -26.96 15.70 32.53
C SER A 343 -27.41 16.67 33.61
N ASP A 344 -28.17 16.15 34.57
CA ASP A 344 -28.71 16.96 35.65
C ASP A 344 -27.74 16.96 36.84
N LYS A 345 -28.20 17.47 37.99
CA LYS A 345 -27.35 17.54 39.17
C LYS A 345 -26.96 16.15 39.66
N ASP A 346 -27.90 15.22 39.68
CA ASP A 346 -27.64 13.87 40.17
C ASP A 346 -26.91 12.99 39.16
N GLY A 347 -26.81 13.42 37.91
CA GLY A 347 -26.12 12.63 36.91
C GLY A 347 -27.05 11.81 36.05
N TYR A 348 -28.14 12.41 35.57
CA TYR A 348 -29.08 11.74 34.70
C TYR A 348 -29.48 12.69 33.57
N LYS A 349 -29.47 12.18 32.35
CA LYS A 349 -29.75 13.02 31.19
C LYS A 349 -31.23 13.35 31.12
N HIS A 350 -31.54 14.63 30.99
CA HIS A 350 -32.92 15.09 31.01
C HIS A 350 -33.06 16.33 30.15
N ILE A 351 -34.32 16.70 29.90
CA ILE A 351 -34.68 17.84 29.08
C ILE A 351 -34.52 19.12 29.88
N HIS A 352 -33.98 20.16 29.24
CA HIS A 352 -33.89 21.49 29.82
C HIS A 352 -34.35 22.51 28.78
N TYR A 353 -35.00 23.57 29.28
CA TYR A 353 -35.60 24.61 28.45
C TYR A 353 -34.81 25.90 28.68
N ILE A 354 -34.15 26.38 27.63
CA ILE A 354 -33.26 27.54 27.71
C ILE A 354 -33.92 28.71 27.01
N LYS A 355 -34.04 29.83 27.72
CA LYS A 355 -34.58 31.07 27.18
C LYS A 355 -33.54 32.19 27.12
N ASP A 356 -32.89 32.49 28.24
CA ASP A 356 -31.94 33.60 28.31
C ASP A 356 -30.53 33.15 28.65
N THR A 357 -30.36 32.34 29.70
CA THR A 357 -29.04 31.92 30.14
C THR A 357 -29.07 30.43 30.49
N VAL A 358 -27.89 29.82 30.51
CA VAL A 358 -27.79 28.40 30.87
C VAL A 358 -27.96 28.19 32.37
N GLU A 359 -27.87 29.25 33.18
CA GLU A 359 -28.05 29.12 34.62
C GLU A 359 -29.52 29.07 35.03
N ASN A 360 -30.43 29.41 34.12
CA ASN A 360 -31.86 29.38 34.40
C ASN A 360 -32.56 28.20 33.72
N ALA A 361 -31.84 27.09 33.52
CA ALA A 361 -32.44 25.91 32.90
C ALA A 361 -33.54 25.34 33.79
N ILE A 362 -34.60 24.84 33.15
CA ILE A 362 -35.77 24.32 33.85
C ILE A 362 -35.88 22.83 33.58
N GLN A 363 -36.05 22.05 34.64
CA GLN A 363 -36.12 20.60 34.56
C GLN A 363 -37.55 20.18 34.25
N ILE A 364 -37.84 19.97 32.96
CA ILE A 364 -39.16 19.49 32.57
C ILE A 364 -39.33 18.03 32.97
N THR A 365 -38.30 17.21 32.76
CA THR A 365 -38.31 15.81 33.16
C THR A 365 -37.26 15.58 34.24
N SER A 366 -37.63 14.82 35.28
CA SER A 366 -36.72 14.48 36.35
C SER A 366 -36.96 13.04 36.80
N GLY A 367 -35.88 12.31 37.03
CA GLY A 367 -36.01 10.95 37.51
C GLY A 367 -34.73 10.17 37.32
N LYS A 368 -34.75 8.95 37.88
CA LYS A 368 -33.62 8.04 37.73
C LYS A 368 -33.44 7.59 36.28
N TRP A 369 -34.54 7.48 35.54
CA TRP A 369 -34.51 7.05 34.14
C TRP A 369 -33.83 8.12 33.29
N GLU A 370 -33.76 7.88 31.99
CA GLU A 370 -33.09 8.78 31.06
C GLU A 370 -34.00 9.12 29.89
N ALA A 371 -33.62 10.16 29.17
CA ALA A 371 -34.25 10.55 27.92
C ALA A 371 -33.25 10.37 26.80
N ILE A 372 -33.64 9.67 25.74
CA ILE A 372 -32.73 9.29 24.67
C ILE A 372 -32.68 10.33 23.56
N ASN A 373 -33.84 10.69 23.01
CA ASN A 373 -33.87 11.53 21.82
C ASN A 373 -35.16 12.33 21.82
N ILE A 374 -35.14 13.45 21.09
CA ILE A 374 -36.29 14.32 20.91
C ILE A 374 -36.65 14.32 19.43
N PHE A 375 -37.92 14.10 19.13
CA PHE A 375 -38.38 14.00 17.74
C PHE A 375 -39.02 15.27 17.23
N ARG A 376 -40.02 15.79 17.92
CA ARG A 376 -40.76 16.94 17.42
C ARG A 376 -41.11 17.89 18.55
N VAL A 377 -41.08 19.17 18.24
CA VAL A 377 -41.58 20.23 19.11
C VAL A 377 -42.58 21.06 18.32
N THR A 378 -43.77 21.26 18.87
CA THR A 378 -44.78 22.08 18.22
C THR A 378 -45.23 23.18 19.17
N GLN A 379 -46.31 23.87 18.82
CA GLN A 379 -46.77 24.98 19.65
C GLN A 379 -47.27 24.51 21.00
N ASP A 380 -47.85 23.31 21.07
CA ASP A 380 -48.38 22.82 22.34
C ASP A 380 -48.10 21.33 22.55
N SER A 381 -47.02 20.81 21.97
CA SER A 381 -46.68 19.41 22.15
C SER A 381 -45.18 19.22 22.04
N LEU A 382 -44.70 18.08 22.56
CA LEU A 382 -43.29 17.72 22.53
C LEU A 382 -43.19 16.21 22.62
N PHE A 383 -42.35 15.61 21.77
CA PHE A 383 -42.22 14.16 21.70
C PHE A 383 -40.78 13.75 21.95
N TYR A 384 -40.60 12.65 22.70
CA TYR A 384 -39.27 12.17 23.06
C TYR A 384 -39.34 10.67 23.38
N SER A 385 -38.18 10.09 23.71
CA SER A 385 -38.05 8.69 24.04
C SER A 385 -37.51 8.52 25.46
N SER A 386 -37.92 7.43 26.12
CA SER A 386 -37.51 7.19 27.49
C SER A 386 -37.51 5.70 27.81
N ASN A 387 -36.83 5.36 28.91
CA ASN A 387 -36.78 4.02 29.50
C ASN A 387 -37.51 3.95 30.83
N GLU A 388 -38.41 4.88 31.10
CA GLU A 388 -39.02 5.00 32.42
C GLU A 388 -39.92 3.81 32.77
N PHE A 389 -40.41 3.07 31.78
CA PHE A 389 -41.42 2.05 32.00
C PHE A 389 -40.80 0.85 32.71
N GLU A 390 -41.16 0.67 33.99
CA GLU A 390 -40.86 -0.52 34.78
C GLU A 390 -39.36 -0.80 34.94
N GLU A 391 -38.54 0.26 34.92
CA GLU A 391 -37.11 0.15 35.26
C GLU A 391 -36.38 -0.86 34.38
N TYR A 392 -36.76 -0.92 33.10
CA TYR A 392 -36.07 -1.77 32.16
C TYR A 392 -35.23 -0.92 31.21
N PRO A 393 -33.91 -0.99 31.29
CA PRO A 393 -33.08 -0.06 30.51
C PRO A 393 -32.85 -0.50 29.07
N GLY A 394 -33.67 -1.41 28.55
CA GLY A 394 -33.50 -1.86 27.19
C GLY A 394 -34.71 -1.62 26.31
N ARG A 395 -35.69 -0.87 26.81
CA ARG A 395 -36.93 -0.62 26.10
C ARG A 395 -37.03 0.86 25.74
N ARG A 396 -37.51 1.12 24.54
CA ARG A 396 -37.71 2.48 24.04
C ARG A 396 -39.20 2.79 24.03
N ASN A 397 -39.58 3.86 24.73
CA ASN A 397 -40.98 4.27 24.77
C ASN A 397 -41.10 5.72 24.36
N ILE A 398 -42.05 6.00 23.46
CA ILE A 398 -42.29 7.34 22.96
C ILE A 398 -43.32 8.01 23.87
N TYR A 399 -43.04 9.23 24.30
CA TYR A 399 -43.91 9.96 25.21
C TYR A 399 -44.40 11.24 24.55
N ARG A 400 -45.30 11.93 25.24
CA ARG A 400 -45.91 13.16 24.73
C ARG A 400 -46.13 14.12 25.89
N ILE A 401 -45.62 15.34 25.74
CA ILE A 401 -45.71 16.37 26.77
C ILE A 401 -46.43 17.59 26.20
N SER A 402 -47.19 18.26 27.05
CA SER A 402 -47.95 19.45 26.68
C SER A 402 -47.22 20.70 27.16
N ILE A 403 -47.21 21.72 26.31
CA ILE A 403 -46.51 22.97 26.57
C ILE A 403 -47.51 24.12 26.49
N GLY A 404 -47.44 25.02 27.47
CA GLY A 404 -48.30 26.19 27.48
C GLY A 404 -49.77 25.91 27.64
N SER A 405 -50.13 25.00 28.55
CA SER A 405 -51.51 24.68 28.85
C SER A 405 -51.78 24.95 30.32
N TYR A 406 -53.03 25.29 30.63
CA TYR A 406 -53.39 25.59 32.01
C TYR A 406 -53.14 24.40 32.94
N PRO A 407 -53.55 23.17 32.62
CA PRO A 407 -53.08 22.02 33.38
C PRO A 407 -51.87 21.38 32.73
N PRO A 408 -50.87 20.98 33.49
CA PRO A 408 -49.76 20.21 32.93
C PRO A 408 -50.22 18.80 32.57
N SER A 409 -49.51 18.19 31.63
CA SER A 409 -49.90 16.86 31.16
C SER A 409 -48.67 16.11 30.65
N LYS A 410 -48.82 14.79 30.61
CA LYS A 410 -47.82 13.89 30.05
C LYS A 410 -48.44 12.52 29.83
N LYS A 411 -48.27 11.96 28.63
CA LYS A 411 -48.89 10.68 28.33
C LYS A 411 -47.94 9.79 27.54
N CYS A 412 -47.92 8.51 27.88
CA CYS A 412 -47.21 7.48 27.13
C CYS A 412 -48.19 6.86 26.14
N VAL A 413 -47.93 7.03 24.85
CA VAL A 413 -48.83 6.53 23.82
C VAL A 413 -48.44 5.14 23.31
N THR A 414 -47.24 4.66 23.66
CA THR A 414 -46.77 3.34 23.20
C THR A 414 -46.52 2.39 24.37
N CYS A 415 -47.28 2.50 25.45
CA CYS A 415 -47.07 1.67 26.63
C CYS A 415 -47.92 0.41 26.64
N HIS A 416 -49.23 0.53 26.41
CA HIS A 416 -50.14 -0.61 26.48
C HIS A 416 -50.84 -0.89 25.15
N LEU A 417 -50.30 -0.37 24.04
CA LEU A 417 -50.87 -0.67 22.74
C LEU A 417 -50.72 -2.16 22.42
N ARG A 418 -49.50 -2.67 22.52
CA ARG A 418 -49.20 -4.10 22.34
C ARG A 418 -48.08 -4.43 23.32
N LYS A 419 -48.46 -4.97 24.49
CA LYS A 419 -47.50 -5.11 25.58
C LYS A 419 -46.53 -6.25 25.33
N GLU A 420 -47.05 -7.47 25.22
CA GLU A 420 -46.18 -8.65 25.08
C GLU A 420 -45.51 -8.72 23.72
N ARG A 421 -45.92 -7.90 22.76
CA ARG A 421 -45.39 -7.97 21.40
C ARG A 421 -44.39 -6.85 21.09
N CYS A 422 -44.75 -5.60 21.39
CA CYS A 422 -43.96 -4.45 20.99
C CYS A 422 -43.49 -3.69 22.23
N GLN A 423 -42.17 -3.60 22.40
CA GLN A 423 -41.55 -2.78 23.43
C GLN A 423 -40.35 -2.03 22.87
N TYR A 424 -40.52 -1.48 21.67
CA TYR A 424 -39.45 -0.77 20.97
C TYR A 424 -40.10 0.04 19.87
N TYR A 425 -39.97 1.38 19.92
CA TYR A 425 -40.73 2.23 19.01
C TYR A 425 -39.84 3.33 18.44
N THR A 426 -40.02 3.58 17.14
CA THR A 426 -39.39 4.69 16.44
C THR A 426 -40.47 5.49 15.73
N ALA A 427 -40.41 6.81 15.86
CA ALA A 427 -41.45 7.69 15.34
C ALA A 427 -40.94 8.51 14.16
N SER A 428 -41.81 8.70 13.17
CA SER A 428 -41.51 9.55 12.02
C SER A 428 -42.70 10.46 11.79
N PHE A 429 -42.48 11.77 11.94
CA PHE A 429 -43.56 12.74 11.92
C PHE A 429 -43.69 13.39 10.54
N SER A 430 -44.72 14.23 10.40
CA SER A 430 -45.01 14.95 9.18
C SER A 430 -45.02 16.45 9.45
N ASP A 431 -45.41 17.22 8.44
CA ASP A 431 -45.47 18.66 8.58
C ASP A 431 -46.59 19.05 9.54
N TYR A 432 -46.31 20.01 10.42
CA TYR A 432 -47.23 20.53 11.42
C TYR A 432 -47.69 19.45 12.42
N ALA A 433 -47.06 18.28 12.41
CA ALA A 433 -47.39 17.18 13.32
C ALA A 433 -48.87 16.81 13.22
N LYS A 434 -49.40 16.86 12.00
CA LYS A 434 -50.79 16.43 11.78
C LYS A 434 -50.90 14.92 11.78
N TYR A 435 -49.91 14.23 11.21
CA TYR A 435 -49.89 12.77 11.19
C TYR A 435 -48.46 12.28 11.44
N TYR A 436 -48.35 11.03 11.87
CA TYR A 436 -47.04 10.42 12.05
C TYR A 436 -47.18 8.91 12.01
N ALA A 437 -46.02 8.24 12.04
CA ALA A 437 -45.95 6.79 11.92
C ALA A 437 -45.06 6.23 13.03
N LEU A 438 -45.48 5.07 13.55
CA LEU A 438 -44.74 4.33 14.56
C LEU A 438 -44.27 3.00 14.00
N VAL A 439 -42.99 2.69 14.22
CA VAL A 439 -42.38 1.46 13.78
C VAL A 439 -41.91 0.70 15.01
N CYS A 440 -42.39 -0.53 15.17
CA CYS A 440 -42.03 -1.40 16.29
C CYS A 440 -41.11 -2.49 15.80
N TYR A 441 -39.95 -2.63 16.46
CA TYR A 441 -38.91 -3.56 16.05
C TYR A 441 -38.88 -4.83 16.87
N GLY A 442 -39.43 -4.84 18.08
CA GLY A 442 -39.38 -6.00 18.93
C GLY A 442 -40.10 -5.82 20.25
N PRO A 443 -40.08 -6.87 21.10
CA PRO A 443 -39.42 -8.16 20.90
C PRO A 443 -40.26 -9.14 20.07
N GLY A 444 -41.50 -8.77 19.74
CA GLY A 444 -42.33 -9.58 18.87
C GLY A 444 -42.05 -9.28 17.42
N ILE A 445 -43.01 -9.65 16.58
CA ILE A 445 -42.87 -9.41 15.13
C ILE A 445 -42.94 -7.91 14.86
N PRO A 446 -42.02 -7.35 14.08
CA PRO A 446 -42.04 -5.90 13.81
C PRO A 446 -43.31 -5.49 13.12
N ILE A 447 -43.80 -4.30 13.47
CA ILE A 447 -45.04 -3.77 12.93
C ILE A 447 -44.83 -2.31 12.54
N SER A 448 -45.69 -1.80 11.66
CA SER A 448 -45.63 -0.41 11.23
C SER A 448 -47.05 0.12 11.14
N THR A 449 -47.32 1.22 11.85
CA THR A 449 -48.65 1.78 11.92
C THR A 449 -48.60 3.29 11.70
N LEU A 450 -49.73 3.87 11.31
CA LEU A 450 -49.89 5.30 11.12
C LEU A 450 -50.96 5.81 12.09
N HIS A 451 -50.67 6.91 12.77
CA HIS A 451 -51.55 7.40 13.83
C HIS A 451 -52.16 8.74 13.49
N ASP A 452 -53.25 9.06 14.20
CA ASP A 452 -54.06 10.23 13.85
C ASP A 452 -53.29 11.52 14.03
N GLY A 453 -52.54 11.65 15.11
CA GLY A 453 -51.73 12.83 15.37
C GLY A 453 -52.33 13.80 16.38
N ARG A 454 -53.63 13.72 16.62
CA ARG A 454 -54.30 14.56 17.61
C ARG A 454 -54.93 13.75 18.74
N THR A 455 -55.80 12.80 18.41
CA THR A 455 -56.30 11.85 19.38
C THR A 455 -55.40 10.63 19.51
N ASP A 456 -54.40 10.49 18.63
CA ASP A 456 -53.47 9.37 18.63
C ASP A 456 -54.21 8.03 18.55
N GLN A 457 -55.18 7.95 17.65
CA GLN A 457 -55.92 6.73 17.38
C GLN A 457 -55.40 6.11 16.09
N GLU A 458 -55.12 4.82 16.13
CA GLU A 458 -54.61 4.12 14.96
C GLU A 458 -55.61 4.18 13.82
N ILE A 459 -55.12 4.44 12.62
CA ILE A 459 -55.96 4.57 11.42
C ILE A 459 -55.75 3.41 10.47
N LYS A 460 -54.51 3.17 10.05
CA LYS A 460 -54.23 2.14 9.06
C LYS A 460 -52.94 1.43 9.41
N ILE A 461 -53.00 0.10 9.47
CA ILE A 461 -51.81 -0.70 9.71
C ILE A 461 -51.00 -0.78 8.42
N LEU A 462 -49.86 -0.08 8.41
CA LEU A 462 -49.04 0.00 7.20
C LEU A 462 -48.26 -1.29 6.92
N GLU A 463 -47.93 -2.06 7.94
CA GLU A 463 -47.19 -3.30 7.73
C GLU A 463 -47.38 -4.21 8.94
N GLU A 464 -47.80 -5.45 8.69
CA GLU A 464 -48.05 -6.42 9.75
C GLU A 464 -47.12 -7.63 9.73
N ASN A 465 -46.52 -7.96 8.58
CA ASN A 465 -45.63 -9.11 8.43
C ASN A 465 -46.36 -10.42 8.75
N LYS A 466 -47.41 -10.68 7.96
CA LYS A 466 -48.12 -11.96 8.07
C LYS A 466 -47.36 -13.10 7.41
N GLU A 467 -46.64 -12.82 6.32
CA GLU A 467 -45.90 -13.87 5.63
C GLU A 467 -44.81 -14.45 6.53
N LEU A 468 -44.11 -13.59 7.27
CA LEU A 468 -43.07 -14.06 8.18
C LEU A 468 -43.67 -14.95 9.27
N GLU A 469 -44.80 -14.54 9.84
CA GLU A 469 -45.44 -15.33 10.88
C GLU A 469 -45.90 -16.68 10.34
N ASN A 470 -46.45 -16.70 9.12
CA ASN A 470 -46.85 -17.97 8.52
C ASN A 470 -45.64 -18.87 8.24
N ALA A 471 -44.52 -18.29 7.81
CA ALA A 471 -43.34 -19.07 7.54
C ALA A 471 -42.63 -19.54 8.81
N LEU A 472 -42.88 -18.89 9.95
CA LEU A 472 -42.26 -19.26 11.21
C LEU A 472 -43.15 -20.16 12.07
N LYS A 473 -44.05 -20.94 11.46
CA LYS A 473 -44.90 -21.83 12.24
C LYS A 473 -44.31 -23.22 12.40
N ASN A 474 -43.33 -23.60 11.57
CA ASN A 474 -42.71 -24.92 11.67
C ASN A 474 -41.27 -24.84 12.15
N ILE A 475 -40.84 -23.69 12.67
CA ILE A 475 -39.49 -23.51 13.21
C ILE A 475 -39.62 -23.19 14.69
N GLN A 476 -38.91 -23.96 15.52
CA GLN A 476 -38.88 -23.71 16.96
C GLN A 476 -37.69 -22.80 17.29
N LEU A 477 -37.99 -21.66 17.94
CA LEU A 477 -37.00 -20.64 18.22
C LEU A 477 -36.48 -20.75 19.66
N PRO A 478 -35.23 -20.36 19.89
CA PRO A 478 -34.70 -20.36 21.25
C PRO A 478 -35.38 -19.31 22.11
N LYS A 479 -35.41 -19.57 23.41
CA LYS A 479 -36.08 -18.67 24.35
C LYS A 479 -35.12 -17.59 24.84
N GLU A 480 -35.63 -16.36 24.92
CA GLU A 480 -34.83 -15.19 25.25
C GLU A 480 -35.37 -14.53 26.50
N GLU A 481 -34.48 -14.18 27.42
CA GLU A 481 -34.86 -13.49 28.66
C GLU A 481 -33.84 -12.40 28.96
N ILE A 482 -34.28 -11.40 29.74
CA ILE A 482 -33.43 -10.31 30.18
C ILE A 482 -33.53 -10.22 31.70
N LYS A 483 -32.37 -10.21 32.38
CA LYS A 483 -32.34 -10.20 33.83
C LYS A 483 -31.14 -9.37 34.30
N LYS A 484 -30.97 -9.32 35.63
CA LYS A 484 -30.07 -8.39 36.29
C LYS A 484 -29.20 -9.12 37.31
N LEU A 485 -27.95 -8.69 37.43
CA LEU A 485 -27.03 -9.16 38.46
C LEU A 485 -26.59 -7.97 39.31
N GLU A 486 -26.43 -8.21 40.61
CA GLU A 486 -25.95 -7.21 41.56
C GLU A 486 -24.68 -7.74 42.22
N VAL A 487 -23.53 -7.18 41.83
CA VAL A 487 -22.24 -7.60 42.37
C VAL A 487 -21.48 -6.35 42.82
N ASP A 488 -21.18 -6.29 44.12
CA ASP A 488 -20.33 -5.23 44.69
C ASP A 488 -20.85 -3.84 44.35
N GLU A 489 -22.12 -3.60 44.65
CA GLU A 489 -22.80 -2.34 44.39
C GLU A 489 -22.84 -1.99 42.91
N ILE A 490 -22.59 -2.94 42.02
CA ILE A 490 -22.58 -2.73 40.58
C ILE A 490 -23.70 -3.56 39.98
N THR A 491 -24.53 -2.91 39.17
CA THR A 491 -25.67 -3.56 38.52
C THR A 491 -25.32 -3.86 37.07
N LEU A 492 -25.36 -5.14 36.72
CA LEU A 492 -25.12 -5.58 35.34
C LEU A 492 -26.42 -6.12 34.76
N TRP A 493 -26.60 -5.91 33.46
CA TRP A 493 -27.80 -6.38 32.78
C TRP A 493 -27.41 -7.39 31.72
N TYR A 494 -28.02 -8.58 31.79
CA TYR A 494 -27.63 -9.67 30.89
C TYR A 494 -28.87 -10.25 30.20
N LYS A 495 -28.72 -10.49 28.91
CA LYS A 495 -29.73 -11.17 28.10
C LYS A 495 -29.24 -12.56 27.77
N MET A 496 -30.09 -13.56 28.03
CA MET A 496 -29.75 -14.96 27.88
C MET A 496 -30.65 -15.62 26.85
N ILE A 497 -30.04 -16.39 25.96
CA ILE A 497 -30.75 -17.15 24.92
C ILE A 497 -30.46 -18.63 25.16
N LEU A 498 -31.52 -19.41 25.31
CA LEU A 498 -31.48 -20.82 25.68
C LEU A 498 -32.11 -21.69 24.61
N PRO A 499 -31.61 -22.90 24.40
CA PRO A 499 -32.16 -23.79 23.38
C PRO A 499 -33.54 -24.28 23.76
N PRO A 500 -34.35 -24.71 22.79
CA PRO A 500 -35.63 -25.32 23.11
C PRO A 500 -35.44 -26.65 23.85
N GLN A 501 -36.42 -26.97 24.69
CA GLN A 501 -36.37 -28.14 25.56
C GLN A 501 -35.13 -28.08 26.46
N PHE A 502 -35.12 -27.07 27.32
CA PHE A 502 -33.99 -26.79 28.19
C PHE A 502 -34.30 -27.30 29.59
N ASP A 503 -33.39 -28.11 30.13
CA ASP A 503 -33.53 -28.67 31.47
C ASP A 503 -32.31 -28.27 32.30
N ARG A 504 -32.55 -27.96 33.57
CA ARG A 504 -31.50 -27.46 34.46
C ARG A 504 -30.76 -28.57 35.19
N SER A 505 -31.05 -29.84 34.88
CA SER A 505 -30.36 -30.97 35.47
C SER A 505 -29.18 -31.43 34.62
N LYS A 506 -28.89 -30.75 33.52
CA LYS A 506 -27.79 -31.09 32.63
C LYS A 506 -26.79 -29.93 32.58
N LYS A 507 -25.78 -30.06 31.73
CA LYS A 507 -24.78 -29.03 31.54
C LYS A 507 -24.63 -28.70 30.07
N TYR A 508 -24.51 -27.42 29.77
CA TYR A 508 -24.38 -26.94 28.40
C TYR A 508 -23.20 -25.97 28.29
N PRO A 509 -22.56 -25.91 27.13
CA PRO A 509 -21.52 -24.91 26.91
C PRO A 509 -22.10 -23.50 26.81
N LEU A 510 -21.22 -22.51 26.96
CA LEU A 510 -21.61 -21.12 27.03
C LEU A 510 -20.85 -20.28 26.01
N LEU A 511 -21.56 -19.38 25.33
CA LEU A 511 -20.98 -18.42 24.42
C LEU A 511 -21.37 -17.02 24.86
N ILE A 512 -20.41 -16.09 24.85
CA ILE A 512 -20.62 -14.71 25.24
C ILE A 512 -20.39 -13.83 24.01
N GLN A 513 -21.30 -12.90 23.76
CA GLN A 513 -21.14 -11.91 22.71
C GLN A 513 -20.97 -10.54 23.36
N VAL A 514 -19.86 -9.87 23.04
CA VAL A 514 -19.49 -8.63 23.71
C VAL A 514 -19.22 -7.55 22.67
N TYR A 515 -19.73 -6.35 22.93
CA TYR A 515 -19.31 -5.15 22.22
C TYR A 515 -18.65 -4.15 23.17
N GLY A 516 -19.37 -3.70 24.19
CA GLY A 516 -18.79 -2.90 25.25
C GLY A 516 -18.28 -1.54 24.85
N GLY A 517 -18.64 -1.04 23.67
CA GLY A 517 -18.21 0.26 23.23
C GLY A 517 -18.79 1.36 24.10
N PRO A 518 -18.03 2.44 24.28
CA PRO A 518 -18.54 3.56 25.07
C PRO A 518 -19.78 4.16 24.45
N CYS A 519 -20.72 4.56 25.30
CA CYS A 519 -22.00 5.14 24.89
C CYS A 519 -22.78 4.20 23.97
N SER A 520 -22.77 2.90 24.31
CA SER A 520 -23.47 1.89 23.53
C SER A 520 -24.34 1.05 24.45
N GLN A 521 -25.06 0.09 23.86
CA GLN A 521 -25.90 -0.83 24.61
C GLN A 521 -26.18 -2.04 23.73
N SER A 522 -25.83 -3.23 24.20
CA SER A 522 -26.07 -4.46 23.47
C SER A 522 -27.24 -5.27 24.01
N VAL A 523 -27.83 -4.85 25.13
CA VAL A 523 -28.98 -5.55 25.70
C VAL A 523 -30.23 -4.73 25.43
N ARG A 524 -30.90 -4.99 24.32
CA ARG A 524 -32.12 -4.30 23.93
C ARG A 524 -33.17 -5.31 23.54
N SER A 525 -34.44 -4.92 23.70
CA SER A 525 -35.56 -5.78 23.34
C SER A 525 -35.88 -5.57 21.86
N VAL A 526 -35.14 -6.27 21.00
CA VAL A 526 -35.31 -6.19 19.56
C VAL A 526 -35.48 -7.60 19.01
N PHE A 527 -36.11 -7.69 17.84
CA PHE A 527 -36.38 -8.95 17.17
C PHE A 527 -35.32 -9.15 16.08
N ALA A 528 -34.68 -10.32 16.09
CA ALA A 528 -33.70 -10.65 15.07
C ALA A 528 -33.50 -12.15 15.03
N VAL A 529 -33.47 -12.70 13.82
CA VAL A 529 -33.11 -14.10 13.59
C VAL A 529 -31.74 -14.10 12.93
N ASN A 530 -30.72 -14.49 13.67
CA ASN A 530 -29.34 -14.30 13.25
C ASN A 530 -28.54 -15.54 13.61
N TRP A 531 -27.20 -15.40 13.58
CA TRP A 531 -26.31 -16.52 13.80
C TRP A 531 -26.46 -17.09 15.21
N ILE A 532 -26.69 -16.23 16.19
CA ILE A 532 -26.86 -16.66 17.58
C ILE A 532 -28.07 -17.58 17.70
N SER A 533 -29.17 -17.21 17.05
CA SER A 533 -30.37 -18.03 17.07
C SER A 533 -30.10 -19.40 16.46
N TYR A 534 -29.31 -19.45 15.38
CA TYR A 534 -28.96 -20.73 14.77
C TYR A 534 -28.11 -21.57 15.73
N LEU A 535 -27.15 -20.95 16.40
CA LEU A 535 -26.29 -21.71 17.32
C LEU A 535 -27.09 -22.25 18.50
N ALA A 536 -28.03 -21.47 19.02
CA ALA A 536 -28.81 -21.93 20.17
C ALA A 536 -29.87 -22.94 19.77
N SER A 537 -30.47 -22.77 18.58
CA SER A 537 -31.61 -23.60 18.19
C SER A 537 -31.16 -25.00 17.78
N LYS A 538 -30.05 -25.11 17.07
CA LYS A 538 -29.64 -26.38 16.49
C LYS A 538 -28.52 -27.07 17.26
N GLU A 539 -27.53 -26.33 17.74
CA GLU A 539 -26.36 -26.90 18.38
C GLU A 539 -26.49 -27.01 19.90
N GLY A 540 -27.57 -26.51 20.47
CA GLY A 540 -27.80 -26.62 21.90
C GLY A 540 -26.82 -25.87 22.79
N MET A 541 -26.46 -24.64 22.40
CA MET A 541 -25.59 -23.79 23.20
C MET A 541 -26.41 -22.71 23.90
N VAL A 542 -25.85 -22.19 24.99
CA VAL A 542 -26.44 -21.09 25.74
C VAL A 542 -25.66 -19.83 25.43
N ILE A 543 -26.34 -18.79 24.95
CA ILE A 543 -25.68 -17.56 24.55
C ILE A 543 -26.05 -16.47 25.54
N ALA A 544 -25.11 -15.53 25.76
CA ALA A 544 -25.33 -14.46 26.71
C ALA A 544 -24.68 -13.17 26.24
N LEU A 545 -25.37 -12.06 26.50
CA LEU A 545 -24.82 -10.71 26.34
C LEU A 545 -24.88 -10.01 27.70
N VAL A 546 -23.82 -9.27 28.04
CA VAL A 546 -23.70 -8.60 29.33
C VAL A 546 -23.34 -7.14 29.12
N ASP A 547 -24.02 -6.26 29.83
CA ASP A 547 -23.72 -4.83 29.84
C ASP A 547 -23.45 -4.38 31.26
N GLY A 548 -22.35 -3.67 31.45
CA GLY A 548 -21.94 -3.15 32.75
C GLY A 548 -21.61 -1.67 32.65
N ARG A 549 -20.54 -1.28 33.32
CA ARG A 549 -20.13 0.12 33.37
C ARG A 549 -19.35 0.49 32.11
N GLY A 550 -19.46 1.76 31.74
CA GLY A 550 -18.94 2.26 30.48
C GLY A 550 -19.96 2.34 29.36
N THR A 551 -21.11 1.69 29.53
CA THR A 551 -22.19 1.77 28.55
C THR A 551 -23.12 2.94 28.89
N ALA A 552 -24.17 3.09 28.11
CA ALA A 552 -25.03 4.27 28.21
C ALA A 552 -26.42 3.89 28.70
N PHE A 553 -27.24 4.92 28.92
CA PHE A 553 -28.67 4.80 29.21
C PHE A 553 -28.94 4.21 30.59
N GLN A 554 -28.03 4.40 31.54
CA GLN A 554 -28.28 4.00 32.92
C GLN A 554 -27.88 5.03 33.96
N GLY A 555 -27.09 6.04 33.61
CA GLY A 555 -26.63 7.02 34.56
C GLY A 555 -25.34 7.64 34.12
N ASP A 556 -24.86 8.59 34.93
CA ASP A 556 -23.63 9.31 34.60
C ASP A 556 -22.39 8.65 35.19
N LYS A 557 -22.50 8.13 36.42
CA LYS A 557 -21.36 7.44 37.04
C LYS A 557 -20.97 6.22 36.22
N LEU A 558 -21.96 5.43 35.80
CA LEU A 558 -21.69 4.25 35.00
C LEU A 558 -21.03 4.63 33.68
N LEU A 559 -21.50 5.71 33.05
CA LEU A 559 -20.97 6.11 31.76
C LEU A 559 -19.54 6.63 31.86
N TYR A 560 -19.26 7.45 32.87
CA TYR A 560 -17.96 8.11 32.98
C TYR A 560 -16.95 7.35 33.83
N ALA A 561 -17.32 6.19 34.38
CA ALA A 561 -16.33 5.37 35.09
C ALA A 561 -15.21 4.91 34.19
N VAL A 562 -15.44 4.88 32.86
CA VAL A 562 -14.44 4.41 31.91
C VAL A 562 -13.61 5.56 31.33
N TYR A 563 -13.83 6.79 31.80
CA TYR A 563 -13.14 7.94 31.26
C TYR A 563 -11.63 7.81 31.46
N ARG A 564 -10.88 8.06 30.38
CA ARG A 564 -9.43 8.06 30.36
C ARG A 564 -8.83 6.71 30.73
N LYS A 565 -9.65 5.67 30.85
CA LYS A 565 -9.19 4.31 31.17
C LYS A 565 -10.04 3.34 30.34
N LEU A 566 -9.54 2.99 29.17
CA LEU A 566 -10.23 2.07 28.27
C LEU A 566 -9.56 0.70 28.32
N GLY A 567 -10.36 -0.33 28.56
CA GLY A 567 -9.88 -1.69 28.57
C GLY A 567 -9.59 -2.28 29.95
N VAL A 568 -10.29 -1.83 30.98
CA VAL A 568 -10.07 -2.35 32.33
C VAL A 568 -11.37 -2.89 32.90
N TYR A 569 -12.39 -2.04 32.98
CA TYR A 569 -13.62 -2.41 33.66
C TYR A 569 -14.48 -3.39 32.85
N GLU A 570 -14.45 -3.30 31.52
CA GLU A 570 -15.26 -4.19 30.70
C GLU A 570 -14.86 -5.65 30.91
N VAL A 571 -13.55 -5.92 30.93
CA VAL A 571 -13.07 -7.28 31.13
C VAL A 571 -13.49 -7.80 32.50
N GLU A 572 -13.37 -6.96 33.53
CA GLU A 572 -13.78 -7.36 34.87
C GLU A 572 -15.27 -7.68 34.92
N ASP A 573 -16.10 -6.86 34.26
CA ASP A 573 -17.53 -7.12 34.25
C ASP A 573 -17.84 -8.43 33.54
N GLN A 574 -17.18 -8.70 32.41
CA GLN A 574 -17.41 -9.95 31.70
C GLN A 574 -17.02 -11.15 32.55
N ILE A 575 -15.87 -11.08 33.22
CA ILE A 575 -15.41 -12.20 34.04
C ILE A 575 -16.33 -12.42 35.22
N THR A 576 -16.79 -11.33 35.85
CA THR A 576 -17.73 -11.47 36.96
C THR A 576 -19.03 -12.13 36.50
N ALA A 577 -19.55 -11.71 35.35
CA ALA A 577 -20.78 -12.32 34.83
C ALA A 577 -20.57 -13.80 34.53
N VAL A 578 -19.42 -14.15 33.95
CA VAL A 578 -19.15 -15.55 33.64
C VAL A 578 -19.08 -16.39 34.91
N ARG A 579 -18.42 -15.87 35.95
CA ARG A 579 -18.33 -16.60 37.21
C ARG A 579 -19.70 -16.78 37.84
N LYS A 580 -20.54 -15.74 37.80
CA LYS A 580 -21.90 -15.90 38.34
C LYS A 580 -22.69 -16.93 37.54
N PHE A 581 -22.52 -16.94 36.21
CA PHE A 581 -23.21 -17.93 35.40
C PHE A 581 -22.77 -19.34 35.75
N ILE A 582 -21.47 -19.54 35.97
CA ILE A 582 -20.99 -20.86 36.39
C ILE A 582 -21.58 -21.24 37.75
N GLU A 583 -21.62 -20.29 38.68
CA GLU A 583 -22.21 -20.56 39.99
C GLU A 583 -23.71 -20.83 39.91
N MET A 584 -24.37 -20.42 38.83
CA MET A 584 -25.81 -20.66 38.70
C MET A 584 -26.12 -22.15 38.69
N GLY A 585 -25.35 -22.94 37.93
CA GLY A 585 -25.38 -24.39 38.04
C GLY A 585 -25.44 -25.18 36.75
N PHE A 586 -25.95 -24.63 35.64
CA PHE A 586 -26.18 -25.43 34.44
C PHE A 586 -25.19 -25.13 33.32
N ILE A 587 -23.98 -24.67 33.66
CA ILE A 587 -22.99 -24.27 32.66
C ILE A 587 -21.76 -25.14 32.84
N ASP A 588 -21.29 -25.72 31.74
CA ASP A 588 -20.06 -26.50 31.76
C ASP A 588 -18.86 -25.56 31.93
N GLU A 589 -18.11 -25.74 33.01
CA GLU A 589 -16.96 -24.90 33.29
C GLU A 589 -15.77 -25.21 32.40
N LYS A 590 -15.83 -26.28 31.61
CA LYS A 590 -14.76 -26.63 30.69
C LYS A 590 -15.03 -26.17 29.26
N ARG A 591 -16.14 -25.49 29.01
CA ARG A 591 -16.53 -25.05 27.66
C ARG A 591 -17.17 -23.67 27.74
N ILE A 592 -16.36 -22.62 27.57
CA ILE A 592 -16.82 -21.24 27.55
C ILE A 592 -16.08 -20.49 26.46
N ALA A 593 -16.80 -19.67 25.68
CA ALA A 593 -16.20 -18.92 24.59
C ALA A 593 -16.75 -17.50 24.57
N ILE A 594 -16.05 -16.62 23.83
CA ILE A 594 -16.39 -15.21 23.75
C ILE A 594 -16.05 -14.68 22.37
N TRP A 595 -16.84 -13.74 21.88
CA TRP A 595 -16.57 -13.12 20.58
C TRP A 595 -17.18 -11.72 20.52
N GLY A 596 -16.67 -10.93 19.58
CA GLY A 596 -17.12 -9.56 19.39
C GLY A 596 -16.64 -9.01 18.06
N TRP A 597 -16.99 -7.76 17.79
CA TRP A 597 -16.72 -7.13 16.50
C TRP A 597 -16.37 -5.65 16.68
N SER A 598 -15.12 -5.31 16.42
CA SER A 598 -14.55 -3.97 16.19
C SER A 598 -14.42 -3.13 17.46
N TYR A 599 -15.07 -3.49 18.55
CA TYR A 599 -14.68 -3.05 19.89
C TYR A 599 -14.77 -4.26 20.79
N GLY A 600 -15.65 -5.19 20.39
CA GLY A 600 -15.69 -6.49 21.03
C GLY A 600 -14.51 -7.36 20.68
N GLY A 601 -13.84 -7.06 19.56
CA GLY A 601 -12.57 -7.72 19.29
C GLY A 601 -11.51 -7.34 20.31
N TYR A 602 -11.42 -6.05 20.61
CA TYR A 602 -10.49 -5.56 21.64
C TYR A 602 -10.78 -6.18 23.00
N VAL A 603 -12.05 -6.14 23.41
CA VAL A 603 -12.43 -6.69 24.71
C VAL A 603 -12.24 -8.20 24.73
N SER A 604 -12.55 -8.88 23.63
CA SER A 604 -12.38 -10.33 23.58
C SER A 604 -10.91 -10.73 23.66
N SER A 605 -10.04 -10.00 22.98
CA SER A 605 -8.61 -10.27 23.09
C SER A 605 -8.07 -9.97 24.49
N LEU A 606 -8.56 -8.91 25.14
CA LEU A 606 -8.09 -8.63 26.50
C LEU A 606 -8.61 -9.64 27.50
N ALA A 607 -9.86 -10.10 27.34
CA ALA A 607 -10.43 -11.06 28.28
C ALA A 607 -9.88 -12.46 28.08
N LEU A 608 -9.56 -12.85 26.84
CA LEU A 608 -8.99 -14.17 26.63
C LEU A 608 -7.61 -14.31 27.25
N ALA A 609 -6.84 -13.22 27.29
CA ALA A 609 -5.49 -13.21 27.85
C ALA A 609 -5.43 -12.56 29.22
N SER A 610 -6.47 -12.74 30.04
CA SER A 610 -6.49 -12.19 31.38
C SER A 610 -5.85 -13.11 32.42
N GLY A 611 -5.53 -14.35 32.06
CA GLY A 611 -4.87 -15.26 32.96
C GLY A 611 -5.77 -15.93 33.97
N THR A 612 -7.08 -15.71 33.91
CA THR A 612 -7.98 -16.32 34.87
C THR A 612 -8.35 -17.76 34.52
N GLY A 613 -8.11 -18.17 33.28
CA GLY A 613 -8.40 -19.53 32.88
C GLY A 613 -9.86 -19.85 32.66
N LEU A 614 -10.74 -18.84 32.66
CA LEU A 614 -12.17 -19.11 32.48
C LEU A 614 -12.48 -19.49 31.04
N PHE A 615 -11.91 -18.79 30.08
CA PHE A 615 -12.27 -18.97 28.68
C PHE A 615 -11.42 -20.06 28.03
N LYS A 616 -12.01 -20.71 27.03
CA LYS A 616 -11.38 -21.78 26.27
C LYS A 616 -10.97 -21.36 24.87
N CYS A 617 -11.86 -20.68 24.15
CA CYS A 617 -11.56 -20.17 22.82
C CYS A 617 -12.18 -18.79 22.66
N GLY A 618 -11.64 -18.00 21.74
CA GLY A 618 -12.13 -16.66 21.50
C GLY A 618 -11.96 -16.26 20.05
N ILE A 619 -12.82 -15.35 19.61
CA ILE A 619 -12.84 -14.86 18.24
C ILE A 619 -12.82 -13.34 18.25
N ALA A 620 -11.92 -12.76 17.46
CA ALA A 620 -11.84 -11.30 17.30
C ALA A 620 -11.90 -10.97 15.82
N VAL A 621 -12.85 -10.11 15.45
CA VAL A 621 -13.07 -9.73 14.05
C VAL A 621 -12.84 -8.23 13.93
N ALA A 622 -11.85 -7.84 13.13
CA ALA A 622 -11.51 -6.45 12.90
C ALA A 622 -11.35 -5.64 14.20
N PRO A 623 -10.42 -6.03 15.06
CA PRO A 623 -10.28 -5.35 16.36
C PRO A 623 -9.39 -4.11 16.26
N VAL A 624 -9.33 -3.39 17.37
CA VAL A 624 -8.41 -2.27 17.54
C VAL A 624 -7.28 -2.75 18.44
N SER A 625 -6.05 -2.72 17.93
CA SER A 625 -4.91 -3.18 18.71
C SER A 625 -4.42 -2.10 19.66
N SER A 626 -4.21 -0.89 19.15
CA SER A 626 -3.74 0.23 19.95
C SER A 626 -4.59 1.46 19.67
N TRP A 627 -4.70 2.34 20.66
CA TRP A 627 -5.51 3.53 20.53
C TRP A 627 -4.79 4.66 19.80
N GLU A 628 -3.52 4.50 19.47
CA GLU A 628 -2.80 5.49 18.69
C GLU A 628 -2.94 5.27 17.19
N TYR A 629 -3.67 4.25 16.76
CA TYR A 629 -3.88 3.95 15.36
C TYR A 629 -5.26 4.33 14.86
N TYR A 630 -6.07 4.98 15.68
CA TYR A 630 -7.45 5.28 15.33
C TYR A 630 -7.65 6.79 15.20
N ALA A 631 -8.87 7.18 14.81
CA ALA A 631 -9.17 8.57 14.49
C ALA A 631 -9.03 9.45 15.73
N SER A 632 -8.69 10.72 15.49
CA SER A 632 -8.41 11.63 16.60
C SER A 632 -9.65 11.91 17.43
N VAL A 633 -10.80 12.13 16.78
CA VAL A 633 -12.01 12.55 17.49
C VAL A 633 -12.42 11.48 18.50
N TYR A 634 -12.69 10.28 18.02
CA TYR A 634 -13.19 9.21 18.89
C TYR A 634 -12.17 8.85 19.96
N THR A 635 -10.89 8.75 19.59
CA THR A 635 -9.87 8.36 20.56
C THR A 635 -9.73 9.40 21.66
N GLU A 636 -9.59 10.67 21.27
CA GLU A 636 -9.35 11.73 22.25
C GLU A 636 -10.60 12.12 23.02
N ARG A 637 -11.78 11.70 22.57
CA ARG A 637 -13.00 12.03 23.32
C ARG A 637 -13.05 11.29 24.65
N PHE A 638 -12.50 10.07 24.72
CA PHE A 638 -12.57 9.25 25.92
C PHE A 638 -11.22 8.95 26.56
N MET A 639 -10.11 9.24 25.88
CA MET A 639 -8.78 8.96 26.42
C MET A 639 -8.01 10.22 26.81
N GLY A 640 -7.85 11.16 25.89
CA GLY A 640 -7.03 12.34 26.10
C GLY A 640 -5.85 12.37 25.16
N LEU A 641 -5.03 13.41 25.33
CA LEU A 641 -3.89 13.60 24.45
C LEU A 641 -2.80 12.58 24.76
N PRO A 642 -2.12 12.05 23.73
CA PRO A 642 -1.00 11.14 23.93
C PRO A 642 0.33 11.84 24.19
N THR A 643 0.30 12.86 25.06
CA THR A 643 1.47 13.63 25.42
C THR A 643 1.99 13.18 26.78
N LYS A 644 3.29 13.40 27.00
CA LYS A 644 3.91 12.98 28.25
C LYS A 644 3.33 13.72 29.45
N ASP A 645 2.62 14.82 29.22
CA ASP A 645 2.05 15.60 30.29
C ASP A 645 0.63 15.18 30.65
N ASP A 646 -0.11 14.53 29.76
CA ASP A 646 -1.52 14.28 29.99
C ASP A 646 -1.87 12.81 30.15
N ASN A 647 -1.68 11.97 29.11
CA ASN A 647 -2.15 10.59 29.22
C ASN A 647 -1.27 9.59 28.48
N LEU A 648 0.01 9.89 28.29
CA LEU A 648 0.87 8.97 27.55
C LEU A 648 1.08 7.65 28.30
N GLU A 649 0.91 7.66 29.63
CA GLU A 649 1.16 6.44 30.40
C GLU A 649 0.17 5.34 30.06
N HIS A 650 -1.12 5.67 29.98
CA HIS A 650 -2.14 4.66 29.73
C HIS A 650 -2.21 4.23 28.28
N TYR A 651 -1.71 5.04 27.35
CA TYR A 651 -1.68 4.64 25.95
C TYR A 651 -0.80 3.42 25.75
N LYS A 652 0.36 3.39 26.41
CA LYS A 652 1.31 2.29 26.28
C LYS A 652 0.98 1.10 27.15
N ASN A 653 0.07 1.25 28.11
CA ASN A 653 -0.29 0.20 29.05
C ASN A 653 -1.63 -0.44 28.75
N SER A 654 -2.26 -0.10 27.63
CA SER A 654 -3.59 -0.58 27.28
C SER A 654 -3.63 -1.07 25.84
N THR A 655 -2.62 -1.87 25.47
CA THR A 655 -2.54 -2.44 24.14
C THR A 655 -2.61 -3.96 24.21
N VAL A 656 -3.18 -4.57 23.18
CA VAL A 656 -3.28 -6.02 23.14
C VAL A 656 -1.90 -6.65 23.01
N MET A 657 -0.98 -5.99 22.31
CA MET A 657 0.35 -6.53 22.11
C MET A 657 1.13 -6.67 23.42
N ALA A 658 0.67 -6.02 24.49
CA ALA A 658 1.30 -6.16 25.79
C ALA A 658 0.89 -7.43 26.53
N ARG A 659 -0.08 -8.17 26.01
CA ARG A 659 -0.58 -9.39 26.65
C ARG A 659 -0.20 -10.64 25.86
N ALA A 660 0.77 -10.53 24.95
CA ALA A 660 1.06 -11.62 24.01
C ALA A 660 1.49 -12.90 24.73
N GLU A 661 2.03 -12.79 25.94
CA GLU A 661 2.48 -13.97 26.67
C GLU A 661 1.33 -14.72 27.34
N TYR A 662 0.14 -14.14 27.42
CA TYR A 662 -0.98 -14.78 28.09
C TYR A 662 -1.94 -15.48 27.13
N PHE A 663 -1.56 -15.60 25.87
CA PHE A 663 -2.34 -16.35 24.88
C PHE A 663 -1.89 -17.79 24.75
N ARG A 664 -0.99 -18.26 25.61
CA ARG A 664 -0.30 -19.52 25.36
C ARG A 664 -1.18 -20.72 25.60
N ASN A 665 -2.19 -20.61 26.47
CA ASN A 665 -3.04 -21.74 26.82
C ASN A 665 -4.49 -21.51 26.41
N VAL A 666 -4.72 -20.83 25.29
CA VAL A 666 -6.06 -20.54 24.80
C VAL A 666 -6.09 -20.71 23.29
N ASP A 667 -7.30 -20.66 22.73
CA ASP A 667 -7.52 -20.71 21.30
C ASP A 667 -7.98 -19.34 20.81
N TYR A 668 -7.38 -18.87 19.72
CA TYR A 668 -7.61 -17.50 19.25
C TYR A 668 -7.77 -17.49 17.75
N LEU A 669 -8.76 -16.73 17.27
CA LEU A 669 -9.01 -16.55 15.85
C LEU A 669 -9.06 -15.06 15.53
N LEU A 670 -8.30 -14.64 14.51
CA LEU A 670 -8.17 -13.24 14.14
C LEU A 670 -8.59 -13.06 12.69
N ILE A 671 -9.51 -12.13 12.45
CA ILE A 671 -10.08 -11.90 11.13
C ILE A 671 -10.13 -10.40 10.86
N HIS A 672 -9.68 -10.00 9.67
CA HIS A 672 -9.67 -8.59 9.28
C HIS A 672 -9.74 -8.49 7.76
N GLY A 673 -10.18 -7.32 7.30
CA GLY A 673 -10.26 -7.03 5.87
C GLY A 673 -9.08 -6.20 5.41
N THR A 674 -8.63 -6.45 4.18
CA THR A 674 -7.42 -5.80 3.67
C THR A 674 -7.65 -4.32 3.38
N ALA A 675 -8.75 -3.99 2.72
CA ALA A 675 -9.02 -2.63 2.28
C ALA A 675 -9.94 -1.86 3.22
N ASP A 676 -9.83 -2.12 4.53
CA ASP A 676 -10.64 -1.42 5.50
C ASP A 676 -10.16 0.02 5.66
N ASP A 677 -11.09 0.95 5.67
CA ASP A 677 -10.78 2.37 5.82
C ASP A 677 -11.10 2.91 7.20
N ASN A 678 -11.88 2.19 8.01
CA ASN A 678 -12.25 2.64 9.34
C ASN A 678 -11.28 2.13 10.39
N VAL A 679 -11.14 0.81 10.51
CA VAL A 679 -10.13 0.18 11.35
C VAL A 679 -9.12 -0.47 10.42
N HIS A 680 -7.92 0.08 10.40
CA HIS A 680 -6.93 -0.30 9.40
C HIS A 680 -6.40 -1.70 9.65
N PHE A 681 -5.86 -2.30 8.59
CA PHE A 681 -5.26 -3.63 8.68
C PHE A 681 -4.03 -3.65 9.56
N GLN A 682 -3.44 -2.48 9.85
CA GLN A 682 -2.23 -2.43 10.66
C GLN A 682 -2.48 -2.91 12.08
N ASN A 683 -3.70 -2.78 12.59
CA ASN A 683 -4.00 -3.28 13.93
C ASN A 683 -3.80 -4.78 14.01
N SER A 684 -4.43 -5.53 13.09
CA SER A 684 -4.25 -6.97 13.06
C SER A 684 -2.82 -7.35 12.69
N ALA A 685 -2.17 -6.56 11.84
CA ALA A 685 -0.78 -6.84 11.50
C ALA A 685 0.11 -6.77 12.74
N GLN A 686 -0.08 -5.74 13.56
CA GLN A 686 0.72 -5.60 14.78
C GLN A 686 0.39 -6.71 15.78
N ILE A 687 -0.88 -7.08 15.90
CA ILE A 687 -1.25 -8.16 16.80
C ILE A 687 -0.57 -9.46 16.38
N ALA A 688 -0.60 -9.75 15.08
CA ALA A 688 0.03 -10.98 14.58
C ALA A 688 1.54 -10.95 14.80
N LYS A 689 2.18 -9.80 14.56
CA LYS A 689 3.62 -9.71 14.77
C LYS A 689 3.98 -9.91 16.23
N ALA A 690 3.20 -9.32 17.14
CA ALA A 690 3.45 -9.49 18.56
C ALA A 690 3.29 -10.94 18.98
N LEU A 691 2.26 -11.62 18.47
CA LEU A 691 2.09 -13.03 18.82
C LEU A 691 3.19 -13.91 18.23
N VAL A 692 3.68 -13.57 17.03
CA VAL A 692 4.78 -14.33 16.45
C VAL A 692 6.05 -14.16 17.29
N ASN A 693 6.33 -12.93 17.72
CA ASN A 693 7.55 -12.71 18.50
C ASN A 693 7.51 -13.40 19.86
N ALA A 694 6.32 -13.64 20.40
CA ALA A 694 6.17 -14.32 21.69
C ALA A 694 6.03 -15.82 21.56
N GLN A 695 6.07 -16.36 20.34
CA GLN A 695 5.94 -17.79 20.09
C GLN A 695 4.63 -18.34 20.64
N VAL A 696 3.53 -17.81 20.10
CA VAL A 696 2.19 -18.23 20.48
C VAL A 696 1.43 -18.62 19.22
N ASP A 697 0.73 -19.75 19.27
CA ASP A 697 0.01 -20.29 18.12
C ASP A 697 -1.40 -19.72 18.06
N PHE A 698 -1.86 -19.41 16.85
CA PHE A 698 -3.17 -18.83 16.64
C PHE A 698 -3.58 -19.07 15.19
N GLN A 699 -4.84 -18.77 14.90
CA GLN A 699 -5.41 -18.94 13.57
C GLN A 699 -5.89 -17.59 13.03
N ALA A 700 -5.83 -17.44 11.71
CA ALA A 700 -6.10 -16.15 11.08
C ALA A 700 -6.86 -16.35 9.77
N MET A 701 -7.44 -15.26 9.29
CA MET A 701 -8.18 -15.24 8.04
C MET A 701 -8.33 -13.79 7.59
N TRP A 702 -8.10 -13.54 6.29
CA TRP A 702 -8.25 -12.21 5.72
C TRP A 702 -9.16 -12.26 4.51
N TYR A 703 -9.74 -11.11 4.18
CA TYR A 703 -10.62 -10.97 3.03
C TYR A 703 -10.11 -9.83 2.17
N SER A 704 -9.84 -10.11 0.90
CA SER A 704 -9.21 -9.15 0.00
C SER A 704 -10.22 -8.15 -0.53
N ASP A 705 -9.80 -6.88 -0.57
CA ASP A 705 -10.60 -5.80 -1.14
C ASP A 705 -11.97 -5.69 -0.49
N GLN A 706 -12.03 -5.91 0.82
CA GLN A 706 -13.28 -5.86 1.57
C GLN A 706 -13.21 -4.77 2.63
N ASN A 707 -14.29 -4.02 2.74
CA ASN A 707 -14.37 -2.90 3.66
C ASN A 707 -14.65 -3.41 5.08
N HIS A 708 -15.06 -2.50 5.96
CA HIS A 708 -15.32 -2.86 7.36
C HIS A 708 -16.50 -3.80 7.50
N GLY A 709 -17.51 -3.69 6.62
CA GLY A 709 -18.72 -4.46 6.78
C GLY A 709 -18.66 -5.89 6.26
N LEU A 710 -17.74 -6.17 5.34
CA LEU A 710 -17.60 -7.50 4.73
C LEU A 710 -18.90 -7.95 4.09
N SER A 711 -19.32 -7.19 3.07
CA SER A 711 -20.58 -7.43 2.38
C SER A 711 -20.41 -8.44 1.26
N GLY A 712 -21.47 -9.18 0.97
CA GLY A 712 -21.47 -10.14 -0.11
C GLY A 712 -21.32 -11.57 0.36
N LEU A 713 -20.61 -12.39 -0.43
CA LEU A 713 -20.33 -13.76 -0.04
C LEU A 713 -19.30 -13.85 1.09
N SER A 714 -18.59 -12.77 1.36
CA SER A 714 -17.65 -12.74 2.48
C SER A 714 -18.36 -12.99 3.80
N THR A 715 -19.59 -12.49 3.95
CA THR A 715 -20.34 -12.75 5.18
C THR A 715 -20.64 -14.23 5.35
N ASN A 716 -21.05 -14.89 4.27
CA ASN A 716 -21.32 -16.33 4.34
C ASN A 716 -20.06 -17.09 4.70
N HIS A 717 -18.94 -16.76 4.05
CA HIS A 717 -17.68 -17.43 4.34
C HIS A 717 -17.27 -17.23 5.79
N LEU A 718 -17.39 -15.99 6.29
CA LEU A 718 -17.01 -15.67 7.66
C LEU A 718 -17.85 -16.47 8.65
N TYR A 719 -19.16 -16.51 8.45
CA TYR A 719 -20.02 -17.19 9.41
C TYR A 719 -19.82 -18.70 9.38
N THR A 720 -19.59 -19.27 8.19
CA THR A 720 -19.29 -20.70 8.12
C THR A 720 -17.99 -21.02 8.85
N HIS A 721 -16.96 -20.22 8.65
CA HIS A 721 -15.68 -20.46 9.32
C HIS A 721 -15.82 -20.35 10.83
N MET A 722 -16.54 -19.34 11.31
CA MET A 722 -16.74 -19.17 12.75
C MET A 722 -17.54 -20.33 13.33
N THR A 723 -18.56 -20.79 12.61
CA THR A 723 -19.33 -21.93 13.09
C THR A 723 -18.46 -23.19 13.19
N HIS A 724 -17.61 -23.43 12.19
CA HIS A 724 -16.71 -24.58 12.28
C HIS A 724 -15.78 -24.45 13.48
N PHE A 725 -15.23 -23.26 13.70
CA PHE A 725 -14.32 -23.04 14.84
C PHE A 725 -15.03 -23.33 16.16
N LEU A 726 -16.25 -22.82 16.32
CA LEU A 726 -16.98 -23.02 17.57
C LEU A 726 -17.36 -24.48 17.76
N LYS A 727 -17.76 -25.17 16.68
CA LYS A 727 -18.11 -26.59 16.81
C LYS A 727 -16.89 -27.41 17.22
N GLN A 728 -15.72 -27.10 16.65
CA GLN A 728 -14.53 -27.85 17.02
C GLN A 728 -14.07 -27.52 18.44
N CYS A 729 -14.26 -26.27 18.88
CA CYS A 729 -13.83 -25.89 20.22
C CYS A 729 -14.64 -26.61 21.29
N PHE A 730 -15.95 -26.76 21.08
CA PHE A 730 -16.83 -27.34 22.09
C PHE A 730 -17.04 -28.84 21.93
N SER A 731 -16.37 -29.47 20.97
CA SER A 731 -16.53 -30.91 20.75
C SER A 731 -15.96 -31.70 21.91
N MET B 13 18.12 -44.27 20.42
CA MET B 13 17.40 -44.39 21.68
C MET B 13 16.33 -43.31 21.81
N ARG B 14 16.55 -42.19 21.14
CA ARG B 14 15.58 -41.11 21.07
C ARG B 14 15.43 -40.65 19.63
N ALA B 15 14.25 -40.12 19.32
CA ALA B 15 13.95 -39.63 17.99
C ALA B 15 14.11 -38.11 17.94
N LEU B 16 13.97 -37.55 16.74
CA LEU B 16 14.09 -36.11 16.55
C LEU B 16 12.89 -35.38 17.13
N THR B 17 13.12 -34.13 17.54
CA THR B 17 12.08 -33.25 18.04
C THR B 17 12.07 -31.98 17.19
N LEU B 18 10.99 -31.21 17.32
CA LEU B 18 10.86 -29.99 16.53
C LEU B 18 11.87 -28.94 16.96
N LYS B 19 12.29 -28.97 18.22
CA LYS B 19 13.30 -28.02 18.70
C LYS B 19 14.65 -28.25 18.01
N ASP B 20 15.03 -29.51 17.80
CA ASP B 20 16.28 -29.81 17.11
C ASP B 20 16.28 -29.29 15.67
N ILE B 21 15.11 -29.07 15.10
CA ILE B 21 15.02 -28.54 13.73
C ILE B 21 14.94 -27.02 13.74
N LEU B 22 14.16 -26.45 14.66
CA LEU B 22 14.04 -24.99 14.73
C LEU B 22 15.36 -24.36 15.20
N ASN B 23 15.92 -24.89 16.28
CA ASN B 23 17.25 -24.52 16.71
C ASN B 23 18.26 -25.42 16.00
N GLY B 24 19.29 -24.81 15.41
CA GLY B 24 20.21 -25.57 14.58
C GLY B 24 21.12 -26.47 15.37
N THR B 25 20.55 -27.49 16.01
CA THR B 25 21.35 -28.42 16.80
C THR B 25 22.27 -29.26 15.92
N PHE B 26 21.78 -29.69 14.76
CA PHE B 26 22.55 -30.53 13.84
C PHE B 26 22.74 -29.75 12.54
N SER B 27 23.76 -28.91 12.52
CA SER B 27 24.10 -28.11 11.35
C SER B 27 25.59 -28.25 11.08
N TYR B 28 25.95 -28.67 9.88
CA TYR B 28 27.33 -28.95 9.55
C TYR B 28 28.08 -27.64 9.27
N LYS B 29 29.38 -27.78 8.98
CA LYS B 29 30.24 -26.65 8.70
C LYS B 29 30.98 -26.88 7.40
N THR B 30 31.22 -25.80 6.67
CA THR B 30 31.96 -25.84 5.42
C THR B 30 33.14 -24.88 5.49
N PHE B 31 34.21 -25.23 4.80
CA PHE B 31 35.44 -24.44 4.80
C PHE B 31 35.75 -23.99 3.38
N PHE B 32 35.54 -22.70 3.13
CA PHE B 32 35.88 -22.07 1.85
C PHE B 32 37.06 -21.14 2.05
N PRO B 33 38.26 -21.52 1.63
CA PRO B 33 39.41 -20.63 1.80
C PRO B 33 39.22 -19.32 1.03
N ASN B 34 39.63 -18.22 1.65
CA ASN B 34 39.58 -16.90 1.02
C ASN B 34 40.93 -16.66 0.36
N TRP B 35 41.08 -17.21 -0.84
CA TRP B 35 42.37 -17.22 -1.51
C TRP B 35 42.85 -15.80 -1.81
N ILE B 36 44.09 -15.52 -1.44
CA ILE B 36 44.75 -14.24 -1.73
C ILE B 36 45.99 -14.42 -2.58
N SER B 37 46.38 -15.64 -2.88
CA SER B 37 47.50 -15.92 -3.77
C SER B 37 47.41 -17.38 -4.20
N GLY B 38 48.39 -17.81 -4.98
CA GLY B 38 48.41 -19.19 -5.43
C GLY B 38 48.87 -20.20 -4.40
N GLN B 39 49.34 -19.74 -3.25
CA GLN B 39 49.81 -20.64 -2.21
C GLN B 39 49.43 -20.20 -0.79
N GLU B 40 48.64 -19.16 -0.63
CA GLU B 40 48.26 -18.65 0.68
C GLU B 40 46.77 -18.36 0.71
N TYR B 41 46.21 -18.36 1.92
CA TYR B 41 44.79 -18.03 2.05
C TYR B 41 44.50 -17.54 3.46
N LEU B 42 43.49 -16.71 3.58
CA LEU B 42 43.08 -16.14 4.86
C LEU B 42 41.90 -16.90 5.44
N HIS B 43 41.74 -16.78 6.75
CA HIS B 43 40.60 -17.38 7.43
C HIS B 43 40.29 -16.59 8.69
N GLN B 44 39.08 -16.77 9.21
CA GLN B 44 38.66 -16.15 10.46
C GLN B 44 38.50 -17.24 11.51
N SER B 45 39.28 -17.15 12.59
CA SER B 45 39.26 -18.15 13.64
C SER B 45 38.04 -17.95 14.55
N ALA B 46 37.91 -18.84 15.53
CA ALA B 46 36.77 -18.78 16.44
C ALA B 46 36.84 -17.58 17.38
N ASP B 47 38.03 -17.04 17.63
CA ASP B 47 38.21 -15.89 18.51
C ASP B 47 38.30 -14.58 17.75
N ASN B 48 37.66 -14.50 16.58
CA ASN B 48 37.58 -13.28 15.78
C ASN B 48 38.97 -12.74 15.41
N ASN B 49 39.92 -13.64 15.16
CA ASN B 49 41.25 -13.27 14.70
C ASN B 49 41.45 -13.76 13.28
N ILE B 50 41.83 -12.84 12.39
CA ILE B 50 42.10 -13.21 11.01
C ILE B 50 43.50 -13.82 10.95
N VAL B 51 43.58 -15.03 10.43
CA VAL B 51 44.82 -15.79 10.37
C VAL B 51 45.17 -16.05 8.92
N LEU B 52 46.43 -15.79 8.56
CA LEU B 52 46.96 -16.08 7.24
C LEU B 52 47.64 -17.45 7.28
N TYR B 53 47.31 -18.31 6.32
CA TYR B 53 47.88 -19.65 6.25
C TYR B 53 48.65 -19.79 4.94
N ASN B 54 49.88 -20.26 5.05
CA ASN B 54 50.74 -20.55 3.92
C ASN B 54 50.97 -22.05 3.84
N ILE B 55 51.00 -22.59 2.63
CA ILE B 55 51.05 -24.03 2.44
C ILE B 55 52.48 -24.55 2.52
N GLU B 56 53.41 -23.89 1.82
CA GLU B 56 54.78 -24.37 1.78
C GLU B 56 55.44 -24.40 3.15
N THR B 57 55.22 -23.35 3.95
CA THR B 57 55.85 -23.26 5.26
C THR B 57 54.95 -23.71 6.39
N GLY B 58 53.63 -23.63 6.23
CA GLY B 58 52.73 -24.05 7.28
C GLY B 58 52.63 -23.10 8.44
N GLN B 59 53.17 -21.89 8.32
CA GLN B 59 53.17 -20.90 9.39
C GLN B 59 51.87 -20.12 9.36
N SER B 60 51.35 -19.82 10.56
CA SER B 60 50.11 -19.08 10.71
C SER B 60 50.40 -17.79 11.46
N TYR B 61 50.29 -16.66 10.77
CA TYR B 61 50.49 -15.36 11.36
C TYR B 61 49.14 -14.81 11.86
N THR B 62 49.11 -13.54 12.22
CA THR B 62 47.87 -12.85 12.57
C THR B 62 48.00 -11.41 12.04
N ILE B 63 47.53 -11.20 10.80
CA ILE B 63 47.68 -9.89 10.18
C ILE B 63 46.81 -8.85 10.89
N LEU B 64 45.63 -9.26 11.35
CA LEU B 64 44.73 -8.36 12.04
C LEU B 64 44.27 -9.00 13.35
N SER B 65 44.27 -8.22 14.42
CA SER B 65 43.92 -8.69 15.74
C SER B 65 42.45 -8.42 16.04
N ASN B 66 41.93 -9.13 17.03
CA ASN B 66 40.52 -8.96 17.40
C ASN B 66 40.27 -7.65 18.13
N ARG B 67 41.28 -7.07 18.77
CA ARG B 67 41.09 -5.78 19.43
C ARG B 67 40.80 -4.70 18.41
N THR B 68 41.49 -4.72 17.26
CA THR B 68 41.24 -3.73 16.22
C THR B 68 39.82 -3.84 15.69
N MET B 69 39.34 -5.06 15.46
CA MET B 69 37.97 -5.24 14.98
C MET B 69 36.96 -4.81 16.03
N LYS B 70 37.20 -5.16 17.29
CA LYS B 70 36.30 -4.73 18.36
C LYS B 70 36.33 -3.22 18.58
N SER B 71 37.38 -2.54 18.12
CA SER B 71 37.43 -1.09 18.25
C SER B 71 36.32 -0.43 17.45
N VAL B 72 36.03 -0.94 16.26
CA VAL B 72 35.04 -0.35 15.36
C VAL B 72 33.84 -1.26 15.14
N ASN B 73 33.71 -2.33 15.94
CA ASN B 73 32.63 -3.30 15.81
C ASN B 73 32.57 -3.88 14.39
N ALA B 74 33.74 -4.15 13.82
CA ALA B 74 33.83 -4.64 12.45
C ALA B 74 33.29 -6.05 12.34
N SER B 75 32.48 -6.29 11.31
CA SER B 75 31.92 -7.61 11.05
C SER B 75 32.48 -8.26 9.80
N ASN B 76 33.16 -7.52 8.93
CA ASN B 76 33.76 -8.11 7.74
C ASN B 76 35.08 -7.41 7.44
N TYR B 77 35.90 -8.06 6.62
CA TYR B 77 37.23 -7.54 6.31
C TYR B 77 37.50 -7.67 4.82
N GLY B 78 38.42 -6.83 4.34
CA GLY B 78 38.90 -6.93 2.98
C GLY B 78 40.33 -6.45 2.85
N LEU B 79 41.20 -7.28 2.27
CA LEU B 79 42.64 -7.01 2.21
C LEU B 79 43.04 -6.61 0.80
N SER B 80 43.85 -5.56 0.70
CA SER B 80 44.37 -5.11 -0.58
C SER B 80 45.41 -6.09 -1.10
N PRO B 81 45.54 -6.21 -2.43
CA PRO B 81 46.54 -7.15 -2.99
C PRO B 81 47.97 -6.83 -2.59
N ASP B 82 48.33 -5.56 -2.44
CA ASP B 82 49.69 -5.19 -2.11
C ASP B 82 50.03 -5.41 -0.63
N ARG B 83 49.03 -5.75 0.19
CA ARG B 83 49.22 -6.08 1.60
C ARG B 83 49.82 -4.90 2.37
N GLN B 84 49.19 -3.74 2.20
CA GLN B 84 49.54 -2.54 2.96
C GLN B 84 48.33 -1.83 3.55
N PHE B 85 47.13 -2.13 3.09
CA PHE B 85 45.91 -1.53 3.63
C PHE B 85 44.85 -2.60 3.77
N VAL B 86 43.98 -2.43 4.78
CA VAL B 86 42.83 -3.30 4.97
C VAL B 86 41.62 -2.40 5.17
N TYR B 87 40.45 -2.93 4.83
CA TYR B 87 39.20 -2.21 5.10
C TYR B 87 38.29 -3.07 5.94
N LEU B 88 37.65 -2.44 6.92
CA LEU B 88 36.77 -3.11 7.86
C LEU B 88 35.35 -2.64 7.61
N GLU B 89 34.43 -3.61 7.60
CA GLU B 89 33.03 -3.38 7.25
C GLU B 89 32.18 -3.62 8.48
N SER B 90 31.39 -2.61 8.85
CA SER B 90 30.45 -2.70 9.97
C SER B 90 29.14 -2.08 9.52
N ASP B 91 28.20 -1.97 10.45
CA ASP B 91 26.88 -1.37 10.21
C ASP B 91 26.19 -2.05 9.02
N TYR B 92 26.18 -3.37 9.05
CA TYR B 92 25.54 -4.15 7.99
C TYR B 92 24.03 -3.90 7.97
N SER B 93 23.48 -3.76 6.76
CA SER B 93 22.06 -3.51 6.59
C SER B 93 21.64 -4.13 5.26
N LYS B 94 20.80 -5.15 5.32
CA LYS B 94 20.41 -5.90 4.13
C LYS B 94 19.29 -5.18 3.37
N LEU B 95 19.44 -5.11 2.04
CA LEU B 95 18.43 -4.50 1.18
C LEU B 95 17.57 -5.54 0.46
N TRP B 96 18.20 -6.35 -0.41
CA TRP B 96 17.50 -7.41 -1.13
C TRP B 96 18.22 -8.73 -0.89
N ARG B 97 17.93 -9.73 -1.73
CA ARG B 97 18.55 -11.04 -1.57
C ARG B 97 20.07 -10.96 -1.61
N TYR B 98 20.63 -10.10 -2.46
CA TYR B 98 22.07 -10.00 -2.61
C TYR B 98 22.67 -8.66 -2.19
N SER B 99 21.87 -7.59 -2.15
CA SER B 99 22.40 -6.25 -1.96
C SER B 99 22.32 -5.82 -0.50
N TYR B 100 23.28 -4.99 -0.10
CA TYR B 100 23.34 -4.43 1.24
C TYR B 100 24.27 -3.22 1.24
N THR B 101 24.20 -2.44 2.32
CA THR B 101 25.05 -1.28 2.53
C THR B 101 25.76 -1.40 3.87
N ALA B 102 26.97 -0.84 3.94
CA ALA B 102 27.78 -0.97 5.14
C ALA B 102 28.77 0.19 5.23
N THR B 103 29.25 0.43 6.45
CA THR B 103 30.22 1.48 6.73
C THR B 103 31.62 0.89 6.72
N TYR B 104 32.54 1.57 6.03
CA TYR B 104 33.87 1.05 5.80
C TYR B 104 34.92 1.97 6.43
N TYR B 105 35.85 1.38 7.16
CA TYR B 105 37.03 2.06 7.69
C TYR B 105 38.27 1.47 7.02
N ILE B 106 39.35 2.24 7.03
CA ILE B 106 40.60 1.81 6.42
C ILE B 106 41.69 1.81 7.48
N TYR B 107 42.43 0.71 7.57
CA TYR B 107 43.47 0.49 8.56
C TYR B 107 44.79 0.19 7.84
N ASP B 108 45.86 0.83 8.30
CA ASP B 108 47.18 0.69 7.69
C ASP B 108 48.00 -0.31 8.48
N LEU B 109 48.48 -1.35 7.80
CA LEU B 109 49.26 -2.39 8.46
C LEU B 109 50.69 -1.95 8.73
N SER B 110 51.26 -1.14 7.83
CA SER B 110 52.65 -0.73 7.99
C SER B 110 52.85 0.12 9.25
N ASN B 111 51.94 1.06 9.49
CA ASN B 111 52.06 1.96 10.63
C ASN B 111 51.14 1.58 11.80
N GLY B 112 50.28 0.59 11.63
CA GLY B 112 49.40 0.18 12.71
C GLY B 112 48.43 1.25 13.15
N GLU B 113 47.85 1.99 12.20
CA GLU B 113 46.95 3.08 12.52
C GLU B 113 45.93 3.24 11.40
N PHE B 114 44.83 3.91 11.72
CA PHE B 114 43.78 4.18 10.75
C PHE B 114 44.13 5.43 9.94
N VAL B 115 43.80 5.39 8.64
CA VAL B 115 44.07 6.53 7.77
C VAL B 115 43.19 7.70 8.19
N ARG B 116 43.82 8.86 8.36
CA ARG B 116 43.16 10.03 8.93
C ARG B 116 43.01 11.18 7.93
N GLY B 117 43.07 10.88 6.63
CA GLY B 117 42.96 11.91 5.63
C GLY B 117 41.53 12.12 5.16
N ASN B 118 41.24 11.76 3.92
CA ASN B 118 39.91 11.92 3.35
C ASN B 118 39.11 10.65 3.65
N GLU B 119 38.20 10.75 4.62
CA GLU B 119 37.41 9.60 5.02
C GLU B 119 36.33 9.30 4.00
N LEU B 120 35.93 8.03 3.94
CA LEU B 120 34.90 7.59 3.03
C LEU B 120 33.52 8.00 3.52
N PRO B 121 32.59 8.30 2.60
CA PRO B 121 31.22 8.63 3.01
C PRO B 121 30.48 7.39 3.51
N ARG B 122 29.27 7.57 4.03
CA ARG B 122 28.51 6.43 4.52
C ARG B 122 27.02 6.71 4.38
N PRO B 123 26.20 5.70 4.04
CA PRO B 123 26.56 4.31 3.73
C PRO B 123 27.08 4.11 2.30
N ILE B 124 27.84 3.05 2.06
CA ILE B 124 28.39 2.76 0.75
C ILE B 124 27.75 1.47 0.24
N GLN B 125 27.21 1.53 -0.99
CA GLN B 125 26.46 0.39 -1.53
C GLN B 125 27.38 -0.72 -2.02
N TYR B 126 28.57 -0.39 -2.52
CA TYR B 126 29.50 -1.41 -2.99
C TYR B 126 30.89 -0.82 -3.02
N LEU B 127 31.88 -1.66 -2.72
CA LEU B 127 33.27 -1.24 -2.66
C LEU B 127 34.15 -2.35 -3.24
N CYS B 128 35.25 -1.95 -3.87
CA CYS B 128 36.16 -2.95 -4.43
C CYS B 128 37.55 -2.35 -4.57
N TRP B 129 38.55 -3.24 -4.50
CA TRP B 129 39.94 -2.87 -4.77
C TRP B 129 40.19 -2.95 -6.28
N SER B 130 41.45 -2.89 -6.64
CA SER B 130 41.96 -3.25 -7.96
C SER B 130 42.74 -4.55 -7.86
N PRO B 131 42.77 -5.36 -8.92
CA PRO B 131 43.56 -6.60 -8.86
C PRO B 131 45.03 -6.36 -8.62
N VAL B 132 45.58 -5.25 -9.10
CA VAL B 132 46.96 -4.88 -8.87
C VAL B 132 46.97 -3.48 -8.25
N GLY B 133 47.58 -3.36 -7.07
CA GLY B 133 47.72 -2.07 -6.43
C GLY B 133 46.75 -1.82 -5.29
N SER B 134 46.41 -0.55 -5.07
CA SER B 134 45.54 -0.18 -3.96
C SER B 134 44.50 0.87 -4.33
N LYS B 135 44.22 1.06 -5.61
CA LYS B 135 43.17 1.98 -6.01
C LYS B 135 41.82 1.44 -5.62
N LEU B 136 40.94 2.32 -5.16
CA LEU B 136 39.65 1.93 -4.62
C LEU B 136 38.53 2.45 -5.50
N ALA B 137 37.55 1.60 -5.78
CA ALA B 137 36.38 2.00 -6.56
C ALA B 137 35.14 1.69 -5.73
N TYR B 138 34.32 2.70 -5.47
CA TYR B 138 33.14 2.49 -4.66
C TYR B 138 31.95 3.21 -5.25
N VAL B 139 30.76 2.86 -4.75
CA VAL B 139 29.50 3.41 -5.22
C VAL B 139 28.81 4.08 -4.03
N TYR B 140 28.48 5.35 -4.19
CA TYR B 140 27.84 6.15 -3.14
C TYR B 140 26.72 6.95 -3.77
N GLN B 141 25.47 6.61 -3.42
CA GLN B 141 24.28 7.29 -3.93
C GLN B 141 24.22 7.23 -5.46
N ASN B 142 24.27 6.01 -6.00
CA ASN B 142 24.08 5.75 -7.43
C ASN B 142 25.09 6.50 -8.29
N ASN B 143 26.31 6.65 -7.77
CA ASN B 143 27.40 7.21 -8.54
C ASN B 143 28.69 6.49 -8.17
N ILE B 144 29.65 6.50 -9.09
CA ILE B 144 30.88 5.74 -8.94
C ILE B 144 32.02 6.72 -8.65
N TYR B 145 32.78 6.43 -7.60
CA TYR B 145 33.91 7.24 -7.18
C TYR B 145 35.18 6.41 -7.21
N LEU B 146 36.26 7.03 -7.68
CA LEU B 146 37.56 6.37 -7.82
C LEU B 146 38.58 7.13 -6.99
N LYS B 147 39.29 6.40 -6.12
CA LYS B 147 40.36 6.97 -5.30
C LYS B 147 41.68 6.32 -5.68
N GLN B 148 42.66 7.16 -6.05
CA GLN B 148 43.98 6.65 -6.41
C GLN B 148 44.69 6.07 -5.21
N ARG B 149 44.59 6.73 -4.06
CA ARG B 149 45.16 6.27 -2.81
C ARG B 149 44.18 6.58 -1.69
N PRO B 150 44.20 5.80 -0.60
CA PRO B 150 43.23 6.02 0.48
C PRO B 150 43.36 7.37 1.15
N GLY B 151 44.49 8.05 1.02
CA GLY B 151 44.66 9.36 1.62
C GLY B 151 44.53 10.51 0.63
N ASP B 152 43.77 10.31 -0.44
CA ASP B 152 43.60 11.31 -1.48
C ASP B 152 42.13 11.54 -1.76
N PRO B 153 41.76 12.74 -2.22
CA PRO B 153 40.35 13.02 -2.49
C PRO B 153 39.87 12.20 -3.67
N PRO B 154 38.59 11.84 -3.70
CA PRO B 154 38.06 11.01 -4.78
C PRO B 154 37.84 11.80 -6.06
N PHE B 155 37.76 11.05 -7.17
CA PHE B 155 37.47 11.61 -8.49
C PHE B 155 36.15 11.03 -8.96
N GLN B 156 35.13 11.87 -9.03
CA GLN B 156 33.80 11.42 -9.42
C GLN B 156 33.77 11.10 -10.91
N ILE B 157 33.07 10.04 -11.27
CA ILE B 157 32.97 9.57 -12.65
C ILE B 157 31.61 9.88 -13.25
N THR B 158 30.53 9.55 -12.53
CA THR B 158 29.17 9.70 -13.03
C THR B 158 28.41 10.74 -12.22
N PHE B 159 27.45 11.38 -12.87
CA PHE B 159 26.69 12.48 -12.26
C PHE B 159 25.18 12.33 -12.35
N ASN B 160 24.66 11.51 -13.26
CA ASN B 160 23.22 11.43 -13.50
C ASN B 160 22.54 10.40 -12.61
N GLY B 161 23.18 9.95 -11.55
CA GLY B 161 22.57 8.98 -10.67
C GLY B 161 21.46 9.61 -9.82
N ARG B 162 20.36 8.86 -9.68
CA ARG B 162 19.23 9.30 -8.89
C ARG B 162 18.53 8.07 -8.34
N GLU B 163 18.03 8.17 -7.11
CA GLU B 163 17.43 7.02 -6.44
C GLU B 163 16.21 6.51 -7.19
N ASN B 164 16.16 5.20 -7.39
CA ASN B 164 15.03 4.49 -8.01
C ASN B 164 14.78 4.90 -9.45
N LYS B 165 15.65 5.69 -10.06
CA LYS B 165 15.43 6.04 -11.45
C LYS B 165 16.62 5.74 -12.34
N ILE B 166 17.85 6.03 -11.90
CA ILE B 166 19.05 5.74 -12.66
C ILE B 166 20.07 5.09 -11.73
N PHE B 167 20.64 3.97 -12.18
CA PHE B 167 21.57 3.21 -11.38
C PHE B 167 22.92 3.13 -12.09
N ASN B 168 23.99 3.41 -11.36
CA ASN B 168 25.35 3.32 -11.90
C ASN B 168 26.17 2.41 -11.00
N GLY B 169 26.73 1.36 -11.58
CA GLY B 169 27.60 0.45 -10.86
C GLY B 169 26.89 -0.65 -10.11
N ILE B 170 25.58 -0.55 -9.93
CA ILE B 170 24.81 -1.58 -9.25
C ILE B 170 23.57 -1.89 -10.10
N PRO B 171 23.08 -3.13 -10.07
CA PRO B 171 21.86 -3.45 -10.83
C PRO B 171 20.60 -2.99 -10.12
N ASP B 172 19.52 -2.93 -10.89
CA ASP B 172 18.20 -2.68 -10.34
C ASP B 172 17.63 -4.00 -9.80
N TRP B 173 16.34 -4.03 -9.51
CA TRP B 173 15.76 -5.26 -8.95
C TRP B 173 15.78 -6.39 -9.96
N VAL B 174 15.34 -6.13 -11.19
CA VAL B 174 15.15 -7.20 -12.17
C VAL B 174 16.49 -7.82 -12.54
N TYR B 175 17.51 -7.01 -12.79
CA TYR B 175 18.80 -7.58 -13.18
C TYR B 175 19.49 -8.26 -12.01
N GLU B 176 19.20 -7.82 -10.78
CA GLU B 176 19.79 -8.48 -9.62
C GLU B 176 19.15 -9.84 -9.36
N GLU B 177 17.84 -9.94 -9.51
CA GLU B 177 17.13 -11.16 -9.14
C GLU B 177 17.04 -12.18 -10.27
N GLU B 178 16.80 -11.71 -11.50
CA GLU B 178 16.50 -12.60 -12.62
C GLU B 178 17.65 -12.77 -13.60
N MET B 179 18.61 -11.84 -13.65
CA MET B 179 19.62 -11.85 -14.71
C MET B 179 21.02 -12.14 -14.18
N LEU B 180 21.50 -11.38 -13.19
CA LEU B 180 22.90 -11.47 -12.80
C LEU B 180 23.11 -12.28 -11.52
N ALA B 181 22.13 -12.29 -10.62
CA ALA B 181 22.25 -12.95 -9.32
C ALA B 181 23.41 -12.39 -8.51
N THR B 182 23.71 -11.11 -8.69
CA THR B 182 24.78 -10.43 -7.98
C THR B 182 24.30 -9.04 -7.57
N LYS B 183 24.95 -8.48 -6.55
CA LYS B 183 24.62 -7.13 -6.10
C LYS B 183 25.49 -6.05 -6.74
N TYR B 184 26.45 -6.44 -7.57
CA TYR B 184 27.40 -5.51 -8.16
C TYR B 184 27.34 -5.60 -9.68
N ALA B 185 27.48 -4.44 -10.34
CA ALA B 185 27.72 -4.37 -11.77
C ALA B 185 28.83 -3.34 -12.01
N LEU B 186 30.07 -3.79 -11.87
CA LEU B 186 31.25 -3.01 -12.20
C LEU B 186 32.45 -3.94 -12.18
N TRP B 187 33.32 -3.81 -13.17
CA TRP B 187 34.38 -4.78 -13.39
C TRP B 187 35.71 -4.05 -13.60
N TRP B 188 36.72 -4.48 -12.85
CA TRP B 188 38.08 -4.01 -13.04
C TRP B 188 38.76 -4.82 -14.12
N SER B 189 39.67 -4.19 -14.84
CA SER B 189 40.45 -4.89 -15.83
C SER B 189 41.34 -5.93 -15.14
N PRO B 190 41.77 -6.96 -15.88
CA PRO B 190 42.64 -7.97 -15.26
C PRO B 190 43.91 -7.40 -14.66
N ASN B 191 44.45 -6.33 -15.22
CA ASN B 191 45.67 -5.70 -14.71
C ASN B 191 45.41 -4.32 -14.11
N GLY B 192 44.16 -3.99 -13.79
CA GLY B 192 43.84 -2.72 -13.19
C GLY B 192 44.13 -1.51 -14.06
N LYS B 193 43.71 -1.57 -15.33
CA LYS B 193 43.93 -0.48 -16.27
C LYS B 193 42.67 0.32 -16.57
N PHE B 194 41.53 -0.33 -16.77
CA PHE B 194 40.26 0.33 -17.03
C PHE B 194 39.24 -0.02 -15.95
N LEU B 195 38.04 0.51 -16.10
CA LEU B 195 36.90 0.15 -15.28
C LEU B 195 35.67 0.13 -16.18
N ALA B 196 34.94 -0.97 -16.18
CA ALA B 196 33.75 -1.15 -17.01
C ALA B 196 32.53 -1.17 -16.11
N TYR B 197 31.61 -0.24 -16.34
CA TYR B 197 30.42 -0.13 -15.52
C TYR B 197 29.18 -0.08 -16.39
N ALA B 198 28.04 -0.27 -15.75
CA ALA B 198 26.75 -0.40 -16.43
C ALA B 198 25.77 0.62 -15.88
N GLU B 199 25.09 1.33 -16.77
CA GLU B 199 24.10 2.34 -16.44
C GLU B 199 22.72 1.78 -16.74
N PHE B 200 21.85 1.76 -15.73
CA PHE B 200 20.50 1.24 -15.83
C PHE B 200 19.52 2.40 -15.74
N ASN B 201 18.60 2.45 -16.71
CA ASN B 201 17.60 3.50 -16.82
C ASN B 201 16.24 2.86 -16.63
N ASP B 202 15.53 3.29 -15.58
CA ASP B 202 14.20 2.79 -15.22
C ASP B 202 13.20 3.92 -15.11
N THR B 203 13.29 4.91 -16.01
CA THR B 203 12.44 6.08 -15.91
C THR B 203 11.01 5.80 -16.36
N ASP B 204 10.80 4.81 -17.22
CA ASP B 204 9.49 4.53 -17.78
C ASP B 204 8.81 3.30 -17.19
N ILE B 205 9.53 2.47 -16.45
CA ILE B 205 8.95 1.23 -15.91
C ILE B 205 7.92 1.58 -14.84
N PRO B 206 6.78 0.89 -14.80
CA PRO B 206 5.84 1.10 -13.70
C PRO B 206 6.40 0.59 -12.38
N VAL B 207 5.76 1.00 -11.30
CA VAL B 207 6.23 0.71 -9.95
C VAL B 207 5.18 -0.12 -9.21
N ILE B 208 5.65 -1.08 -8.43
CA ILE B 208 4.80 -1.83 -7.49
C ILE B 208 4.91 -1.15 -6.14
N ALA B 209 3.76 -0.91 -5.51
CA ALA B 209 3.70 -0.23 -4.22
C ALA B 209 3.04 -1.14 -3.21
N TYR B 210 3.70 -1.31 -2.06
CA TYR B 210 3.09 -2.05 -0.95
C TYR B 210 3.32 -1.27 0.34
N SER B 211 2.76 -1.79 1.43
CA SER B 211 2.76 -1.10 2.72
C SER B 211 3.73 -1.77 3.68
N TYR B 212 4.44 -0.95 4.45
CA TYR B 212 5.31 -1.40 5.53
C TYR B 212 4.86 -0.72 6.80
N TYR B 213 4.63 -1.51 7.85
CA TYR B 213 4.05 -0.99 9.08
C TYR B 213 5.10 -0.53 10.08
N GLY B 214 6.15 -1.33 10.30
CA GLY B 214 7.23 -0.91 11.18
C GLY B 214 6.77 -0.67 12.59
N ASP B 215 7.23 0.45 13.17
CA ASP B 215 6.90 0.80 14.54
C ASP B 215 6.43 2.24 14.70
N GLU B 216 6.13 2.93 13.60
CA GLU B 216 5.68 4.31 13.65
C GLU B 216 4.15 4.36 13.72
N GLN B 217 3.63 5.59 13.84
CA GLN B 217 2.19 5.78 13.92
C GLN B 217 1.50 5.58 12.58
N TYR B 218 2.21 5.85 11.49
CA TYR B 218 1.67 5.75 10.14
C TYR B 218 2.47 4.75 9.32
N PRO B 219 1.81 3.84 8.60
CA PRO B 219 2.54 2.97 7.67
C PRO B 219 3.12 3.75 6.52
N ARG B 220 4.19 3.24 5.94
CA ARG B 220 4.86 3.90 4.83
C ARG B 220 4.81 3.03 3.59
N THR B 221 4.67 3.67 2.43
CA THR B 221 4.54 2.97 1.17
C THR B 221 5.91 2.77 0.54
N ILE B 222 6.21 1.54 0.15
CA ILE B 222 7.45 1.17 -0.52
C ILE B 222 7.15 0.97 -1.99
N ASN B 223 7.90 1.67 -2.85
CA ASN B 223 7.75 1.63 -4.29
C ASN B 223 8.99 1.02 -4.92
N ILE B 224 8.79 0.05 -5.80
CA ILE B 224 9.89 -0.64 -6.47
C ILE B 224 9.61 -0.68 -7.97
N PRO B 225 10.56 -0.26 -8.82
CA PRO B 225 10.38 -0.44 -10.27
C PRO B 225 10.37 -1.93 -10.62
N TYR B 226 9.24 -2.40 -11.11
CA TYR B 226 9.01 -3.84 -11.32
C TYR B 226 8.20 -4.04 -12.60
N PRO B 227 8.85 -4.44 -13.69
CA PRO B 227 8.12 -4.74 -14.93
C PRO B 227 7.51 -6.13 -14.89
N LYS B 228 6.19 -6.20 -15.03
CA LYS B 228 5.49 -7.48 -15.08
C LYS B 228 5.56 -8.02 -16.52
N ALA B 229 4.82 -9.09 -16.79
CA ALA B 229 4.90 -9.73 -18.09
C ALA B 229 4.32 -8.82 -19.17
N GLY B 230 5.10 -8.58 -20.22
CA GLY B 230 4.67 -7.73 -21.31
C GLY B 230 4.58 -6.26 -20.93
N ALA B 231 5.70 -5.69 -20.50
CA ALA B 231 5.75 -4.29 -20.08
C ALA B 231 7.09 -3.71 -20.47
N LYS B 232 7.28 -2.44 -20.15
CA LYS B 232 8.53 -1.76 -20.48
C LYS B 232 9.69 -2.32 -19.67
N ASN B 233 10.83 -2.48 -20.33
CA ASN B 233 12.03 -3.03 -19.74
C ASN B 233 13.09 -1.94 -19.50
N PRO B 234 14.04 -2.18 -18.59
CA PRO B 234 15.10 -1.18 -18.36
C PRO B 234 15.95 -0.98 -19.61
N VAL B 235 16.55 0.21 -19.69
CA VAL B 235 17.47 0.52 -20.78
C VAL B 235 18.88 0.51 -20.20
N VAL B 236 19.76 -0.26 -20.82
CA VAL B 236 21.10 -0.52 -20.28
C VAL B 236 22.15 0.05 -21.23
N ARG B 237 23.16 0.69 -20.64
CA ARG B 237 24.32 1.16 -21.37
C ARG B 237 25.58 0.66 -20.67
N ILE B 238 26.65 0.44 -21.44
CA ILE B 238 27.90 -0.08 -20.90
C ILE B 238 29.02 0.90 -21.24
N PHE B 239 29.82 1.26 -20.24
CA PHE B 239 30.91 2.22 -20.41
C PHE B 239 32.21 1.63 -19.90
N ILE B 240 33.31 2.07 -20.50
CA ILE B 240 34.66 1.70 -20.09
C ILE B 240 35.49 2.97 -19.98
N ILE B 241 36.08 3.21 -18.80
CA ILE B 241 36.84 4.43 -18.55
C ILE B 241 38.21 4.04 -18.00
N ASP B 242 39.26 4.66 -18.53
CA ASP B 242 40.61 4.42 -18.02
C ASP B 242 40.79 5.08 -16.66
N THR B 243 41.60 4.46 -15.81
CA THR B 243 41.74 4.87 -14.43
C THR B 243 42.99 5.67 -14.13
N THR B 244 43.89 5.85 -15.10
CA THR B 244 45.10 6.62 -14.84
C THR B 244 44.90 8.12 -15.07
N TYR B 245 44.28 8.50 -16.19
CA TYR B 245 43.97 9.89 -16.49
C TYR B 245 42.50 9.98 -16.90
N PRO B 246 41.59 9.87 -15.94
CA PRO B 246 40.17 9.74 -16.28
C PRO B 246 39.51 11.06 -16.64
N ALA B 247 40.19 11.90 -17.41
CA ALA B 247 39.61 13.15 -17.88
C ALA B 247 39.99 13.49 -19.32
N TYR B 248 40.82 12.67 -19.97
CA TYR B 248 41.30 13.01 -21.30
C TYR B 248 40.17 12.99 -22.32
N VAL B 249 39.36 11.94 -22.33
CA VAL B 249 38.26 11.82 -23.29
C VAL B 249 36.98 11.45 -22.57
N GLY B 250 37.10 11.03 -21.30
CA GLY B 250 35.96 10.67 -20.51
C GLY B 250 35.45 9.26 -20.80
N PRO B 251 34.26 8.95 -20.30
CA PRO B 251 33.68 7.63 -20.55
C PRO B 251 33.46 7.39 -22.04
N GLN B 252 33.66 6.13 -22.45
CA GLN B 252 33.51 5.70 -23.83
C GLN B 252 32.50 4.56 -23.90
N GLU B 253 31.55 4.68 -24.81
CA GLU B 253 30.50 3.67 -24.94
C GLU B 253 30.88 2.62 -25.95
N VAL B 254 30.42 1.40 -25.69
CA VAL B 254 30.74 0.23 -26.53
C VAL B 254 29.58 0.00 -27.50
N PRO B 255 29.85 -0.15 -28.79
CA PRO B 255 28.76 -0.31 -29.75
C PRO B 255 27.99 -1.61 -29.54
N VAL B 256 26.72 -1.58 -29.93
CA VAL B 256 25.82 -2.72 -29.83
C VAL B 256 25.70 -3.37 -31.21
N PRO B 257 25.66 -4.70 -31.31
CA PRO B 257 25.50 -5.34 -32.61
C PRO B 257 24.19 -4.94 -33.28
N ALA B 258 24.21 -4.91 -34.62
CA ALA B 258 23.10 -4.38 -35.38
C ALA B 258 21.84 -5.24 -35.23
N MET B 259 21.97 -6.56 -35.33
CA MET B 259 20.80 -7.43 -35.28
C MET B 259 20.12 -7.38 -33.92
N ILE B 260 20.90 -7.21 -32.85
CA ILE B 260 20.34 -7.09 -31.51
C ILE B 260 19.60 -5.77 -31.35
N ALA B 261 20.14 -4.70 -31.93
CA ALA B 261 19.64 -3.35 -31.67
C ALA B 261 18.32 -3.05 -32.38
N SER B 262 17.83 -3.94 -33.24
CA SER B 262 16.62 -3.66 -34.00
C SER B 262 15.39 -3.53 -33.11
N SER B 263 15.40 -4.13 -31.93
CA SER B 263 14.26 -4.07 -31.02
C SER B 263 14.78 -4.12 -29.59
N ASP B 264 13.88 -4.38 -28.64
CA ASP B 264 14.27 -4.48 -27.24
C ASP B 264 15.20 -5.67 -27.02
N TYR B 265 16.12 -5.52 -26.09
CA TYR B 265 17.08 -6.57 -25.79
C TYR B 265 17.56 -6.44 -24.36
N TYR B 266 18.12 -7.53 -23.84
CA TYR B 266 18.65 -7.59 -22.49
C TYR B 266 20.18 -7.62 -22.53
N PHE B 267 20.79 -7.41 -21.38
CA PHE B 267 22.23 -7.50 -21.19
C PHE B 267 22.52 -8.70 -20.32
N SER B 268 23.33 -9.63 -20.83
CA SER B 268 23.53 -10.90 -20.15
C SER B 268 24.74 -10.89 -19.22
N TRP B 269 25.92 -10.66 -19.77
CA TRP B 269 27.14 -10.82 -18.98
C TRP B 269 28.31 -10.11 -19.67
N LEU B 270 29.26 -9.68 -18.86
CA LEU B 270 30.51 -9.09 -19.33
C LEU B 270 31.69 -9.86 -18.75
N THR B 271 32.70 -10.09 -19.58
CA THR B 271 33.86 -10.88 -19.19
C THR B 271 35.11 -10.23 -19.74
N TRP B 272 36.08 -9.94 -18.87
CA TRP B 272 37.34 -9.38 -19.30
C TRP B 272 38.28 -10.49 -19.75
N VAL B 273 38.82 -10.36 -20.96
CA VAL B 273 39.72 -11.37 -21.49
C VAL B 273 41.16 -10.91 -21.28
N THR B 274 41.52 -9.78 -21.89
CA THR B 274 42.83 -9.17 -21.67
C THR B 274 42.64 -7.71 -21.25
N ASP B 275 43.74 -6.95 -21.23
CA ASP B 275 43.64 -5.54 -20.90
C ASP B 275 43.03 -4.73 -22.04
N GLU B 276 43.04 -5.27 -23.26
CA GLU B 276 42.55 -4.57 -24.45
C GLU B 276 41.54 -5.42 -25.19
N ARG B 277 40.65 -6.10 -24.46
CA ARG B 277 39.64 -6.96 -25.07
C ARG B 277 38.58 -7.29 -24.04
N VAL B 278 37.31 -7.11 -24.40
CA VAL B 278 36.18 -7.40 -23.53
C VAL B 278 35.21 -8.29 -24.29
N CYS B 279 34.39 -9.02 -23.55
CA CYS B 279 33.37 -9.89 -24.12
C CYS B 279 32.01 -9.54 -23.53
N LEU B 280 31.05 -9.27 -24.40
CA LEU B 280 29.70 -8.91 -23.99
C LEU B 280 28.70 -9.89 -24.58
N GLN B 281 27.74 -10.33 -23.77
CA GLN B 281 26.69 -11.23 -24.20
C GLN B 281 25.36 -10.49 -24.20
N TRP B 282 24.64 -10.59 -25.31
CA TRP B 282 23.37 -9.90 -25.50
C TRP B 282 22.27 -10.93 -25.76
N LEU B 283 21.08 -10.63 -25.24
CA LEU B 283 19.93 -11.51 -25.35
C LEU B 283 18.72 -10.67 -25.76
N LYS B 284 18.00 -11.14 -26.77
CA LYS B 284 16.81 -10.43 -27.21
C LYS B 284 15.65 -10.72 -26.27
N ARG B 285 14.62 -9.85 -26.33
CA ARG B 285 13.46 -10.05 -25.47
C ARG B 285 12.69 -11.31 -25.86
N VAL B 286 12.68 -11.67 -27.14
CA VAL B 286 12.20 -12.97 -27.58
C VAL B 286 13.33 -13.95 -27.31
N GLN B 287 13.27 -14.63 -26.16
CA GLN B 287 14.45 -15.30 -25.59
C GLN B 287 14.64 -16.68 -26.21
N ASN B 288 15.04 -16.67 -27.49
CA ASN B 288 15.56 -17.88 -28.11
C ASN B 288 16.76 -17.61 -29.02
N VAL B 289 17.34 -16.41 -28.95
CA VAL B 289 18.55 -16.06 -29.70
C VAL B 289 19.50 -15.34 -28.76
N SER B 290 20.76 -15.72 -28.77
CA SER B 290 21.79 -15.05 -27.99
C SER B 290 22.96 -14.69 -28.88
N VAL B 291 23.65 -13.60 -28.54
CA VAL B 291 24.78 -13.10 -29.32
C VAL B 291 25.95 -12.84 -28.40
N LEU B 292 27.13 -13.29 -28.83
CA LEU B 292 28.38 -13.07 -28.10
C LEU B 292 29.28 -12.21 -28.96
N SER B 293 29.83 -11.14 -28.36
CA SER B 293 30.64 -10.18 -29.10
C SER B 293 31.93 -9.88 -28.35
N ILE B 294 33.02 -9.77 -29.09
CA ILE B 294 34.31 -9.39 -28.55
C ILE B 294 34.64 -7.99 -29.06
N CYS B 295 34.89 -7.07 -28.12
CA CYS B 295 35.20 -5.68 -28.44
C CYS B 295 36.65 -5.39 -28.05
N ASP B 296 37.42 -4.86 -29.00
CA ASP B 296 38.83 -4.57 -28.83
C ASP B 296 39.05 -3.06 -28.72
N PHE B 297 40.27 -2.70 -28.34
CA PHE B 297 40.64 -1.32 -28.04
C PHE B 297 41.62 -0.80 -29.07
N ARG B 298 41.37 0.41 -29.55
CA ARG B 298 42.23 1.09 -30.51
C ARG B 298 42.88 2.29 -29.86
N GLU B 299 44.21 2.34 -29.92
CA GLU B 299 44.99 3.41 -29.30
C GLU B 299 44.94 4.70 -30.11
N ASP B 300 44.86 4.60 -31.44
CA ASP B 300 44.90 5.79 -32.28
C ASP B 300 43.73 6.74 -32.03
N TRP B 301 42.60 6.22 -31.55
CA TRP B 301 41.47 7.05 -31.17
C TRP B 301 41.01 6.83 -29.74
N GLN B 302 41.70 5.99 -28.97
CA GLN B 302 41.31 5.66 -27.60
C GLN B 302 39.87 5.15 -27.56
N THR B 303 39.55 4.22 -28.44
CA THR B 303 38.17 3.83 -28.67
C THR B 303 38.00 2.33 -28.54
N TRP B 304 36.74 1.90 -28.49
CA TRP B 304 36.36 0.49 -28.44
C TRP B 304 35.57 0.13 -29.69
N ASP B 305 35.97 -0.93 -30.36
CA ASP B 305 35.34 -1.38 -31.60
C ASP B 305 34.87 -2.82 -31.45
N CYS B 306 33.71 -3.13 -32.02
CA CYS B 306 33.11 -4.46 -31.93
C CYS B 306 32.79 -4.95 -33.34
N PRO B 307 33.76 -5.51 -34.04
CA PRO B 307 33.55 -5.90 -35.44
C PRO B 307 32.59 -7.08 -35.55
N LYS B 308 31.97 -7.18 -36.74
CA LYS B 308 31.01 -8.24 -37.01
C LYS B 308 31.67 -9.57 -37.31
N THR B 309 32.97 -9.58 -37.61
CA THR B 309 33.69 -10.84 -37.78
C THR B 309 33.84 -11.60 -36.47
N GLN B 310 33.61 -10.94 -35.35
CA GLN B 310 33.70 -11.54 -34.01
C GLN B 310 32.33 -11.56 -33.35
N GLU B 311 31.31 -11.89 -34.11
CA GLU B 311 29.94 -12.03 -33.64
C GLU B 311 29.53 -13.49 -33.71
N HIS B 312 29.03 -14.02 -32.60
CA HIS B 312 28.67 -15.44 -32.52
C HIS B 312 27.21 -15.55 -32.12
N ILE B 313 26.43 -16.27 -32.93
CA ILE B 313 25.00 -16.42 -32.72
C ILE B 313 24.72 -17.80 -32.17
N GLU B 314 23.76 -17.86 -31.25
CA GLU B 314 23.34 -19.12 -30.64
C GLU B 314 21.82 -19.17 -30.64
N GLU B 315 21.25 -20.14 -31.36
CA GLU B 315 19.83 -20.25 -31.57
C GLU B 315 19.28 -21.52 -30.93
N SER B 316 18.06 -21.43 -30.41
CA SER B 316 17.36 -22.58 -29.83
C SER B 316 16.02 -22.72 -30.53
N ARG B 317 15.92 -23.71 -31.42
CA ARG B 317 14.74 -23.84 -32.26
C ARG B 317 13.55 -24.42 -31.51
N THR B 318 13.79 -25.31 -30.55
CA THR B 318 12.69 -25.96 -29.84
C THR B 318 12.28 -25.23 -28.56
N GLY B 319 13.13 -24.36 -28.04
CA GLY B 319 12.83 -23.67 -26.80
C GLY B 319 13.70 -22.45 -26.60
N TRP B 320 13.92 -22.10 -25.33
CA TRP B 320 14.74 -20.96 -24.98
C TRP B 320 16.23 -21.32 -25.02
N ALA B 321 17.07 -20.31 -25.03
CA ALA B 321 18.51 -20.51 -25.07
C ALA B 321 19.04 -20.84 -23.68
N GLY B 322 19.85 -21.89 -23.60
CA GLY B 322 20.40 -22.28 -22.31
C GLY B 322 19.34 -22.82 -21.37
N GLY B 323 19.59 -22.67 -20.08
CA GLY B 323 18.64 -23.09 -19.07
C GLY B 323 18.05 -21.92 -18.29
N PHE B 324 18.24 -21.93 -16.96
CA PHE B 324 17.80 -20.80 -16.15
C PHE B 324 18.55 -19.54 -16.53
N PHE B 325 19.86 -19.64 -16.68
CA PHE B 325 20.70 -18.54 -17.12
C PHE B 325 21.49 -18.97 -18.35
N VAL B 326 21.91 -17.98 -19.14
CA VAL B 326 22.76 -18.25 -20.29
C VAL B 326 24.17 -18.55 -19.79
N SER B 327 24.76 -19.64 -20.29
CA SER B 327 26.08 -20.06 -19.82
C SER B 327 27.13 -19.01 -20.16
N THR B 328 28.01 -18.73 -19.19
CA THR B 328 29.07 -17.74 -19.33
C THR B 328 30.33 -18.41 -19.88
N PRO B 329 30.90 -17.89 -20.96
CA PRO B 329 32.08 -18.54 -21.55
C PRO B 329 33.30 -18.41 -20.67
N VAL B 330 34.20 -19.38 -20.79
CA VAL B 330 35.50 -19.37 -20.13
C VAL B 330 36.57 -19.37 -21.21
N PHE B 331 37.43 -18.37 -21.19
CA PHE B 331 38.41 -18.17 -22.25
C PHE B 331 39.70 -18.93 -21.93
N SER B 332 40.48 -19.19 -22.96
CA SER B 332 41.68 -20.00 -22.85
C SER B 332 42.90 -19.12 -22.57
N TYR B 333 44.08 -19.74 -22.55
CA TYR B 333 45.32 -19.01 -22.29
C TYR B 333 45.64 -18.04 -23.42
N ASP B 334 45.44 -18.47 -24.66
CA ASP B 334 45.77 -17.63 -25.82
C ASP B 334 44.80 -16.47 -26.00
N ALA B 335 43.68 -16.45 -25.27
CA ALA B 335 42.71 -15.36 -25.29
C ALA B 335 42.07 -15.15 -26.66
N ILE B 336 42.09 -16.18 -27.51
CA ILE B 336 41.48 -16.09 -28.83
C ILE B 336 40.37 -17.12 -29.04
N SER B 337 40.29 -18.15 -28.19
CA SER B 337 39.26 -19.17 -28.29
C SER B 337 38.73 -19.47 -26.90
N TYR B 338 37.55 -20.07 -26.82
CA TYR B 338 36.91 -20.25 -25.53
C TYR B 338 36.10 -21.54 -25.51
N TYR B 339 35.52 -21.82 -24.35
CA TYR B 339 34.72 -23.02 -24.09
C TYR B 339 33.32 -22.61 -23.65
N LYS B 340 32.31 -23.32 -24.14
CA LYS B 340 30.94 -23.03 -23.74
C LYS B 340 30.10 -24.30 -23.82
N ILE B 341 29.18 -24.44 -22.88
CA ILE B 341 28.34 -25.63 -22.79
C ILE B 341 26.96 -25.28 -23.34
N PHE B 342 26.52 -26.04 -24.35
CA PHE B 342 25.16 -25.90 -24.87
C PHE B 342 24.73 -27.21 -25.51
N SER B 343 23.53 -27.20 -26.08
CA SER B 343 22.89 -28.42 -26.55
C SER B 343 23.63 -28.99 -27.77
N ASP B 344 23.71 -30.32 -27.82
CA ASP B 344 24.35 -31.01 -28.93
C ASP B 344 23.29 -31.36 -29.98
N LYS B 345 23.67 -32.19 -30.95
CA LYS B 345 22.74 -32.57 -32.01
C LYS B 345 21.59 -33.41 -31.44
N ASP B 346 21.89 -34.33 -30.53
CA ASP B 346 20.88 -35.23 -29.98
C ASP B 346 20.05 -34.62 -28.87
N GLY B 347 20.43 -33.46 -28.35
CA GLY B 347 19.67 -32.83 -27.30
C GLY B 347 20.26 -33.03 -25.91
N TYR B 348 21.58 -32.90 -25.79
CA TYR B 348 22.24 -33.04 -24.50
C TYR B 348 23.28 -31.94 -24.36
N LYS B 349 23.31 -31.31 -23.19
CA LYS B 349 24.22 -30.19 -22.96
C LYS B 349 25.65 -30.70 -22.82
N HIS B 350 26.56 -30.07 -23.55
CA HIS B 350 27.94 -30.54 -23.60
C HIS B 350 28.87 -29.37 -23.87
N ILE B 351 30.17 -29.64 -23.70
CA ILE B 351 31.22 -28.65 -23.90
C ILE B 351 31.53 -28.53 -25.39
N HIS B 352 31.72 -27.30 -25.85
CA HIS B 352 32.15 -27.02 -27.21
C HIS B 352 33.27 -25.99 -27.18
N TYR B 353 34.23 -26.16 -28.09
CA TYR B 353 35.43 -25.33 -28.20
C TYR B 353 35.25 -24.42 -29.41
N ILE B 354 35.12 -23.12 -29.17
CA ILE B 354 34.85 -22.16 -30.22
C ILE B 354 36.12 -21.35 -30.46
N LYS B 355 36.62 -21.40 -31.69
CA LYS B 355 37.84 -20.70 -32.08
C LYS B 355 37.58 -19.60 -33.09
N ASP B 356 36.93 -19.93 -34.22
CA ASP B 356 36.75 -18.95 -35.29
C ASP B 356 35.28 -18.78 -35.67
N THR B 357 34.52 -19.87 -35.69
CA THR B 357 33.13 -19.81 -36.11
C THR B 357 32.31 -20.79 -35.27
N VAL B 358 31.05 -20.43 -35.02
CA VAL B 358 30.15 -21.31 -34.27
C VAL B 358 29.84 -22.59 -35.05
N GLU B 359 29.95 -22.57 -36.37
CA GLU B 359 29.70 -23.76 -37.18
C GLU B 359 30.85 -24.76 -37.12
N ASN B 360 32.03 -24.34 -36.65
CA ASN B 360 33.18 -25.21 -36.52
C ASN B 360 33.40 -25.67 -35.07
N ALA B 361 32.33 -25.70 -34.28
CA ALA B 361 32.45 -26.08 -32.88
C ALA B 361 32.91 -27.53 -32.76
N ILE B 362 33.86 -27.77 -31.86
CA ILE B 362 34.42 -29.09 -31.62
C ILE B 362 33.87 -29.60 -30.30
N GLN B 363 33.21 -30.76 -30.33
CA GLN B 363 32.55 -31.31 -29.15
C GLN B 363 33.53 -32.24 -28.43
N ILE B 364 33.92 -31.85 -27.23
CA ILE B 364 34.90 -32.62 -26.47
C ILE B 364 34.22 -33.67 -25.60
N THR B 365 33.10 -33.33 -24.97
CA THR B 365 32.32 -34.27 -24.18
C THR B 365 31.08 -34.68 -24.98
N SER B 366 30.82 -35.99 -25.04
CA SER B 366 29.65 -36.50 -25.75
C SER B 366 29.08 -37.67 -24.98
N GLY B 367 27.76 -37.69 -24.82
CA GLY B 367 27.11 -38.79 -24.15
C GLY B 367 25.70 -38.44 -23.74
N LYS B 368 25.00 -39.46 -23.24
CA LYS B 368 23.64 -39.28 -22.72
C LYS B 368 23.61 -38.37 -21.50
N TRP B 369 24.66 -38.39 -20.70
CA TRP B 369 24.75 -37.59 -19.48
C TRP B 369 24.87 -36.11 -19.85
N GLU B 370 25.05 -35.27 -18.83
CA GLU B 370 25.12 -33.83 -19.02
C GLU B 370 26.31 -33.26 -18.27
N ALA B 371 26.69 -32.05 -18.65
CA ALA B 371 27.68 -31.26 -17.95
C ALA B 371 27.01 -30.03 -17.35
N ILE B 372 27.37 -29.71 -16.10
CA ILE B 372 26.69 -28.64 -15.38
C ILE B 372 27.46 -27.34 -15.50
N ASN B 373 28.68 -27.30 -14.95
CA ASN B 373 29.46 -26.07 -14.89
C ASN B 373 30.88 -26.33 -15.33
N ILE B 374 31.55 -25.27 -15.77
CA ILE B 374 32.99 -25.27 -16.01
C ILE B 374 33.64 -24.39 -14.95
N PHE B 375 34.56 -24.95 -14.19
CA PHE B 375 35.16 -24.26 -13.05
C PHE B 375 36.41 -23.48 -13.42
N ARG B 376 37.38 -24.13 -14.05
CA ARG B 376 38.65 -23.46 -14.35
C ARG B 376 39.25 -24.04 -15.61
N VAL B 377 39.88 -23.16 -16.40
CA VAL B 377 40.63 -23.55 -17.58
C VAL B 377 42.03 -22.99 -17.44
N THR B 378 43.04 -23.85 -17.58
CA THR B 378 44.44 -23.45 -17.51
C THR B 378 45.12 -23.82 -18.83
N GLN B 379 46.43 -23.64 -18.87
CA GLN B 379 47.19 -23.97 -20.07
C GLN B 379 47.24 -25.46 -20.35
N ASP B 380 46.92 -26.30 -19.36
CA ASP B 380 47.05 -27.74 -19.54
C ASP B 380 45.77 -28.48 -19.21
N SER B 381 45.01 -27.99 -18.22
CA SER B 381 43.89 -28.75 -17.69
C SER B 381 42.61 -27.92 -17.67
N LEU B 382 41.49 -28.63 -17.70
CA LEU B 382 40.15 -28.06 -17.64
C LEU B 382 39.35 -28.83 -16.61
N PHE B 383 38.56 -28.12 -15.79
CA PHE B 383 37.79 -28.75 -14.73
C PHE B 383 36.31 -28.46 -14.93
N TYR B 384 35.48 -29.49 -14.74
CA TYR B 384 34.04 -29.33 -14.92
C TYR B 384 33.29 -30.29 -14.01
N SER B 385 31.96 -30.28 -14.13
CA SER B 385 31.08 -31.11 -13.31
C SER B 385 30.15 -31.93 -14.20
N SER B 386 29.81 -33.13 -13.72
CA SER B 386 28.87 -33.98 -14.45
C SER B 386 28.27 -35.01 -13.49
N ASN B 387 27.19 -35.64 -13.94
CA ASN B 387 26.56 -36.76 -13.27
C ASN B 387 26.55 -38.00 -14.16
N GLU B 388 27.68 -38.27 -14.80
CA GLU B 388 27.82 -39.42 -15.68
C GLU B 388 27.97 -40.73 -14.91
N PHE B 389 28.53 -40.67 -13.70
CA PHE B 389 28.90 -41.88 -12.97
C PHE B 389 27.69 -42.74 -12.64
N GLU B 390 27.67 -43.96 -13.17
CA GLU B 390 26.64 -44.96 -12.88
C GLU B 390 25.25 -44.48 -13.22
N GLU B 391 25.13 -43.65 -14.28
CA GLU B 391 23.87 -43.13 -14.81
C GLU B 391 22.87 -42.78 -13.72
N TYR B 392 23.35 -42.15 -12.64
CA TYR B 392 22.49 -41.72 -11.53
C TYR B 392 22.29 -40.22 -11.60
N PRO B 393 21.10 -39.73 -11.94
CA PRO B 393 20.86 -38.29 -11.97
C PRO B 393 20.52 -37.77 -10.58
N GLY B 394 21.30 -36.81 -10.11
CA GLY B 394 21.15 -36.26 -8.77
C GLY B 394 22.45 -36.20 -8.01
N ARG B 395 23.53 -36.61 -8.66
CA ARG B 395 24.86 -36.58 -8.09
C ARG B 395 25.72 -35.55 -8.81
N ARG B 396 26.76 -35.11 -8.14
CA ARG B 396 27.71 -34.14 -8.69
C ARG B 396 29.11 -34.69 -8.57
N ASN B 397 29.83 -34.73 -9.69
CA ASN B 397 31.18 -35.25 -9.75
C ASN B 397 32.06 -34.29 -10.54
N ILE B 398 33.25 -34.03 -10.00
CA ILE B 398 34.20 -33.12 -10.63
C ILE B 398 35.14 -33.92 -11.52
N TYR B 399 35.30 -33.48 -12.76
CA TYR B 399 36.13 -34.16 -13.74
C TYR B 399 37.20 -33.21 -14.27
N ARG B 400 38.31 -33.81 -14.73
CA ARG B 400 39.45 -33.08 -15.25
C ARG B 400 39.81 -33.61 -16.63
N ILE B 401 40.08 -32.69 -17.55
CA ILE B 401 40.46 -33.03 -18.92
C ILE B 401 41.79 -32.36 -19.25
N SER B 402 42.54 -32.99 -20.14
CA SER B 402 43.86 -32.50 -20.54
C SER B 402 43.79 -31.89 -21.94
N ILE B 403 44.42 -30.74 -22.10
CA ILE B 403 44.40 -29.98 -23.35
C ILE B 403 45.82 -29.81 -23.85
N GLY B 404 46.04 -30.11 -25.12
CA GLY B 404 47.35 -29.90 -25.72
C GLY B 404 48.38 -30.95 -25.39
N SER B 405 47.96 -32.17 -25.09
CA SER B 405 48.87 -33.28 -24.79
C SER B 405 48.77 -34.33 -25.87
N TYR B 406 49.91 -34.96 -26.19
CA TYR B 406 49.92 -36.00 -27.21
C TYR B 406 48.98 -37.15 -26.89
N PRO B 407 48.96 -37.72 -25.69
CA PRO B 407 47.87 -38.63 -25.32
C PRO B 407 46.74 -37.88 -24.66
N PRO B 408 45.52 -38.02 -25.16
CA PRO B 408 44.37 -37.43 -24.47
C PRO B 408 44.04 -38.19 -23.21
N SER B 409 43.41 -37.50 -22.26
CA SER B 409 43.09 -38.11 -20.98
C SER B 409 41.87 -37.44 -20.37
N LYS B 410 41.25 -38.16 -19.44
CA LYS B 410 40.10 -37.67 -18.69
C LYS B 410 40.06 -38.41 -17.37
N LYS B 411 40.02 -37.67 -16.26
CA LYS B 411 40.15 -38.26 -14.93
C LYS B 411 39.03 -37.77 -14.03
N CYS B 412 38.35 -38.72 -13.38
CA CYS B 412 37.38 -38.42 -12.34
C CYS B 412 38.10 -38.51 -10.99
N VAL B 413 38.65 -37.39 -10.55
CA VAL B 413 39.44 -37.38 -9.33
C VAL B 413 38.58 -37.49 -8.07
N THR B 414 37.25 -37.40 -8.21
CA THR B 414 36.34 -37.42 -7.07
C THR B 414 35.32 -38.55 -7.17
N CYS B 415 35.71 -39.69 -7.74
CA CYS B 415 34.79 -40.81 -7.95
C CYS B 415 34.81 -41.79 -6.79
N HIS B 416 35.99 -42.33 -6.45
CA HIS B 416 36.11 -43.35 -5.41
C HIS B 416 36.87 -42.84 -4.19
N LEU B 417 36.92 -41.52 -3.99
CA LEU B 417 37.55 -40.98 -2.79
C LEU B 417 36.80 -41.42 -1.55
N ARG B 418 35.49 -41.19 -1.52
CA ARG B 418 34.61 -41.65 -0.44
C ARG B 418 33.28 -42.00 -1.08
N LYS B 419 33.09 -43.29 -1.38
CA LYS B 419 31.93 -43.70 -2.17
C LYS B 419 30.65 -43.68 -1.35
N GLU B 420 30.61 -44.45 -0.27
CA GLU B 420 29.39 -44.56 0.53
C GLU B 420 29.04 -43.28 1.26
N ARG B 421 29.96 -42.33 1.36
CA ARG B 421 29.76 -41.14 2.17
C ARG B 421 29.43 -39.89 1.34
N CYS B 422 30.24 -39.60 0.32
CA CYS B 422 30.12 -38.35 -0.42
C CYS B 422 29.89 -38.63 -1.89
N GLN B 423 28.79 -38.11 -2.43
CA GLN B 423 28.45 -38.17 -3.85
C GLN B 423 27.91 -36.83 -4.33
N TYR B 424 28.43 -35.74 -3.78
CA TYR B 424 27.97 -34.40 -4.12
C TYR B 424 29.11 -33.44 -3.80
N TYR B 425 29.79 -32.94 -4.83
CA TYR B 425 31.04 -32.21 -4.67
C TYR B 425 30.97 -30.84 -5.33
N THR B 426 31.57 -29.85 -4.67
CA THR B 426 31.82 -28.55 -5.27
C THR B 426 33.28 -28.18 -5.07
N ALA B 427 33.80 -27.34 -5.96
CA ALA B 427 35.21 -27.02 -6.00
C ALA B 427 35.44 -25.52 -5.93
N SER B 428 36.52 -25.13 -5.27
CA SER B 428 36.95 -23.74 -5.21
C SER B 428 38.44 -23.70 -5.46
N PHE B 429 38.84 -23.06 -6.55
CA PHE B 429 40.23 -23.08 -7.00
C PHE B 429 40.97 -21.82 -6.57
N SER B 430 42.28 -21.82 -6.79
CA SER B 430 43.17 -20.73 -6.46
C SER B 430 43.84 -20.20 -7.72
N ASP B 431 44.77 -19.28 -7.53
CA ASP B 431 45.50 -18.71 -8.65
C ASP B 431 46.43 -19.76 -9.27
N TYR B 432 46.43 -19.82 -10.60
CA TYR B 432 47.25 -20.75 -11.38
C TYR B 432 46.92 -22.22 -11.12
N ALA B 433 45.83 -22.49 -10.39
CA ALA B 433 45.37 -23.85 -10.12
C ALA B 433 46.44 -24.69 -9.43
N LYS B 434 47.21 -24.07 -8.53
CA LYS B 434 48.20 -24.81 -7.77
C LYS B 434 47.56 -25.62 -6.65
N TYR B 435 46.54 -25.06 -5.99
CA TYR B 435 45.81 -25.77 -4.95
C TYR B 435 44.33 -25.44 -5.10
N TYR B 436 43.48 -26.31 -4.56
CA TYR B 436 42.04 -26.04 -4.55
C TYR B 436 41.41 -26.76 -3.37
N ALA B 437 40.09 -26.59 -3.24
CA ALA B 437 39.33 -27.15 -2.13
C ALA B 437 38.09 -27.85 -2.66
N LEU B 438 37.80 -29.02 -2.09
CA LEU B 438 36.61 -29.80 -2.41
C LEU B 438 35.70 -29.83 -1.19
N VAL B 439 34.44 -29.48 -1.40
CA VAL B 439 33.43 -29.47 -0.35
C VAL B 439 32.35 -30.48 -0.71
N CYS B 440 32.03 -31.37 0.23
CA CYS B 440 31.02 -32.40 0.02
C CYS B 440 29.77 -32.05 0.81
N TYR B 441 28.60 -32.35 0.22
CA TYR B 441 27.33 -32.00 0.82
C TYR B 441 26.45 -33.20 1.16
N GLY B 442 26.81 -34.40 0.73
CA GLY B 442 26.02 -35.57 1.03
C GLY B 442 26.42 -36.79 0.23
N PRO B 443 25.73 -37.92 0.47
CA PRO B 443 24.63 -38.10 1.42
C PRO B 443 25.13 -38.37 2.85
N GLY B 444 26.43 -38.52 3.03
CA GLY B 444 27.02 -38.66 4.36
C GLY B 444 27.26 -37.31 5.01
N ILE B 445 28.03 -37.34 6.08
CA ILE B 445 28.34 -36.11 6.82
C ILE B 445 29.24 -35.23 5.95
N PRO B 446 28.94 -33.95 5.80
CA PRO B 446 29.75 -33.09 4.93
C PRO B 446 31.19 -32.99 5.39
N ILE B 447 32.10 -32.96 4.43
CA ILE B 447 33.53 -32.90 4.69
C ILE B 447 34.16 -31.94 3.69
N SER B 448 35.11 -31.13 4.17
CA SER B 448 35.81 -30.16 3.34
C SER B 448 37.30 -30.49 3.37
N THR B 449 37.89 -30.67 2.20
CA THR B 449 39.29 -31.06 2.08
C THR B 449 40.02 -30.12 1.13
N LEU B 450 41.34 -30.08 1.28
CA LEU B 450 42.22 -29.29 0.44
C LEU B 450 43.10 -30.22 -0.37
N HIS B 451 43.23 -29.93 -1.67
CA HIS B 451 43.93 -30.80 -2.60
C HIS B 451 44.94 -30.02 -3.43
N ASP B 452 46.03 -30.71 -3.78
CA ASP B 452 47.03 -30.16 -4.68
C ASP B 452 46.52 -30.22 -6.12
N GLY B 453 47.13 -29.41 -6.98
CA GLY B 453 46.67 -29.28 -8.35
C GLY B 453 47.40 -30.11 -9.37
N ARG B 454 48.53 -30.71 -8.98
CA ARG B 454 49.34 -31.49 -9.92
C ARG B 454 49.08 -32.98 -9.77
N THR B 455 49.28 -33.52 -8.57
CA THR B 455 49.04 -34.94 -8.30
C THR B 455 47.65 -35.19 -7.74
N ASP B 456 46.96 -34.15 -7.29
CA ASP B 456 45.61 -34.25 -6.72
C ASP B 456 45.56 -35.26 -5.57
N GLN B 457 46.50 -35.10 -4.63
CA GLN B 457 46.55 -35.92 -3.43
C GLN B 457 46.15 -35.06 -2.24
N GLU B 458 45.20 -35.55 -1.46
CA GLU B 458 44.74 -34.81 -0.29
C GLU B 458 45.87 -34.66 0.72
N ILE B 459 46.01 -33.45 1.27
CA ILE B 459 47.10 -33.16 2.20
C ILE B 459 46.62 -32.63 3.54
N LYS B 460 45.42 -32.07 3.64
CA LYS B 460 44.95 -31.52 4.91
C LYS B 460 43.44 -31.47 4.90
N ILE B 461 42.82 -32.07 5.92
CA ILE B 461 41.36 -32.06 6.04
C ILE B 461 40.95 -30.76 6.71
N LEU B 462 40.32 -29.87 5.93
CA LEU B 462 39.94 -28.57 6.46
C LEU B 462 38.76 -28.65 7.42
N GLU B 463 37.87 -29.62 7.23
CA GLU B 463 36.72 -29.76 8.12
C GLU B 463 36.19 -31.18 8.02
N GLU B 464 36.12 -31.88 9.16
CA GLU B 464 35.66 -33.26 9.21
C GLU B 464 34.32 -33.43 9.91
N ASN B 465 33.92 -32.47 10.74
CA ASN B 465 32.63 -32.49 11.43
C ASN B 465 32.48 -33.73 12.31
N LYS B 466 33.36 -33.82 13.31
CA LYS B 466 33.29 -34.92 14.27
C LYS B 466 32.28 -34.65 15.38
N GLU B 467 32.07 -33.38 15.75
CA GLU B 467 31.12 -33.07 16.81
C GLU B 467 29.71 -33.45 16.41
N LEU B 468 29.33 -33.21 15.16
CA LEU B 468 28.00 -33.59 14.68
C LEU B 468 27.82 -35.09 14.73
N GLU B 469 28.83 -35.85 14.30
CA GLU B 469 28.75 -37.30 14.35
C GLU B 469 28.62 -37.80 15.78
N ASN B 470 29.38 -37.21 16.71
CA ASN B 470 29.27 -37.61 18.11
C ASN B 470 27.89 -37.31 18.67
N ALA B 471 27.35 -36.14 18.36
CA ALA B 471 26.03 -35.77 18.85
C ALA B 471 24.91 -36.50 18.14
N LEU B 472 25.19 -37.16 17.03
CA LEU B 472 24.17 -37.86 16.24
C LEU B 472 24.15 -39.36 16.51
N LYS B 473 24.87 -39.84 17.51
CA LYS B 473 24.88 -41.26 17.85
C LYS B 473 23.68 -41.69 18.67
N ASN B 474 22.94 -40.75 19.25
CA ASN B 474 21.78 -41.05 20.09
C ASN B 474 20.47 -40.96 19.33
N ILE B 475 20.44 -40.26 18.21
CA ILE B 475 19.21 -40.07 17.44
C ILE B 475 19.19 -41.04 16.28
N GLN B 476 18.06 -41.74 16.13
CA GLN B 476 17.86 -42.65 15.01
C GLN B 476 17.18 -41.91 13.87
N LEU B 477 17.81 -41.96 12.68
CA LEU B 477 17.40 -41.22 11.50
C LEU B 477 16.58 -42.09 10.56
N PRO B 478 15.67 -41.48 9.80
CA PRO B 478 14.88 -42.25 8.83
C PRO B 478 15.74 -42.70 7.65
N LYS B 479 15.24 -43.71 6.95
CA LYS B 479 15.97 -44.30 5.82
C LYS B 479 15.60 -43.60 4.52
N GLU B 480 16.61 -43.31 3.71
CA GLU B 480 16.45 -42.58 2.46
C GLU B 480 16.92 -43.42 1.29
N GLU B 481 16.14 -43.43 0.20
CA GLU B 481 16.51 -44.15 -1.01
C GLU B 481 16.11 -43.32 -2.22
N ILE B 482 16.78 -43.60 -3.34
CA ILE B 482 16.50 -42.95 -4.63
C ILE B 482 16.27 -44.04 -5.67
N LYS B 483 15.15 -43.97 -6.38
CA LYS B 483 14.80 -45.00 -7.36
C LYS B 483 14.06 -44.35 -8.52
N LYS B 484 13.64 -45.19 -9.47
CA LYS B 484 13.15 -44.76 -10.77
C LYS B 484 11.82 -45.44 -11.09
N LEU B 485 10.97 -44.72 -11.82
CA LEU B 485 9.72 -45.24 -12.34
C LEU B 485 9.64 -44.99 -13.83
N GLU B 486 9.06 -45.95 -14.55
CA GLU B 486 8.78 -45.83 -15.97
C GLU B 486 7.33 -46.20 -16.21
N VAL B 487 6.58 -45.33 -16.88
CA VAL B 487 5.15 -45.55 -17.02
C VAL B 487 4.79 -45.93 -18.45
N ASP B 488 4.98 -45.00 -19.40
CA ASP B 488 4.84 -45.33 -20.81
C ASP B 488 6.11 -45.06 -21.60
N GLU B 489 6.59 -43.82 -21.60
CA GLU B 489 7.86 -43.48 -22.23
C GLU B 489 8.68 -42.50 -21.42
N ILE B 490 8.17 -42.03 -20.29
CA ILE B 490 8.85 -41.04 -19.46
C ILE B 490 9.49 -41.73 -18.26
N THR B 491 10.59 -41.17 -17.79
CA THR B 491 11.36 -41.74 -16.69
C THR B 491 11.31 -40.77 -15.51
N LEU B 492 10.47 -41.10 -14.54
CA LEU B 492 10.35 -40.30 -13.32
C LEU B 492 11.38 -40.77 -12.31
N TRP B 493 11.93 -39.83 -11.53
CA TRP B 493 12.90 -40.15 -10.50
C TRP B 493 12.36 -39.72 -9.14
N TYR B 494 12.35 -40.65 -8.18
CA TYR B 494 11.72 -40.38 -6.89
C TYR B 494 12.64 -40.76 -5.75
N LYS B 495 12.70 -39.89 -4.76
CA LYS B 495 13.42 -40.12 -3.51
C LYS B 495 12.41 -40.35 -2.40
N MET B 496 12.60 -41.44 -1.65
CA MET B 496 11.67 -41.87 -0.62
C MET B 496 12.35 -41.87 0.73
N ILE B 497 11.66 -41.33 1.74
CA ILE B 497 12.12 -41.31 3.12
C ILE B 497 11.11 -42.08 3.95
N LEU B 498 11.58 -43.12 4.64
CA LEU B 498 10.79 -44.07 5.40
C LEU B 498 11.16 -44.01 6.88
N PRO B 499 10.19 -44.17 7.77
CA PRO B 499 10.47 -44.11 9.21
C PRO B 499 11.25 -45.33 9.66
N PRO B 500 11.95 -45.23 10.79
CA PRO B 500 12.65 -46.40 11.33
C PRO B 500 11.67 -47.48 11.76
N GLN B 501 12.16 -48.73 11.75
CA GLN B 501 11.32 -49.90 12.01
C GLN B 501 10.13 -49.93 11.05
N PHE B 502 10.45 -50.03 9.76
CA PHE B 502 9.47 -50.00 8.69
C PHE B 502 9.19 -51.42 8.23
N ASP B 503 7.92 -51.81 8.25
CA ASP B 503 7.47 -53.13 7.82
C ASP B 503 6.46 -52.98 6.69
N ARG B 504 6.62 -53.78 5.65
CA ARG B 504 5.76 -53.72 4.47
C ARG B 504 4.45 -54.48 4.65
N SER B 505 4.07 -54.84 5.87
CA SER B 505 2.81 -55.50 6.12
C SER B 505 1.75 -54.58 6.71
N LYS B 506 2.08 -53.33 6.99
CA LYS B 506 1.15 -52.35 7.53
C LYS B 506 0.87 -51.28 6.48
N LYS B 507 0.11 -50.26 6.85
CA LYS B 507 -0.19 -49.14 5.98
C LYS B 507 0.18 -47.84 6.66
N TYR B 508 0.79 -46.93 5.90
CA TYR B 508 1.25 -45.65 6.42
C TYR B 508 0.75 -44.52 5.54
N PRO B 509 0.53 -43.34 6.12
CA PRO B 509 0.19 -42.17 5.29
C PRO B 509 1.37 -41.68 4.48
N LEU B 510 1.07 -40.87 3.46
CA LEU B 510 2.04 -40.40 2.49
C LEU B 510 2.02 -38.89 2.39
N LEU B 511 3.21 -38.28 2.34
CA LEU B 511 3.36 -36.85 2.12
C LEU B 511 4.30 -36.63 0.94
N ILE B 512 3.87 -35.79 -0.01
CA ILE B 512 4.64 -35.46 -1.19
C ILE B 512 5.15 -34.04 -1.05
N GLN B 513 6.42 -33.82 -1.38
CA GLN B 513 6.99 -32.49 -1.46
C GLN B 513 7.28 -32.18 -2.92
N VAL B 514 6.77 -31.04 -3.40
CA VAL B 514 6.83 -30.73 -4.82
C VAL B 514 7.41 -29.33 -5.01
N TYR B 515 8.38 -29.20 -5.91
CA TYR B 515 8.80 -27.91 -6.43
C TYR B 515 8.53 -27.81 -7.93
N GLY B 516 9.10 -28.70 -8.74
CA GLY B 516 8.74 -28.81 -10.14
C GLY B 516 9.09 -27.61 -11.00
N GLY B 517 9.96 -26.73 -10.52
CA GLY B 517 10.31 -25.54 -11.26
C GLY B 517 11.04 -25.86 -12.54
N PRO B 518 10.90 -25.01 -13.55
CA PRO B 518 11.68 -25.18 -14.77
C PRO B 518 13.16 -25.05 -14.49
N CYS B 519 13.96 -25.90 -15.16
CA CYS B 519 15.42 -25.95 -14.97
C CYS B 519 15.78 -26.18 -13.50
N SER B 520 15.04 -27.07 -12.83
CA SER B 520 15.24 -27.37 -11.43
C SER B 520 15.45 -28.86 -11.23
N GLN B 521 15.77 -29.24 -10.00
CA GLN B 521 15.92 -30.64 -9.62
C GLN B 521 15.79 -30.74 -8.11
N SER B 522 14.78 -31.46 -7.64
CA SER B 522 14.55 -31.64 -6.21
C SER B 522 15.00 -33.00 -5.69
N VAL B 523 15.48 -33.88 -6.56
CA VAL B 523 15.96 -35.18 -6.14
C VAL B 523 17.48 -35.21 -6.29
N ARG B 524 18.19 -34.87 -5.21
CA ARG B 524 19.65 -34.84 -5.20
C ARG B 524 20.16 -35.52 -3.93
N SER B 525 21.38 -36.05 -4.01
CA SER B 525 22.01 -36.73 -2.89
C SER B 525 22.71 -35.69 -2.03
N VAL B 526 21.96 -35.06 -1.11
CA VAL B 526 22.50 -34.08 -0.20
C VAL B 526 22.10 -34.46 1.23
N PHE B 527 22.90 -34.00 2.18
CA PHE B 527 22.67 -34.27 3.59
C PHE B 527 21.90 -33.09 4.20
N ALA B 528 20.82 -33.40 4.89
CA ALA B 528 20.03 -32.36 5.55
C ALA B 528 19.15 -32.99 6.61
N VAL B 529 19.09 -32.36 7.78
CA VAL B 529 18.17 -32.72 8.85
C VAL B 529 17.16 -31.59 8.94
N ASN B 530 15.93 -31.84 8.53
CA ASN B 530 14.94 -30.80 8.36
C ASN B 530 13.58 -31.28 8.84
N TRP B 531 12.53 -30.56 8.45
CA TRP B 531 11.19 -30.81 8.97
C TRP B 531 10.68 -32.18 8.55
N ILE B 532 10.89 -32.57 7.29
CA ILE B 532 10.39 -33.86 6.81
C ILE B 532 11.10 -35.01 7.51
N SER B 533 12.39 -34.85 7.81
CA SER B 533 13.09 -35.86 8.59
C SER B 533 12.46 -36.02 9.96
N TYR B 534 12.06 -34.90 10.58
CA TYR B 534 11.37 -34.97 11.86
C TYR B 534 10.04 -35.69 11.73
N LEU B 535 9.27 -35.40 10.69
CA LEU B 535 7.98 -36.05 10.51
C LEU B 535 8.16 -37.56 10.34
N ALA B 536 9.12 -37.97 9.52
CA ALA B 536 9.37 -39.40 9.34
C ALA B 536 9.86 -40.06 10.62
N SER B 537 10.76 -39.39 11.36
CA SER B 537 11.36 -40.02 12.52
C SER B 537 10.42 -40.07 13.71
N LYS B 538 9.46 -39.15 13.79
CA LYS B 538 8.59 -39.06 14.96
C LYS B 538 7.17 -39.57 14.70
N GLU B 539 6.52 -39.16 13.61
CA GLU B 539 5.13 -39.49 13.37
C GLU B 539 4.94 -40.71 12.48
N GLY B 540 6.02 -41.29 11.96
CA GLY B 540 5.91 -42.48 11.14
C GLY B 540 5.23 -42.29 9.81
N MET B 541 5.48 -41.19 9.12
CA MET B 541 4.96 -40.99 7.78
C MET B 541 6.01 -41.37 6.74
N VAL B 542 5.58 -41.45 5.48
CA VAL B 542 6.46 -41.72 4.36
C VAL B 542 6.49 -40.49 3.47
N ILE B 543 7.69 -39.96 3.22
CA ILE B 543 7.86 -38.73 2.46
C ILE B 543 8.39 -39.08 1.08
N ALA B 544 7.93 -38.36 0.07
CA ALA B 544 8.33 -38.62 -1.30
C ALA B 544 8.59 -37.33 -2.07
N LEU B 545 9.69 -37.34 -2.83
CA LEU B 545 10.04 -36.30 -3.79
C LEU B 545 10.03 -36.92 -5.19
N VAL B 546 9.40 -36.24 -6.15
CA VAL B 546 9.25 -36.76 -7.50
C VAL B 546 9.70 -35.71 -8.50
N ASP B 547 10.51 -36.13 -9.47
CA ASP B 547 10.98 -35.26 -10.55
C ASP B 547 10.65 -35.91 -11.88
N GLY B 548 10.16 -35.11 -12.83
CA GLY B 548 9.81 -35.59 -14.16
C GLY B 548 10.03 -34.57 -15.26
N ARG B 549 9.04 -34.41 -16.13
CA ARG B 549 9.17 -33.51 -17.26
C ARG B 549 9.27 -32.06 -16.78
N GLY B 550 10.09 -31.28 -17.49
CA GLY B 550 10.31 -29.89 -17.14
C GLY B 550 11.49 -29.62 -16.24
N THR B 551 12.11 -30.67 -15.69
CA THR B 551 13.30 -30.51 -14.86
C THR B 551 14.55 -30.58 -15.74
N ALA B 552 15.68 -30.28 -15.13
CA ALA B 552 16.93 -30.18 -15.86
C ALA B 552 17.79 -31.42 -15.61
N PHE B 553 18.95 -31.45 -16.29
CA PHE B 553 19.99 -32.46 -16.08
C PHE B 553 19.54 -33.86 -16.47
N GLN B 554 18.64 -33.95 -17.45
CA GLN B 554 18.22 -35.25 -17.98
C GLN B 554 18.06 -35.28 -19.49
N GLY B 555 18.36 -34.19 -20.20
CA GLY B 555 18.19 -34.15 -21.64
C GLY B 555 17.33 -32.99 -22.10
N ASP B 556 17.45 -32.63 -23.37
CA ASP B 556 16.72 -31.48 -23.89
C ASP B 556 15.25 -31.78 -24.12
N LYS B 557 14.93 -33.02 -24.51
CA LYS B 557 13.54 -33.36 -24.78
C LYS B 557 12.68 -33.29 -23.53
N LEU B 558 13.25 -33.68 -22.39
CA LEU B 558 12.51 -33.56 -21.12
C LEU B 558 12.40 -32.12 -20.68
N LEU B 559 13.45 -31.31 -20.91
CA LEU B 559 13.47 -29.95 -20.40
C LEU B 559 12.46 -29.06 -21.11
N TYR B 560 12.43 -29.12 -22.45
CA TYR B 560 11.56 -28.25 -23.24
C TYR B 560 10.16 -28.82 -23.42
N ALA B 561 9.80 -29.86 -22.67
CA ALA B 561 8.45 -30.41 -22.76
C ALA B 561 7.41 -29.38 -22.37
N VAL B 562 7.68 -28.62 -21.31
CA VAL B 562 6.80 -27.53 -20.88
C VAL B 562 7.38 -26.26 -21.48
N TYR B 563 6.98 -25.96 -22.71
CA TYR B 563 7.30 -24.69 -23.36
C TYR B 563 5.97 -24.06 -23.78
N ARG B 564 5.68 -22.89 -23.23
CA ARG B 564 4.39 -22.20 -23.41
C ARG B 564 3.23 -22.99 -22.81
N LYS B 565 3.52 -24.04 -22.05
CA LYS B 565 2.52 -24.93 -21.48
C LYS B 565 2.83 -25.22 -20.02
N LEU B 566 3.10 -24.18 -19.25
CA LEU B 566 3.37 -24.35 -17.82
C LEU B 566 2.10 -24.76 -17.08
N GLY B 567 2.25 -25.70 -16.15
CA GLY B 567 1.15 -26.10 -15.31
C GLY B 567 0.31 -27.24 -15.81
N VAL B 568 0.85 -28.11 -16.65
CA VAL B 568 0.10 -29.23 -17.20
C VAL B 568 0.77 -30.55 -16.86
N TYR B 569 2.03 -30.71 -17.29
CA TYR B 569 2.70 -31.99 -17.18
C TYR B 569 3.12 -32.30 -15.74
N GLU B 570 3.42 -31.29 -14.94
CA GLU B 570 3.86 -31.53 -13.56
C GLU B 570 2.78 -32.21 -12.74
N VAL B 571 1.54 -31.73 -12.86
CA VAL B 571 0.43 -32.33 -12.11
C VAL B 571 0.22 -33.77 -12.54
N GLU B 572 0.28 -34.04 -13.85
CA GLU B 572 0.12 -35.40 -14.34
C GLU B 572 1.22 -36.32 -13.80
N ASP B 573 2.47 -35.83 -13.79
CA ASP B 573 3.56 -36.63 -13.25
C ASP B 573 3.35 -36.93 -11.77
N GLN B 574 2.91 -35.93 -10.99
CA GLN B 574 2.67 -36.16 -9.58
C GLN B 574 1.58 -37.19 -9.35
N ILE B 575 0.48 -37.09 -10.10
CA ILE B 575 -0.63 -38.03 -9.94
C ILE B 575 -0.21 -39.44 -10.34
N THR B 576 0.54 -39.57 -11.43
CA THR B 576 1.02 -40.88 -11.85
C THR B 576 1.92 -41.50 -10.79
N ALA B 577 2.83 -40.69 -10.22
CA ALA B 577 3.70 -41.20 -9.16
C ALA B 577 2.89 -41.64 -7.94
N VAL B 578 1.86 -40.87 -7.58
CA VAL B 578 1.04 -41.24 -6.43
C VAL B 578 0.31 -42.56 -6.68
N ARG B 579 -0.24 -42.73 -7.89
CA ARG B 579 -0.91 -43.99 -8.21
C ARG B 579 0.06 -45.16 -8.14
N LYS B 580 1.26 -44.99 -8.70
CA LYS B 580 2.25 -46.07 -8.65
C LYS B 580 2.64 -46.40 -7.22
N PHE B 581 2.76 -45.37 -6.36
CA PHE B 581 3.07 -45.61 -4.96
C PHE B 581 1.96 -46.39 -4.27
N ILE B 582 0.70 -46.04 -4.54
CA ILE B 582 -0.42 -46.78 -3.96
C ILE B 582 -0.39 -48.23 -4.42
N GLU B 583 -0.04 -48.46 -5.68
CA GLU B 583 -0.02 -49.84 -6.20
C GLU B 583 1.00 -50.73 -5.50
N MET B 584 1.97 -50.15 -4.78
CA MET B 584 2.96 -50.97 -4.09
C MET B 584 2.33 -51.74 -2.93
N GLY B 585 1.53 -51.08 -2.11
CA GLY B 585 0.73 -51.75 -1.11
C GLY B 585 0.86 -51.24 0.32
N PHE B 586 1.89 -50.47 0.66
CA PHE B 586 2.10 -50.02 2.03
C PHE B 586 1.68 -48.58 2.27
N ILE B 587 0.81 -48.04 1.42
CA ILE B 587 0.37 -46.65 1.52
C ILE B 587 -1.14 -46.64 1.69
N ASP B 588 -1.62 -45.92 2.70
CA ASP B 588 -3.05 -45.78 2.91
C ASP B 588 -3.65 -44.90 1.82
N GLU B 589 -4.80 -45.33 1.30
CA GLU B 589 -5.42 -44.63 0.17
C GLU B 589 -6.23 -43.41 0.61
N LYS B 590 -6.40 -43.19 1.92
CA LYS B 590 -7.18 -42.07 2.42
C LYS B 590 -6.31 -41.05 3.16
N ARG B 591 -4.99 -41.19 3.10
CA ARG B 591 -4.09 -40.37 3.92
C ARG B 591 -2.90 -39.89 3.09
N ILE B 592 -3.18 -39.27 1.94
CA ILE B 592 -2.16 -38.71 1.06
C ILE B 592 -2.25 -37.19 1.07
N ALA B 593 -1.10 -36.53 1.20
CA ALA B 593 -1.03 -35.08 1.23
C ALA B 593 0.12 -34.59 0.36
N ILE B 594 0.10 -33.30 0.04
CA ILE B 594 1.09 -32.68 -0.83
C ILE B 594 1.37 -31.26 -0.34
N TRP B 595 2.62 -30.82 -0.51
CA TRP B 595 2.98 -29.47 -0.10
C TRP B 595 4.16 -28.97 -0.94
N GLY B 596 4.29 -27.64 -1.01
CA GLY B 596 5.32 -27.00 -1.80
C GLY B 596 5.45 -25.54 -1.44
N TRP B 597 6.33 -24.86 -2.16
CA TRP B 597 6.67 -23.46 -1.85
C TRP B 597 7.30 -22.81 -3.08
N SER B 598 6.81 -21.63 -3.44
CA SER B 598 7.44 -20.77 -4.46
C SER B 598 7.57 -21.49 -5.80
N TYR B 599 6.40 -21.68 -6.43
CA TYR B 599 6.12 -22.52 -7.59
C TYR B 599 5.92 -23.97 -7.15
N GLY B 600 6.13 -24.30 -5.88
CA GLY B 600 5.64 -25.55 -5.35
C GLY B 600 4.21 -25.36 -4.91
N GLY B 601 3.88 -24.14 -4.48
CA GLY B 601 2.50 -23.82 -4.13
C GLY B 601 1.59 -23.83 -5.34
N TYR B 602 2.08 -23.34 -6.47
CA TYR B 602 1.30 -23.37 -7.72
C TYR B 602 0.95 -24.80 -8.10
N VAL B 603 1.94 -25.69 -8.13
CA VAL B 603 1.70 -27.07 -8.50
C VAL B 603 0.85 -27.77 -7.46
N SER B 604 1.05 -27.45 -6.18
CA SER B 604 0.24 -28.05 -5.13
C SER B 604 -1.22 -27.67 -5.27
N SER B 605 -1.50 -26.39 -5.53
CA SER B 605 -2.87 -25.94 -5.73
C SER B 605 -3.49 -26.56 -6.97
N LEU B 606 -2.71 -26.69 -8.05
CA LEU B 606 -3.27 -27.30 -9.26
C LEU B 606 -3.52 -28.80 -9.08
N ALA B 607 -2.68 -29.48 -8.31
CA ALA B 607 -2.85 -30.92 -8.09
C ALA B 607 -3.97 -31.22 -7.10
N LEU B 608 -4.17 -30.35 -6.11
CA LEU B 608 -5.24 -30.57 -5.14
C LEU B 608 -6.61 -30.45 -5.80
N ALA B 609 -6.76 -29.55 -6.77
CA ALA B 609 -8.03 -29.30 -7.43
C ALA B 609 -8.10 -29.93 -8.81
N SER B 610 -7.51 -31.12 -8.98
CA SER B 610 -7.55 -31.82 -10.26
C SER B 610 -8.78 -32.69 -10.42
N GLY B 611 -9.60 -32.83 -9.38
CA GLY B 611 -10.82 -33.60 -9.47
C GLY B 611 -10.66 -35.10 -9.43
N THR B 612 -9.45 -35.59 -9.15
CA THR B 612 -9.21 -37.03 -9.12
C THR B 612 -9.63 -37.69 -7.81
N GLY B 613 -9.87 -36.90 -6.77
CA GLY B 613 -10.15 -37.48 -5.46
C GLY B 613 -8.99 -38.29 -4.92
N LEU B 614 -7.76 -37.87 -5.18
CA LEU B 614 -6.56 -38.59 -4.79
C LEU B 614 -5.90 -38.04 -3.55
N PHE B 615 -5.95 -36.72 -3.36
CA PHE B 615 -5.35 -36.07 -2.21
C PHE B 615 -6.41 -35.70 -1.18
N LYS B 616 -5.98 -35.62 0.09
CA LYS B 616 -6.87 -35.26 1.18
C LYS B 616 -6.64 -33.82 1.65
N CYS B 617 -5.39 -33.44 1.86
CA CYS B 617 -5.05 -32.10 2.29
C CYS B 617 -3.84 -31.60 1.51
N GLY B 618 -3.71 -30.27 1.43
CA GLY B 618 -2.59 -29.67 0.73
C GLY B 618 -2.21 -28.34 1.33
N ILE B 619 -0.94 -27.98 1.17
CA ILE B 619 -0.38 -26.76 1.73
C ILE B 619 0.33 -25.98 0.62
N ALA B 620 0.03 -24.69 0.52
CA ALA B 620 0.68 -23.80 -0.44
C ALA B 620 1.25 -22.60 0.31
N VAL B 621 2.55 -22.36 0.14
CA VAL B 621 3.24 -21.27 0.81
C VAL B 621 3.85 -20.37 -0.26
N ALA B 622 3.45 -19.10 -0.26
CA ALA B 622 3.90 -18.10 -1.22
C ALA B 622 3.80 -18.61 -2.67
N PRO B 623 2.60 -18.84 -3.17
CA PRO B 623 2.45 -19.37 -4.52
C PRO B 623 2.31 -18.27 -5.57
N VAL B 624 2.39 -18.68 -6.83
CA VAL B 624 2.08 -17.83 -7.96
C VAL B 624 0.69 -18.20 -8.46
N SER B 625 -0.20 -17.20 -8.53
CA SER B 625 -1.57 -17.44 -8.99
C SER B 625 -1.67 -17.36 -10.51
N SER B 626 -1.31 -16.21 -11.08
CA SER B 626 -1.34 -16.00 -12.52
C SER B 626 0.04 -15.58 -13.00
N TRP B 627 0.35 -15.93 -14.24
CA TRP B 627 1.66 -15.61 -14.80
C TRP B 627 1.76 -14.17 -15.28
N GLU B 628 0.67 -13.40 -15.24
CA GLU B 628 0.71 -11.99 -15.60
C GLU B 628 1.06 -11.11 -14.41
N TYR B 629 1.30 -11.69 -13.23
CA TYR B 629 1.65 -10.94 -12.03
C TYR B 629 3.11 -11.05 -11.66
N TYR B 630 3.93 -11.71 -12.48
CA TYR B 630 5.32 -11.97 -12.15
C TYR B 630 6.24 -11.21 -13.10
N ALA B 631 7.55 -11.32 -12.83
CA ALA B 631 8.55 -10.56 -13.56
C ALA B 631 8.57 -10.94 -15.03
N SER B 632 8.94 -9.97 -15.87
CA SER B 632 8.89 -10.17 -17.31
C SER B 632 9.88 -11.23 -17.78
N VAL B 633 11.11 -11.21 -17.24
CA VAL B 633 12.16 -12.08 -17.74
C VAL B 633 11.77 -13.55 -17.55
N TYR B 634 11.52 -13.93 -16.29
CA TYR B 634 11.23 -15.32 -15.98
C TYR B 634 9.96 -15.80 -16.65
N THR B 635 8.90 -14.98 -16.64
CA THR B 635 7.64 -15.39 -17.24
C THR B 635 7.77 -15.58 -18.74
N GLU B 636 8.33 -14.59 -19.43
CA GLU B 636 8.42 -14.64 -20.88
C GLU B 636 9.50 -15.61 -21.37
N ARG B 637 10.39 -16.06 -20.50
CA ARG B 637 11.39 -17.02 -20.93
C ARG B 637 10.77 -18.38 -21.25
N PHE B 638 9.66 -18.73 -20.61
CA PHE B 638 9.01 -20.02 -20.82
C PHE B 638 7.56 -19.92 -21.26
N MET B 639 6.96 -18.74 -21.27
CA MET B 639 5.55 -18.59 -21.61
C MET B 639 5.30 -17.78 -22.87
N GLY B 640 6.21 -16.93 -23.30
CA GLY B 640 5.97 -16.07 -24.43
C GLY B 640 5.20 -14.81 -24.07
N LEU B 641 4.92 -14.00 -25.09
CA LEU B 641 4.26 -12.72 -24.88
C LEU B 641 2.77 -12.92 -24.58
N PRO B 642 2.19 -12.09 -23.71
CA PRO B 642 0.76 -12.16 -23.40
C PRO B 642 -0.10 -11.37 -24.39
N THR B 643 0.19 -11.52 -25.67
CA THR B 643 -0.53 -10.82 -26.73
C THR B 643 -1.49 -11.77 -27.43
N LYS B 644 -2.54 -11.19 -28.02
CA LYS B 644 -3.55 -11.98 -28.72
C LYS B 644 -2.95 -12.76 -29.88
N ASP B 645 -1.79 -12.35 -30.39
CA ASP B 645 -1.18 -13.02 -31.52
C ASP B 645 -0.23 -14.14 -31.13
N ASP B 646 0.27 -14.16 -29.89
CA ASP B 646 1.31 -15.13 -29.53
C ASP B 646 0.85 -16.17 -28.51
N ASN B 647 0.51 -15.76 -27.28
CA ASN B 647 0.20 -16.76 -26.27
C ASN B 647 -0.87 -16.32 -25.27
N LEU B 648 -1.78 -15.42 -25.68
CA LEU B 648 -2.80 -14.95 -24.75
C LEU B 648 -3.76 -16.07 -24.34
N GLU B 649 -3.91 -17.10 -25.17
CA GLU B 649 -4.86 -18.17 -24.86
C GLU B 649 -4.45 -18.94 -23.62
N HIS B 650 -3.17 -19.31 -23.51
CA HIS B 650 -2.71 -20.11 -22.39
C HIS B 650 -2.58 -19.29 -21.11
N TYR B 651 -2.36 -17.98 -21.21
CA TYR B 651 -2.28 -17.14 -20.03
C TYR B 651 -3.58 -17.13 -19.24
N LYS B 652 -4.71 -17.47 -19.88
CA LYS B 652 -6.00 -17.46 -19.21
C LYS B 652 -6.37 -18.84 -18.67
N ASN B 653 -6.07 -19.91 -19.39
CA ASN B 653 -6.31 -21.26 -18.91
C ASN B 653 -5.08 -21.84 -18.21
N SER B 654 -4.49 -21.06 -17.31
CA SER B 654 -3.37 -21.53 -16.51
C SER B 654 -3.44 -21.06 -15.06
N THR B 655 -4.44 -20.29 -14.68
CA THR B 655 -4.50 -19.69 -13.36
C THR B 655 -5.17 -20.63 -12.36
N VAL B 656 -4.77 -20.49 -11.09
CA VAL B 656 -5.38 -21.27 -10.03
C VAL B 656 -6.83 -20.86 -9.82
N MET B 657 -7.14 -19.58 -10.02
CA MET B 657 -8.49 -19.08 -9.81
C MET B 657 -9.51 -19.73 -10.75
N ALA B 658 -9.05 -20.36 -11.83
CA ALA B 658 -9.95 -21.06 -12.74
C ALA B 658 -10.36 -22.44 -12.23
N ARG B 659 -9.78 -22.91 -11.12
CA ARG B 659 -10.10 -24.21 -10.57
C ARG B 659 -10.84 -24.10 -9.24
N ALA B 660 -11.40 -22.94 -8.93
CA ALA B 660 -11.95 -22.67 -7.62
C ALA B 660 -13.10 -23.61 -7.24
N GLU B 661 -13.79 -24.17 -8.22
CA GLU B 661 -14.91 -25.07 -7.93
C GLU B 661 -14.46 -26.49 -7.61
N TYR B 662 -13.17 -26.80 -7.73
CA TYR B 662 -12.67 -28.14 -7.47
C TYR B 662 -12.01 -28.28 -6.11
N PHE B 663 -12.16 -27.28 -5.24
CA PHE B 663 -11.60 -27.31 -3.90
C PHE B 663 -12.62 -27.73 -2.84
N ARG B 664 -13.80 -28.19 -3.25
CA ARG B 664 -14.89 -28.40 -2.29
C ARG B 664 -14.63 -29.57 -1.37
N ASN B 665 -14.09 -30.68 -1.89
CA ASN B 665 -13.91 -31.90 -1.11
C ASN B 665 -12.46 -32.12 -0.70
N VAL B 666 -11.72 -31.04 -0.41
CA VAL B 666 -10.31 -31.13 -0.03
C VAL B 666 -10.04 -30.16 1.11
N ASP B 667 -8.85 -30.27 1.69
CA ASP B 667 -8.36 -29.35 2.71
C ASP B 667 -7.21 -28.53 2.14
N TYR B 668 -7.26 -27.22 2.36
CA TYR B 668 -6.33 -26.29 1.73
C TYR B 668 -5.83 -25.27 2.74
N LEU B 669 -4.52 -25.03 2.74
CA LEU B 669 -3.89 -24.05 3.61
C LEU B 669 -3.05 -23.10 2.76
N LEU B 670 -3.29 -21.80 2.93
CA LEU B 670 -2.64 -20.76 2.13
C LEU B 670 -1.86 -19.83 3.05
N ILE B 671 -0.58 -19.64 2.75
CA ILE B 671 0.33 -18.85 3.59
C ILE B 671 1.13 -17.91 2.70
N HIS B 672 1.23 -16.65 3.11
CA HIS B 672 1.97 -15.66 2.35
C HIS B 672 2.43 -14.54 3.29
N GLY B 673 3.43 -13.79 2.85
CA GLY B 673 3.95 -12.65 3.58
C GLY B 673 3.51 -11.35 2.92
N THR B 674 3.17 -10.35 3.74
CA THR B 674 2.58 -9.13 3.23
C THR B 674 3.58 -8.19 2.58
N ALA B 675 4.87 -8.28 2.94
CA ALA B 675 5.89 -7.39 2.42
C ALA B 675 6.85 -8.11 1.46
N ASP B 676 6.33 -9.01 0.65
CA ASP B 676 7.15 -9.77 -0.27
C ASP B 676 7.40 -8.96 -1.53
N ASP B 677 8.68 -8.81 -1.88
CA ASP B 677 9.10 -8.06 -3.06
C ASP B 677 9.29 -8.93 -4.29
N ASN B 678 9.17 -10.25 -4.16
CA ASN B 678 9.43 -11.17 -5.26
C ASN B 678 8.14 -11.81 -5.76
N VAL B 679 7.37 -12.45 -4.88
CA VAL B 679 6.04 -12.95 -5.20
C VAL B 679 5.07 -12.14 -4.36
N HIS B 680 4.35 -11.23 -4.99
CA HIS B 680 3.57 -10.24 -4.27
C HIS B 680 2.40 -10.89 -3.54
N PHE B 681 1.88 -10.16 -2.54
CA PHE B 681 0.69 -10.59 -1.82
C PHE B 681 -0.54 -10.60 -2.73
N GLN B 682 -0.44 -9.97 -3.90
CA GLN B 682 -1.55 -9.92 -4.84
C GLN B 682 -1.99 -11.31 -5.27
N ASN B 683 -1.04 -12.24 -5.42
CA ASN B 683 -1.39 -13.58 -5.87
C ASN B 683 -2.27 -14.30 -4.86
N SER B 684 -1.86 -14.31 -3.60
CA SER B 684 -2.67 -14.93 -2.56
C SER B 684 -3.99 -14.20 -2.37
N ALA B 685 -3.99 -12.87 -2.51
CA ALA B 685 -5.24 -12.12 -2.42
C ALA B 685 -6.22 -12.55 -3.50
N GLN B 686 -5.73 -12.71 -4.74
CA GLN B 686 -6.59 -13.16 -5.82
C GLN B 686 -7.10 -14.58 -5.60
N ILE B 687 -6.24 -15.47 -5.10
CA ILE B 687 -6.68 -16.83 -4.81
C ILE B 687 -7.79 -16.83 -3.76
N ALA B 688 -7.60 -16.05 -2.70
CA ALA B 688 -8.60 -16.00 -1.63
C ALA B 688 -9.91 -15.41 -2.14
N LYS B 689 -9.83 -14.36 -2.97
CA LYS B 689 -11.05 -13.76 -3.51
C LYS B 689 -11.80 -14.75 -4.40
N ALA B 690 -11.07 -15.48 -5.25
CA ALA B 690 -11.71 -16.46 -6.11
C ALA B 690 -12.37 -17.57 -5.30
N LEU B 691 -11.70 -18.04 -4.24
CA LEU B 691 -12.30 -19.08 -3.42
C LEU B 691 -13.51 -18.57 -2.65
N VAL B 692 -13.49 -17.31 -2.22
CA VAL B 692 -14.65 -16.74 -1.54
C VAL B 692 -15.83 -16.65 -2.49
N ASN B 693 -15.60 -16.21 -3.73
CA ASN B 693 -16.70 -16.09 -4.68
C ASN B 693 -17.31 -17.43 -5.05
N ALA B 694 -16.53 -18.51 -4.94
CA ALA B 694 -17.02 -19.85 -5.26
C ALA B 694 -17.60 -20.59 -4.07
N GLN B 695 -17.61 -19.96 -2.89
CA GLN B 695 -18.14 -20.56 -1.66
C GLN B 695 -17.41 -21.85 -1.32
N VAL B 696 -16.11 -21.74 -1.07
CA VAL B 696 -15.25 -22.85 -0.71
C VAL B 696 -14.52 -22.52 0.58
N ASP B 697 -14.49 -23.47 1.50
CA ASP B 697 -13.86 -23.28 2.81
C ASP B 697 -12.37 -23.62 2.73
N PHE B 698 -11.55 -22.80 3.40
CA PHE B 698 -10.12 -22.98 3.41
C PHE B 698 -9.54 -22.25 4.62
N GLN B 699 -8.26 -22.50 4.88
CA GLN B 699 -7.55 -21.90 5.99
C GLN B 699 -6.39 -21.05 5.48
N ALA B 700 -6.08 -19.98 6.22
CA ALA B 700 -5.10 -19.01 5.77
C ALA B 700 -4.24 -18.54 6.94
N MET B 701 -3.12 -17.91 6.60
CA MET B 701 -2.19 -17.36 7.58
C MET B 701 -1.27 -16.37 6.88
N TRP B 702 -1.05 -15.22 7.48
CA TRP B 702 -0.16 -14.20 6.94
C TRP B 702 0.87 -13.81 7.99
N TYR B 703 2.00 -13.27 7.52
CA TYR B 703 3.06 -12.78 8.39
C TYR B 703 3.39 -11.34 8.00
N SER B 704 3.32 -10.44 8.99
CA SER B 704 3.46 -9.02 8.73
C SER B 704 4.92 -8.62 8.58
N ASP B 705 5.18 -7.75 7.61
CA ASP B 705 6.51 -7.18 7.38
C ASP B 705 7.56 -8.27 7.20
N GLN B 706 7.19 -9.34 6.52
CA GLN B 706 8.09 -10.46 6.28
C GLN B 706 8.28 -10.66 4.78
N ASN B 707 9.53 -10.86 4.39
CA ASN B 707 9.89 -11.01 2.99
C ASN B 707 9.64 -12.43 2.50
N HIS B 708 10.22 -12.78 1.36
CA HIS B 708 9.98 -14.09 0.77
C HIS B 708 10.47 -15.21 1.66
N GLY B 709 11.65 -15.03 2.29
CA GLY B 709 12.26 -16.11 3.03
C GLY B 709 11.63 -16.43 4.37
N LEU B 710 10.91 -15.48 4.96
CA LEU B 710 10.29 -15.65 6.28
C LEU B 710 11.33 -16.04 7.34
N SER B 711 12.26 -15.13 7.58
CA SER B 711 13.36 -15.35 8.51
C SER B 711 12.97 -14.94 9.92
N GLY B 712 13.60 -15.60 10.89
CA GLY B 712 13.37 -15.29 12.29
C GLY B 712 12.45 -16.27 12.98
N LEU B 713 11.65 -15.78 13.93
CA LEU B 713 10.66 -16.61 14.60
C LEU B 713 9.49 -16.97 13.70
N SER B 714 9.35 -16.28 12.56
CA SER B 714 8.31 -16.63 11.61
C SER B 714 8.48 -18.05 11.09
N THR B 715 9.72 -18.48 10.91
CA THR B 715 9.97 -19.86 10.49
C THR B 715 9.47 -20.86 11.54
N ASN B 716 9.75 -20.60 12.81
CA ASN B 716 9.26 -21.45 13.89
C ASN B 716 7.75 -21.52 13.87
N HIS B 717 7.09 -20.37 13.79
CA HIS B 717 5.63 -20.34 13.79
C HIS B 717 5.06 -21.09 12.59
N LEU B 718 5.66 -20.89 11.41
CA LEU B 718 5.18 -21.54 10.19
C LEU B 718 5.29 -23.06 10.31
N TYR B 719 6.43 -23.55 10.79
CA TYR B 719 6.61 -24.99 10.85
C TYR B 719 5.73 -25.62 11.91
N THR B 720 5.53 -24.94 13.04
CA THR B 720 4.61 -25.47 14.05
C THR B 720 3.18 -25.54 13.51
N HIS B 721 2.74 -24.50 12.80
CA HIS B 721 1.39 -24.50 12.25
C HIS B 721 1.21 -25.60 11.21
N MET B 722 2.19 -25.78 10.33
CA MET B 722 2.07 -26.83 9.32
C MET B 722 2.10 -28.21 9.94
N THR B 723 2.90 -28.41 10.99
CA THR B 723 2.91 -29.69 11.69
C THR B 723 1.55 -29.98 12.32
N HIS B 724 0.93 -28.97 12.95
CA HIS B 724 -0.40 -29.18 13.51
C HIS B 724 -1.41 -29.54 12.42
N PHE B 725 -1.35 -28.85 11.28
CA PHE B 725 -2.27 -29.14 10.19
C PHE B 725 -2.11 -30.57 9.70
N LEU B 726 -0.86 -31.01 9.51
CA LEU B 726 -0.63 -32.37 9.03
C LEU B 726 -1.06 -33.41 10.05
N LYS B 727 -0.82 -33.14 11.35
CA LYS B 727 -1.24 -34.08 12.37
C LYS B 727 -2.76 -34.22 12.40
N GLN B 728 -3.49 -33.11 12.26
CA GLN B 728 -4.94 -33.19 12.27
C GLN B 728 -5.49 -33.84 11.00
N CYS B 729 -4.83 -33.61 9.86
CA CYS B 729 -5.31 -34.19 8.60
C CYS B 729 -5.22 -35.71 8.62
N PHE B 730 -4.13 -36.26 9.16
CA PHE B 730 -3.89 -37.70 9.13
C PHE B 730 -4.40 -38.43 10.38
N SER B 731 -5.03 -37.73 11.30
CA SER B 731 -5.53 -38.36 12.52
C SER B 731 -6.68 -39.30 12.22
N VAL C 119 -38.65 59.44 -7.80
CA VAL C 119 -37.25 59.81 -7.64
C VAL C 119 -36.52 59.66 -8.97
N GLN C 120 -35.63 60.60 -9.27
CA GLN C 120 -34.90 60.62 -10.53
C GLN C 120 -33.41 60.63 -10.26
N LEU C 121 -32.68 59.78 -10.98
CA LEU C 121 -31.22 59.74 -10.93
C LEU C 121 -30.70 59.60 -12.35
N VAL C 122 -29.71 60.42 -12.70
CA VAL C 122 -29.15 60.44 -14.04
C VAL C 122 -27.63 60.47 -13.94
N GLU C 123 -26.98 59.61 -14.72
CA GLU C 123 -25.53 59.48 -14.68
C GLU C 123 -24.93 59.84 -16.04
N SER C 124 -23.67 60.22 -16.02
CA SER C 124 -22.98 60.68 -17.22
C SER C 124 -21.49 60.43 -17.07
N GLY C 125 -20.79 60.47 -18.21
CA GLY C 125 -19.36 60.25 -18.25
C GLY C 125 -19.03 58.87 -18.76
N GLY C 126 -17.72 58.62 -18.86
CA GLY C 126 -17.23 57.33 -19.30
C GLY C 126 -17.34 57.14 -20.79
N GLY C 127 -16.95 55.95 -21.24
CA GLY C 127 -16.97 55.59 -22.64
C GLY C 127 -15.80 54.71 -22.96
N LEU C 128 -15.51 54.60 -24.26
CA LEU C 128 -14.39 53.78 -24.72
C LEU C 128 -13.08 54.35 -24.20
N VAL C 129 -12.17 53.46 -23.80
CA VAL C 129 -10.89 53.86 -23.24
C VAL C 129 -9.87 52.77 -23.55
N GLN C 130 -8.65 53.19 -23.85
CA GLN C 130 -7.54 52.27 -24.07
C GLN C 130 -7.04 51.72 -22.73
N PRO C 131 -6.39 50.55 -22.74
CA PRO C 131 -5.87 50.00 -21.49
C PRO C 131 -4.84 50.91 -20.84
N GLY C 132 -4.85 50.93 -19.51
CA GLY C 132 -3.98 51.81 -18.77
C GLY C 132 -4.47 53.22 -18.59
N GLY C 133 -5.68 53.52 -19.06
CA GLY C 133 -6.22 54.86 -18.99
C GLY C 133 -6.82 55.19 -17.64
N SER C 134 -7.58 56.28 -17.61
CA SER C 134 -8.25 56.74 -16.41
C SER C 134 -9.45 57.60 -16.81
N LEU C 135 -10.54 57.46 -16.07
CA LEU C 135 -11.75 58.20 -16.38
C LEU C 135 -12.42 58.62 -15.07
N ARG C 136 -13.48 59.41 -15.22
CA ARG C 136 -14.32 59.79 -14.10
C ARG C 136 -15.76 59.92 -14.56
N LEU C 137 -16.68 59.48 -13.71
CA LEU C 137 -18.10 59.49 -14.01
C LEU C 137 -18.83 60.30 -12.93
N SER C 138 -19.96 60.87 -13.32
CA SER C 138 -20.74 61.71 -12.43
C SER C 138 -22.18 61.22 -12.39
N CYS C 139 -22.83 61.46 -11.25
CA CYS C 139 -24.23 61.09 -11.07
C CYS C 139 -24.95 62.19 -10.29
N ALA C 140 -26.16 62.51 -10.72
CA ALA C 140 -26.96 63.57 -10.11
C ALA C 140 -28.37 63.06 -9.87
N ALA C 141 -28.91 63.36 -8.70
CA ALA C 141 -30.23 62.87 -8.30
C ALA C 141 -31.09 64.04 -7.86
N SER C 142 -32.40 63.83 -7.93
CA SER C 142 -33.38 64.84 -7.52
C SER C 142 -34.55 64.14 -6.85
N GLY C 143 -35.57 64.92 -6.50
CA GLY C 143 -36.77 64.38 -5.90
C GLY C 143 -36.69 64.28 -4.39
N PHE C 144 -35.80 63.43 -3.89
CA PHE C 144 -35.67 63.23 -2.45
C PHE C 144 -34.75 64.29 -1.84
N THR C 145 -34.53 64.17 -0.54
CA THR C 145 -33.68 65.10 0.20
C THR C 145 -32.26 64.54 0.25
N PHE C 146 -31.34 65.24 -0.39
CA PHE C 146 -29.94 64.84 -0.43
C PHE C 146 -29.25 65.30 0.85
N SER C 147 -27.93 65.17 0.90
CA SER C 147 -27.10 65.56 2.05
C SER C 147 -27.55 64.89 3.34
N SER C 148 -28.36 63.85 3.24
CA SER C 148 -28.83 63.13 4.41
C SER C 148 -28.76 61.61 4.29
N TYR C 149 -28.41 61.08 3.11
CA TYR C 149 -28.35 59.64 2.88
C TYR C 149 -26.99 59.26 2.31
N ALA C 150 -26.54 58.06 2.66
CA ALA C 150 -25.33 57.51 2.07
C ALA C 150 -25.60 57.05 0.65
N MET C 151 -24.52 56.94 -0.13
CA MET C 151 -24.63 56.63 -1.55
C MET C 151 -23.73 55.45 -1.89
N SER C 152 -23.98 54.83 -3.03
CA SER C 152 -23.15 53.72 -3.46
C SER C 152 -23.11 53.66 -4.98
N TRP C 153 -22.07 52.99 -5.48
CA TRP C 153 -21.90 52.75 -6.91
C TRP C 153 -21.91 51.24 -7.14
N VAL C 154 -22.74 50.81 -8.09
CA VAL C 154 -22.90 49.41 -8.48
C VAL C 154 -22.60 49.29 -9.96
N ARG C 155 -22.32 48.07 -10.41
CA ARG C 155 -22.05 47.84 -11.82
C ARG C 155 -22.72 46.54 -12.28
N GLN C 156 -23.01 46.49 -13.57
CA GLN C 156 -23.67 45.35 -14.20
C GLN C 156 -22.86 44.96 -15.44
N ALA C 157 -22.21 43.81 -15.39
CA ALA C 157 -21.48 43.30 -16.53
C ALA C 157 -22.46 42.68 -17.53
N PRO C 158 -22.08 42.61 -18.81
CA PRO C 158 -23.01 42.06 -19.81
C PRO C 158 -23.23 40.57 -19.63
N GLY C 159 -24.45 40.20 -19.23
CA GLY C 159 -24.80 38.82 -19.00
C GLY C 159 -24.68 38.35 -17.57
N LYS C 160 -23.96 39.07 -16.73
CA LYS C 160 -23.76 38.69 -15.33
C LYS C 160 -24.76 39.44 -14.45
N GLY C 161 -24.55 39.40 -13.14
CA GLY C 161 -25.40 40.09 -12.21
C GLY C 161 -24.79 41.38 -11.69
N LEU C 162 -25.60 42.15 -10.99
CA LEU C 162 -25.13 43.40 -10.40
C LEU C 162 -24.06 43.12 -9.35
N GLU C 163 -22.99 43.90 -9.40
CA GLU C 163 -21.87 43.76 -8.47
C GLU C 163 -21.61 45.10 -7.81
N TRP C 164 -21.63 45.11 -6.47
CA TRP C 164 -21.39 46.34 -5.73
C TRP C 164 -19.96 46.80 -5.91
N VAL C 165 -19.78 48.08 -6.21
CA VAL C 165 -18.47 48.65 -6.51
C VAL C 165 -17.91 49.44 -5.33
N SER C 166 -18.67 50.41 -4.83
CA SER C 166 -18.14 51.24 -3.75
C SER C 166 -19.29 51.87 -2.98
N ALA C 167 -18.97 52.44 -1.81
CA ALA C 167 -19.95 53.12 -0.99
C ALA C 167 -19.31 54.34 -0.33
N ILE C 168 -20.12 55.38 -0.13
CA ILE C 168 -19.67 56.64 0.46
C ILE C 168 -20.70 57.11 1.48
N ASN C 169 -20.22 57.66 2.59
CA ASN C 169 -21.07 58.09 3.68
C ASN C 169 -21.84 59.36 3.31
N SER C 170 -22.88 59.64 4.08
CA SER C 170 -23.67 60.85 3.86
C SER C 170 -22.84 62.10 4.13
N GLY C 171 -22.02 62.08 5.19
CA GLY C 171 -21.16 63.21 5.49
C GLY C 171 -19.95 63.31 4.59
N GLY C 172 -19.61 62.25 3.87
CA GLY C 172 -18.48 62.25 2.97
C GLY C 172 -17.16 61.87 3.61
N GLY C 173 -17.14 61.60 4.91
CA GLY C 173 -15.91 61.29 5.60
C GLY C 173 -15.37 59.90 5.30
N SER C 174 -16.11 58.87 5.66
CA SER C 174 -15.66 57.49 5.53
C SER C 174 -16.25 56.87 4.27
N THR C 175 -15.41 56.17 3.51
CA THR C 175 -15.83 55.50 2.29
C THR C 175 -15.23 54.11 2.25
N SER C 176 -15.93 53.21 1.55
CA SER C 176 -15.54 51.81 1.47
C SER C 176 -15.47 51.37 0.01
N TYR C 177 -14.48 50.53 -0.29
CA TYR C 177 -14.24 50.06 -1.64
C TYR C 177 -14.18 48.55 -1.66
N ALA C 178 -14.60 47.96 -2.77
CA ALA C 178 -14.67 46.51 -2.90
C ALA C 178 -13.27 45.93 -3.08
N ASP C 179 -13.17 44.61 -2.89
CA ASP C 179 -11.89 43.92 -2.99
C ASP C 179 -11.39 43.84 -4.42
N SER C 180 -12.23 44.08 -5.41
CA SER C 180 -11.81 44.08 -6.80
C SER C 180 -11.42 45.47 -7.29
N VAL C 181 -11.78 46.52 -6.57
CA VAL C 181 -11.48 47.89 -6.97
C VAL C 181 -10.74 48.59 -5.84
N LYS C 182 -10.02 47.82 -5.03
CA LYS C 182 -9.30 48.39 -3.89
C LYS C 182 -8.03 49.07 -4.37
N GLY C 183 -7.84 50.32 -3.94
CA GLY C 183 -6.62 51.04 -4.25
C GLY C 183 -6.52 51.60 -5.64
N ARG C 184 -7.59 51.54 -6.44
CA ARG C 184 -7.55 52.07 -7.80
C ARG C 184 -8.70 53.03 -8.03
N PHE C 185 -9.79 52.86 -7.29
CA PHE C 185 -10.97 53.69 -7.44
C PHE C 185 -11.05 54.69 -6.28
N THR C 186 -11.55 55.88 -6.58
CA THR C 186 -11.78 56.91 -5.58
C THR C 186 -13.19 57.46 -5.76
N ILE C 187 -13.75 57.98 -4.68
CA ILE C 187 -15.12 58.49 -4.69
C ILE C 187 -15.15 59.88 -4.06
N SER C 188 -16.13 60.67 -4.46
CA SER C 188 -16.33 61.99 -3.89
C SER C 188 -17.77 62.39 -4.07
N ARG C 189 -18.21 63.39 -3.29
CA ARG C 189 -19.56 63.91 -3.41
C ARG C 189 -19.55 65.40 -3.09
N ASP C 190 -20.56 66.10 -3.61
CA ASP C 190 -20.75 67.52 -3.33
C ASP C 190 -22.24 67.76 -3.13
N ASN C 191 -22.63 68.07 -1.90
CA ASN C 191 -24.03 68.35 -1.60
C ASN C 191 -24.46 69.73 -2.06
N ALA C 192 -23.51 70.65 -2.29
CA ALA C 192 -23.86 71.98 -2.77
C ALA C 192 -24.52 71.91 -4.15
N LYS C 193 -23.94 71.12 -5.05
CA LYS C 193 -24.51 70.90 -6.37
C LYS C 193 -25.19 69.54 -6.51
N ASN C 194 -25.21 68.74 -5.44
CA ASN C 194 -25.87 67.43 -5.41
C ASN C 194 -25.34 66.52 -6.51
N THR C 195 -24.04 66.22 -6.42
CA THR C 195 -23.38 65.41 -7.43
C THR C 195 -22.47 64.38 -6.76
N LEU C 196 -22.26 63.27 -7.46
CA LEU C 196 -21.37 62.20 -7.01
C LEU C 196 -20.35 61.91 -8.10
N TYR C 197 -19.09 61.83 -7.72
CA TYR C 197 -17.99 61.59 -8.64
C TYR C 197 -17.33 60.25 -8.32
N LEU C 198 -17.08 59.45 -9.34
CA LEU C 198 -16.30 58.23 -9.24
C LEU C 198 -15.10 58.37 -10.16
N GLN C 199 -13.90 58.27 -9.60
CA GLN C 199 -12.65 58.39 -10.35
C GLN C 199 -12.04 57.00 -10.45
N MET C 200 -11.99 56.47 -11.67
CA MET C 200 -11.48 55.12 -11.92
C MET C 200 -10.16 55.25 -12.67
N ASN C 201 -9.07 54.87 -12.00
CA ASN C 201 -7.72 54.94 -12.57
C ASN C 201 -7.14 53.53 -12.68
N SER C 202 -6.10 53.43 -13.51
CA SER C 202 -5.39 52.17 -13.73
C SER C 202 -6.35 51.09 -14.22
N LEU C 203 -6.95 51.34 -15.37
CA LEU C 203 -7.96 50.45 -15.91
C LEU C 203 -7.35 49.14 -16.41
N LYS C 204 -8.16 48.10 -16.37
CA LYS C 204 -7.82 46.76 -16.83
C LYS C 204 -8.98 46.21 -17.65
N PRO C 205 -8.70 45.31 -18.62
CA PRO C 205 -9.74 44.84 -19.56
C PRO C 205 -10.75 43.87 -18.95
N GLU C 206 -11.30 44.24 -17.78
CA GLU C 206 -12.33 43.43 -17.14
C GLU C 206 -13.45 44.28 -16.56
N ASP C 207 -13.43 45.60 -16.74
CA ASP C 207 -14.42 46.49 -16.15
C ASP C 207 -15.47 46.95 -17.14
N THR C 208 -15.57 46.31 -18.30
CA THR C 208 -16.59 46.65 -19.28
C THR C 208 -17.97 46.33 -18.72
N ALA C 209 -18.73 47.36 -18.36
CA ALA C 209 -20.03 47.15 -17.71
C ALA C 209 -20.80 48.46 -17.73
N VAL C 210 -22.07 48.38 -17.34
CA VAL C 210 -22.91 49.56 -17.18
C VAL C 210 -23.00 49.88 -15.69
N TYR C 211 -22.63 51.10 -15.32
CA TYR C 211 -22.54 51.52 -13.93
C TYR C 211 -23.79 52.30 -13.53
N TYR C 212 -24.17 52.15 -12.25
CA TYR C 212 -25.33 52.82 -11.68
C TYR C 212 -24.96 53.40 -10.32
N CYS C 213 -25.73 54.42 -9.95
CA CYS C 213 -25.59 55.02 -8.62
C CYS C 213 -26.85 54.62 -7.84
N ALA C 214 -26.71 54.19 -6.59
CA ALA C 214 -27.81 53.72 -5.77
C ALA C 214 -27.85 54.50 -4.45
N LYS C 215 -29.08 54.76 -4.00
CA LYS C 215 -29.35 55.54 -2.81
C LYS C 215 -29.86 54.64 -1.70
N ALA C 216 -29.30 54.78 -0.50
CA ALA C 216 -29.66 53.95 0.63
C ALA C 216 -30.86 54.54 1.38
N ARG C 217 -31.38 53.76 2.33
CA ARG C 217 -32.51 54.16 3.15
C ARG C 217 -32.12 54.41 4.60
N THR C 218 -30.84 54.65 4.86
CA THR C 218 -30.37 54.86 6.23
C THR C 218 -29.35 56.00 6.20
N GLY C 219 -29.69 57.12 6.81
CA GLY C 219 -28.80 58.26 6.83
C GLY C 219 -28.03 58.42 8.12
N TRP C 220 -28.35 57.59 9.12
CA TRP C 220 -27.66 57.66 10.40
C TRP C 220 -26.21 57.20 10.30
N SER C 221 -25.88 56.41 9.28
CA SER C 221 -24.52 55.91 9.08
C SER C 221 -24.41 55.39 7.66
N LEU C 222 -23.28 54.77 7.34
CA LEU C 222 -23.13 54.14 6.04
C LEU C 222 -24.05 52.92 5.95
N ALA C 223 -24.62 52.70 4.77
CA ALA C 223 -25.49 51.55 4.54
C ALA C 223 -25.52 51.28 3.05
N VAL C 224 -25.29 50.04 2.66
CA VAL C 224 -25.32 49.66 1.25
C VAL C 224 -26.77 49.40 0.85
N PRO C 225 -27.35 50.20 -0.04
CA PRO C 225 -28.71 49.90 -0.50
C PRO C 225 -28.74 48.59 -1.28
N SER C 226 -29.81 47.81 -1.06
CA SER C 226 -29.87 46.51 -1.72
C SER C 226 -30.41 46.66 -3.15
N PHE C 227 -31.68 47.01 -3.28
CA PHE C 227 -32.31 47.17 -4.60
C PHE C 227 -33.29 48.34 -4.61
N GLY C 228 -32.85 49.48 -4.07
CA GLY C 228 -33.69 50.65 -4.00
C GLY C 228 -33.85 51.37 -5.32
N SER C 229 -33.79 52.70 -5.29
CA SER C 229 -34.02 53.49 -6.49
C SER C 229 -32.96 53.21 -7.54
N TRP C 230 -33.38 53.16 -8.80
CA TRP C 230 -32.51 52.89 -9.94
C TRP C 230 -32.79 53.88 -11.06
N GLY C 231 -31.77 54.09 -11.90
CA GLY C 231 -31.88 55.01 -13.01
C GLY C 231 -31.71 54.34 -14.36
N GLN C 232 -30.83 54.90 -15.21
CA GLN C 232 -30.58 54.35 -16.53
C GLN C 232 -29.20 53.72 -16.69
N GLY C 233 -28.19 54.22 -15.98
CA GLY C 233 -26.86 53.63 -16.06
C GLY C 233 -26.01 54.17 -17.20
N THR C 234 -24.70 54.10 -17.05
CA THR C 234 -23.77 54.58 -18.08
C THR C 234 -22.82 53.46 -18.47
N GLN C 235 -22.67 53.25 -19.77
CA GLN C 235 -21.80 52.18 -20.27
C GLN C 235 -20.35 52.62 -20.25
N VAL C 236 -19.47 51.72 -19.81
CA VAL C 236 -18.03 51.94 -19.86
C VAL C 236 -17.39 50.68 -20.41
N THR C 237 -16.57 50.83 -21.45
CA THR C 237 -15.90 49.72 -22.09
C THR C 237 -14.41 50.02 -22.21
N VAL C 238 -13.58 49.07 -21.79
CA VAL C 238 -12.13 49.16 -21.91
C VAL C 238 -11.63 48.01 -22.76
N SER C 239 -10.94 48.35 -23.85
CA SER C 239 -10.42 47.34 -24.77
C SER C 239 -9.32 47.97 -25.61
N SER C 240 -8.49 47.11 -26.18
CA SER C 240 -7.38 47.56 -27.02
C SER C 240 -7.85 47.84 -28.45
N VAL D 119 62.81 17.00 -28.94
CA VAL D 119 61.72 17.73 -29.58
C VAL D 119 61.38 18.97 -28.75
N GLN D 120 61.10 20.09 -29.44
CA GLN D 120 60.81 21.34 -28.77
C GLN D 120 59.51 21.91 -29.30
N LEU D 121 58.65 22.38 -28.40
CA LEU D 121 57.40 23.05 -28.75
C LEU D 121 57.24 24.26 -27.85
N VAL D 122 56.98 25.42 -28.45
CA VAL D 122 56.81 26.67 -27.72
C VAL D 122 55.48 27.29 -28.15
N GLU D 123 54.66 27.64 -27.16
CA GLU D 123 53.34 28.20 -27.41
C GLU D 123 53.28 29.61 -26.84
N SER D 124 52.46 30.45 -27.48
CA SER D 124 52.34 31.85 -27.10
C SER D 124 50.93 32.33 -27.40
N GLY D 125 50.60 33.48 -26.85
CA GLY D 125 49.29 34.08 -27.01
C GLY D 125 48.45 33.93 -25.74
N GLY D 126 47.26 34.52 -25.79
CA GLY D 126 46.32 34.42 -24.69
C GLY D 126 46.71 35.31 -23.53
N GLY D 127 45.90 35.25 -22.49
CA GLY D 127 46.10 36.06 -21.31
C GLY D 127 44.77 36.44 -20.70
N LEU D 128 44.81 37.45 -19.82
CA LEU D 128 43.60 37.92 -19.16
C LEU D 128 42.65 38.51 -20.19
N VAL D 129 41.35 38.25 -20.01
CA VAL D 129 40.34 38.70 -20.95
C VAL D 129 39.02 38.84 -20.21
N GLN D 130 38.22 39.82 -20.63
CA GLN D 130 36.87 39.99 -20.11
C GLN D 130 35.92 38.98 -20.74
N PRO D 131 34.84 38.62 -20.06
CA PRO D 131 33.89 37.66 -20.62
C PRO D 131 33.26 38.18 -21.90
N GLY D 132 32.95 37.26 -22.81
CA GLY D 132 32.37 37.60 -24.09
C GLY D 132 33.35 38.01 -25.16
N GLY D 133 34.64 37.93 -24.90
CA GLY D 133 35.65 38.36 -25.86
C GLY D 133 36.03 37.29 -26.85
N SER D 134 37.28 37.38 -27.33
CA SER D 134 37.81 36.43 -28.31
C SER D 134 39.33 36.50 -28.25
N LEU D 135 39.99 35.35 -28.40
CA LEU D 135 41.43 35.29 -28.35
C LEU D 135 41.95 34.34 -29.40
N ARG D 136 43.25 34.47 -29.69
CA ARG D 136 43.94 33.60 -30.63
C ARG D 136 45.29 33.21 -30.03
N LEU D 137 45.62 31.93 -30.11
CA LEU D 137 46.87 31.40 -29.58
C LEU D 137 47.62 30.68 -30.68
N SER D 138 48.94 30.68 -30.57
CA SER D 138 49.80 30.07 -31.58
C SER D 138 50.78 29.12 -30.91
N CYS D 139 51.24 28.14 -31.68
CA CYS D 139 52.22 27.17 -31.21
C CYS D 139 53.17 26.83 -32.35
N ALA D 140 54.46 26.72 -32.04
CA ALA D 140 55.49 26.43 -33.02
C ALA D 140 56.37 25.31 -32.51
N ALA D 141 56.67 24.34 -33.36
CA ALA D 141 57.44 23.17 -32.98
C ALA D 141 58.65 23.01 -33.89
N SER D 142 59.67 22.33 -33.37
CA SER D 142 60.89 22.04 -34.11
C SER D 142 61.35 20.64 -33.77
N GLY D 143 62.52 20.28 -34.28
CA GLY D 143 63.10 18.97 -34.00
C GLY D 143 62.65 17.90 -34.98
N PHE D 144 61.36 17.58 -34.97
CA PHE D 144 60.83 16.55 -35.84
C PHE D 144 60.46 17.13 -37.20
N THR D 145 59.90 16.29 -38.07
CA THR D 145 59.49 16.70 -39.40
C THR D 145 58.00 17.03 -39.38
N PHE D 146 57.67 18.28 -39.70
CA PHE D 146 56.28 18.73 -39.70
C PHE D 146 55.61 18.35 -41.02
N SER D 147 54.40 18.84 -41.23
CA SER D 147 53.60 18.57 -42.43
C SER D 147 53.38 17.08 -42.66
N SER D 148 53.59 16.26 -41.63
CA SER D 148 53.41 14.82 -41.74
C SER D 148 52.66 14.20 -40.57
N TYR D 149 52.42 14.93 -39.49
CA TYR D 149 51.73 14.41 -38.31
C TYR D 149 50.51 15.26 -38.02
N ALA D 150 49.63 14.72 -37.18
CA ALA D 150 48.42 15.41 -36.75
C ALA D 150 48.65 16.04 -35.39
N MET D 151 48.03 17.19 -35.17
CA MET D 151 48.27 17.99 -33.98
C MET D 151 47.03 18.03 -33.10
N SER D 152 47.23 18.37 -31.83
CA SER D 152 46.10 18.48 -30.93
C SER D 152 46.36 19.58 -29.91
N TRP D 153 45.27 20.13 -29.37
CA TRP D 153 45.30 21.09 -28.29
C TRP D 153 44.66 20.47 -27.07
N VAL D 154 45.38 20.49 -25.94
CA VAL D 154 44.95 19.87 -24.69
C VAL D 154 45.12 20.88 -23.56
N ARG D 155 44.10 21.01 -22.70
CA ARG D 155 44.14 22.00 -21.64
C ARG D 155 44.19 21.34 -20.27
N GLN D 156 44.80 22.05 -19.33
CA GLN D 156 44.96 21.60 -17.95
C GLN D 156 44.42 22.68 -17.03
N ALA D 157 43.32 22.38 -16.35
CA ALA D 157 42.75 23.31 -15.38
C ALA D 157 43.53 23.24 -14.07
N PRO D 158 43.54 24.32 -13.29
CA PRO D 158 44.29 24.29 -12.02
C PRO D 158 43.65 23.35 -11.00
N GLY D 159 44.35 22.27 -10.67
CA GLY D 159 43.86 21.28 -9.74
C GLY D 159 43.18 20.09 -10.37
N LYS D 160 42.84 20.17 -11.65
CA LYS D 160 42.19 19.09 -12.35
C LYS D 160 43.18 18.39 -13.29
N GLY D 161 42.68 17.47 -14.11
CA GLY D 161 43.52 16.72 -15.02
C GLY D 161 43.49 17.28 -16.45
N LEU D 162 44.40 16.77 -17.27
CA LEU D 162 44.47 17.19 -18.66
C LEU D 162 43.20 16.80 -19.39
N GLU D 163 42.67 17.74 -20.17
CA GLU D 163 41.45 17.54 -20.95
C GLU D 163 41.72 17.86 -22.40
N TRP D 164 41.40 16.92 -23.29
CA TRP D 164 41.60 17.12 -24.71
C TRP D 164 40.63 18.17 -25.24
N VAL D 165 41.14 19.14 -25.98
CA VAL D 165 40.34 20.25 -26.47
C VAL D 165 40.00 20.09 -27.95
N SER D 166 41.01 19.87 -28.79
CA SER D 166 40.73 19.79 -30.23
C SER D 166 41.84 19.01 -30.92
N ALA D 167 41.57 18.59 -32.15
CA ALA D 167 42.55 17.89 -32.96
C ALA D 167 42.43 18.31 -34.41
N ILE D 168 43.56 18.31 -35.12
CA ILE D 168 43.62 18.72 -36.52
C ILE D 168 44.51 17.74 -37.28
N ASN D 169 44.11 17.43 -38.51
CA ASN D 169 44.75 16.42 -39.33
C ASN D 169 46.08 16.95 -39.87
N SER D 170 46.88 16.02 -40.43
CA SER D 170 48.17 16.40 -41.01
C SER D 170 48.00 17.31 -42.21
N GLY D 171 47.05 17.01 -43.08
CA GLY D 171 46.79 17.85 -44.24
C GLY D 171 45.92 19.06 -43.98
N GLY D 172 45.27 19.12 -42.82
CA GLY D 172 44.44 20.24 -42.48
C GLY D 172 43.02 20.16 -42.99
N GLY D 173 42.69 19.14 -43.78
CA GLY D 173 41.34 19.04 -44.33
C GLY D 173 40.29 18.77 -43.27
N SER D 174 40.58 17.87 -42.34
CA SER D 174 39.62 17.42 -41.33
C SER D 174 40.06 17.87 -39.94
N THR D 175 39.09 18.33 -39.15
CA THR D 175 39.34 18.75 -37.78
C THR D 175 38.24 18.23 -36.89
N SER D 176 38.57 18.02 -35.61
CA SER D 176 37.65 17.49 -34.62
C SER D 176 37.68 18.35 -33.38
N TYR D 177 36.50 18.61 -32.81
CA TYR D 177 36.36 19.46 -31.64
C TYR D 177 35.56 18.74 -30.56
N ALA D 178 35.90 19.04 -29.31
CA ALA D 178 35.25 18.40 -28.18
C ALA D 178 33.87 19.02 -27.93
N ASP D 179 33.08 18.34 -27.11
CA ASP D 179 31.74 18.82 -26.80
C ASP D 179 31.78 20.15 -26.07
N SER D 180 32.70 20.30 -25.13
CA SER D 180 32.80 21.53 -24.36
C SER D 180 33.22 22.72 -25.21
N VAL D 181 33.85 22.48 -26.35
CA VAL D 181 34.35 23.55 -27.21
C VAL D 181 33.76 23.45 -28.62
N LYS D 182 32.60 22.81 -28.76
CA LYS D 182 31.97 22.68 -30.07
C LYS D 182 31.16 23.94 -30.39
N GLY D 183 31.35 24.46 -31.60
CA GLY D 183 30.62 25.62 -32.05
C GLY D 183 31.23 26.96 -31.68
N ARG D 184 32.32 26.96 -30.93
CA ARG D 184 32.98 28.19 -30.53
C ARG D 184 34.45 28.25 -30.92
N PHE D 185 35.16 27.13 -30.83
CA PHE D 185 36.58 27.09 -31.12
C PHE D 185 36.81 26.72 -32.59
N THR D 186 37.93 27.21 -33.12
CA THR D 186 38.36 26.87 -34.47
C THR D 186 39.87 26.62 -34.45
N ILE D 187 40.33 25.78 -35.36
CA ILE D 187 41.74 25.41 -35.40
C ILE D 187 42.24 25.60 -36.83
N SER D 188 43.55 25.83 -36.95
CA SER D 188 44.17 25.96 -38.26
C SER D 188 45.66 25.66 -38.12
N ARG D 189 46.30 25.39 -39.26
CA ARG D 189 47.72 25.12 -39.27
C ARG D 189 48.34 25.68 -40.55
N ASP D 190 49.64 25.92 -40.48
CA ASP D 190 50.42 26.41 -41.62
C ASP D 190 51.77 25.69 -41.61
N ASN D 191 51.97 24.80 -42.57
CA ASN D 191 53.23 24.07 -42.68
C ASN D 191 54.35 24.92 -43.27
N ALA D 192 54.01 26.01 -43.96
CA ALA D 192 55.05 26.87 -44.52
C ALA D 192 55.91 27.48 -43.43
N LYS D 193 55.29 27.99 -42.37
CA LYS D 193 56.01 28.52 -41.22
C LYS D 193 55.97 27.60 -40.02
N ASN D 194 55.37 26.41 -40.15
CA ASN D 194 55.31 25.41 -39.08
C ASN D 194 54.67 26.00 -37.82
N THR D 195 53.40 26.37 -37.96
CA THR D 195 52.67 26.99 -36.86
C THR D 195 51.26 26.42 -36.76
N LEU D 196 50.72 26.45 -35.55
CA LEU D 196 49.37 25.99 -35.25
C LEU D 196 48.61 27.13 -34.58
N TYR D 197 47.41 27.41 -35.09
CA TYR D 197 46.58 28.49 -34.59
C TYR D 197 45.30 27.93 -33.96
N LEU D 198 44.93 28.48 -32.81
CA LEU D 198 43.67 28.14 -32.15
C LEU D 198 42.94 29.45 -31.88
N GLN D 199 41.71 29.55 -32.39
CA GLN D 199 40.88 30.74 -32.20
C GLN D 199 39.71 30.38 -31.30
N MET D 200 39.59 31.09 -30.18
CA MET D 200 38.52 30.88 -29.22
C MET D 200 37.62 32.11 -29.20
N ASN D 201 36.32 31.88 -29.32
CA ASN D 201 35.34 32.96 -29.37
C ASN D 201 34.23 32.70 -28.38
N SER D 202 33.58 33.78 -27.95
CA SER D 202 32.47 33.73 -26.99
C SER D 202 32.87 32.96 -25.74
N LEU D 203 33.86 33.49 -25.04
CA LEU D 203 34.41 32.82 -23.87
C LEU D 203 33.44 32.85 -22.70
N LYS D 204 33.60 31.87 -21.83
CA LYS D 204 32.80 31.69 -20.62
C LYS D 204 33.72 31.46 -19.44
N PRO D 205 33.29 31.82 -18.22
CA PRO D 205 34.20 31.73 -17.07
C PRO D 205 34.47 30.30 -16.61
N GLU D 206 34.86 29.44 -17.56
CA GLU D 206 35.22 28.07 -17.23
C GLU D 206 36.45 27.59 -17.97
N ASP D 207 37.03 28.40 -18.85
CA ASP D 207 38.17 28.01 -19.66
C ASP D 207 39.51 28.43 -19.07
N THR D 208 39.53 28.97 -17.85
CA THR D 208 40.78 29.36 -17.22
C THR D 208 41.65 28.14 -16.99
N ALA D 209 42.74 28.03 -17.75
CA ALA D 209 43.59 26.85 -17.71
C ALA D 209 44.88 27.13 -18.47
N VAL D 210 45.80 26.18 -18.41
CA VAL D 210 47.03 26.23 -19.17
C VAL D 210 46.91 25.28 -20.36
N TYR D 211 47.10 25.82 -21.56
CA TYR D 211 46.92 25.08 -22.80
C TYR D 211 48.26 24.59 -23.32
N TYR D 212 48.24 23.43 -23.98
CA TYR D 212 49.42 22.83 -24.57
C TYR D 212 49.08 22.30 -25.96
N CYS D 213 50.10 22.27 -26.81
CA CYS D 213 50.01 21.65 -28.13
C CYS D 213 50.76 20.33 -28.11
N ALA D 214 50.11 19.27 -28.59
CA ALA D 214 50.65 17.92 -28.52
C ALA D 214 50.70 17.30 -29.91
N LYS D 215 51.73 16.47 -30.11
CA LYS D 215 52.01 15.83 -31.39
C LYS D 215 51.84 14.33 -31.26
N ALA D 216 51.13 13.73 -32.22
CA ALA D 216 50.87 12.29 -32.20
C ALA D 216 51.96 11.55 -32.97
N ARG D 217 51.82 10.23 -33.02
CA ARG D 217 52.78 9.35 -33.69
C ARG D 217 52.19 8.66 -34.91
N THR D 218 51.11 9.21 -35.46
CA THR D 218 50.43 8.59 -36.60
C THR D 218 50.13 9.68 -37.62
N GLY D 219 50.78 9.62 -38.78
CA GLY D 219 50.56 10.56 -39.84
C GLY D 219 49.67 10.08 -40.97
N TRP D 220 49.24 8.83 -40.94
CA TRP D 220 48.39 8.31 -42.01
C TRP D 220 47.01 8.92 -41.97
N SER D 221 46.53 9.33 -40.80
CA SER D 221 45.22 9.94 -40.65
C SER D 221 45.20 10.70 -39.33
N LEU D 222 44.01 11.16 -38.93
CA LEU D 222 43.87 11.81 -37.64
C LEU D 222 44.11 10.80 -36.53
N ALA D 223 44.80 11.25 -35.47
CA ALA D 223 45.05 10.41 -34.32
C ALA D 223 45.33 11.31 -33.13
N VAL D 224 44.49 11.21 -32.09
CA VAL D 224 44.71 11.99 -30.88
C VAL D 224 45.91 11.42 -30.16
N PRO D 225 46.96 12.22 -29.93
CA PRO D 225 48.12 11.71 -29.18
C PRO D 225 47.72 11.32 -27.76
N SER D 226 48.31 10.24 -27.27
CA SER D 226 47.95 9.75 -25.94
C SER D 226 48.55 10.66 -24.88
N PHE D 227 49.87 10.66 -24.73
CA PHE D 227 50.56 11.53 -23.79
C PHE D 227 51.87 12.02 -24.38
N GLY D 228 51.83 12.49 -25.62
CA GLY D 228 53.01 12.98 -26.29
C GLY D 228 53.70 14.14 -25.59
N SER D 229 54.83 14.59 -26.14
CA SER D 229 55.66 15.56 -25.45
C SER D 229 54.95 16.91 -25.30
N TRP D 230 55.29 17.63 -24.24
CA TRP D 230 54.74 18.94 -23.96
C TRP D 230 55.85 19.98 -23.94
N GLY D 231 55.46 21.23 -23.72
CA GLY D 231 56.40 22.33 -23.57
C GLY D 231 56.24 23.04 -22.24
N GLN D 232 55.90 24.32 -22.29
CA GLN D 232 55.64 25.09 -21.08
C GLN D 232 54.18 25.47 -20.91
N GLY D 233 53.40 25.51 -22.00
CA GLY D 233 52.00 25.85 -21.92
C GLY D 233 51.75 27.34 -21.83
N THR D 234 50.51 27.72 -22.11
CA THR D 234 50.09 29.12 -22.08
C THR D 234 48.91 29.26 -21.14
N GLN D 235 49.02 30.20 -20.20
CA GLN D 235 47.95 30.45 -19.24
C GLN D 235 46.89 31.35 -19.86
N VAL D 236 45.63 30.96 -19.74
CA VAL D 236 44.50 31.77 -20.19
C VAL D 236 43.50 31.86 -19.07
N THR D 237 43.10 33.07 -18.72
CA THR D 237 42.15 33.32 -17.64
C THR D 237 41.08 34.28 -18.13
N VAL D 238 39.82 33.92 -17.91
CA VAL D 238 38.68 34.78 -18.22
C VAL D 238 37.91 35.05 -16.94
N SER D 239 37.73 36.33 -16.62
CA SER D 239 37.03 36.72 -15.40
C SER D 239 36.55 38.16 -15.57
N SER D 240 35.59 38.55 -14.74
CA SER D 240 35.04 39.89 -14.77
C SER D 240 35.92 40.87 -13.99
C1 NAG E . -33.40 -17.51 -0.08
C2 NAG E . -33.70 -19.05 0.16
C3 NAG E . -35.08 -19.43 -0.47
C4 NAG E . -36.17 -18.43 -0.01
C5 NAG E . -35.63 -16.99 -0.12
C6 NAG E . -36.71 -16.02 0.49
C7 NAG E . -32.16 -20.96 0.12
C8 NAG E . -31.14 -21.68 -0.66
N2 NAG E . -32.69 -19.83 -0.53
O3 NAG E . -35.33 -20.70 0.01
O4 NAG E . -37.25 -18.65 -0.85
O5 NAG E . -34.42 -16.75 0.54
O6 NAG E . -36.23 -14.73 0.45
O7 NAG E . -32.55 -21.25 1.26
C1 NAG F . -45.82 -1.42 -14.55
C2 NAG F . -45.69 -3.00 -14.48
C3 NAG F . -46.97 -3.69 -15.06
C4 NAG F . -48.22 -3.10 -14.39
C5 NAG F . -48.14 -1.57 -14.42
C6 NAG F . -49.37 -1.01 -13.64
C7 NAG F . -43.52 -4.13 -14.86
C8 NAG F . -43.60 -4.46 -13.42
N2 NAG F . -44.59 -3.40 -15.36
O3 NAG F . -46.80 -5.01 -14.69
O4 NAG F . -49.28 -3.58 -15.13
O5 NAG F . -46.99 -1.04 -13.84
O6 NAG F . -49.48 -1.67 -12.44
O7 NAG F . -42.59 -4.46 -15.61
C1 NAG G . -5.98 25.75 3.51
C2 NAG G . -5.93 27.34 3.44
C3 NAG G . -4.62 27.82 2.70
C4 NAG G . -3.40 27.15 3.32
C5 NAG G . -3.66 25.65 3.48
C6 NAG G . -2.45 25.00 4.22
C7 NAG G . -7.43 27.53 1.39
C8 NAG G . -8.68 28.20 0.94
N2 NAG G . -7.11 27.85 2.73
O3 NAG G . -4.62 29.19 2.93
O4 NAG G . -2.35 27.41 2.46
O5 NAG G . -4.82 25.30 4.18
O6 NAG G . -2.28 25.62 5.44
O7 NAG G . -6.74 26.80 0.70
C1 NAG H . -11.12 19.60 30.58
C2 NAG H . -11.11 20.34 31.97
C3 NAG H . -9.72 21.02 32.21
C4 NAG H . -8.60 19.99 32.00
C5 NAG H . -8.84 19.25 30.68
C6 NAG H . -7.77 18.12 30.56
C7 NAG H . -13.23 21.31 32.71
C8 NAG H . -14.17 22.43 32.58
N2 NAG H . -12.10 21.40 31.91
O3 NAG H . -9.79 21.42 33.53
O4 NAG H . -7.43 20.74 31.96
O5 NAG H . -10.08 18.65 30.57
O6 NAG H . -6.52 18.69 30.42
O7 NAG H . -13.37 20.33 33.44
C1 NAG I . 12.12 -17.62 -31.70
C2 NAG I . 12.19 -18.31 -33.11
C3 NAG I . 11.25 -17.58 -34.13
C4 NAG I . 9.84 -17.41 -33.54
C5 NAG I . 9.97 -16.85 -32.12
C6 NAG I . 8.54 -16.80 -31.48
C7 NAG I . 14.34 -19.30 -33.68
C8 NAG I . 15.71 -19.05 -34.20
N2 NAG I . 13.54 -18.17 -33.61
O3 NAG I . 11.24 -18.42 -35.22
O4 NAG I . 9.19 -16.53 -34.38
O5 NAG I . 10.77 -17.60 -31.27
O6 NAG I . 7.84 -15.73 -31.99
O7 NAG I . 13.90 -20.39 -33.31
C1 NAG J . 16.55 7.53 -19.50
C2 NAG J . 17.31 8.39 -20.61
C3 NAG J . 16.63 9.81 -20.77
C4 NAG J . 15.12 9.63 -20.99
C5 NAG J . 14.57 8.65 -19.95
C6 NAG J . 13.06 8.40 -20.27
C7 NAG J . 19.15 9.21 -19.04
C8 NAG J . 20.63 9.24 -18.91
N2 NAG J . 18.72 8.57 -20.23
O3 NAG J . 17.25 10.32 -21.91
O4 NAG J . 14.59 10.90 -20.84
O5 NAG J . 15.21 7.40 -19.90
O6 NAG J . 12.96 7.85 -21.53
O7 NAG J . 18.36 9.68 -18.23
C1 NAG K . 41.79 -12.26 20.85
C2 NAG K . 40.96 -13.05 21.95
C3 NAG K . 41.91 -13.59 23.08
C4 NAG K . 43.06 -14.37 22.45
C5 NAG K . 43.68 -13.53 21.32
C6 NAG K . 44.81 -14.38 20.63
C7 NAG K . 38.67 -12.38 22.63
C8 NAG K . 38.26 -13.64 21.98
N2 NAG K . 40.05 -12.11 22.59
O3 NAG K . 41.08 -14.43 23.81
O4 NAG K . 43.96 -14.59 23.48
O5 NAG K . 42.78 -13.13 20.33
O6 NAG K . 44.31 -15.62 20.31
O7 NAG K . 37.91 -11.58 23.17
C1 NAG L . 20.56 -25.06 20.27
C2 NAG L . 20.76 -25.96 21.56
C3 NAG L . 22.22 -25.83 22.10
C4 NAG L . 23.22 -26.07 20.97
C5 NAG L . 22.82 -25.22 19.76
C6 NAG L . 23.80 -25.54 18.58
C7 NAG L . 18.85 -26.27 23.07
C8 NAG L . 18.02 -25.65 24.13
N2 NAG L . 19.88 -25.44 22.60
O3 NAG L . 22.30 -26.84 23.06
O4 NAG L . 24.46 -25.68 21.48
O5 NAG L . 21.53 -25.44 19.30
O6 NAG L . 23.51 -24.70 17.52
O7 NAG L . 18.70 -27.40 22.60
#